data_7XSB
#
_entry.id   7XSB
#
_cell.length_a   127.766
_cell.length_b   85.732
_cell.length_c   136.623
_cell.angle_alpha   90.00
_cell.angle_beta   90.39
_cell.angle_gamma   90.00
#
_symmetry.space_group_name_H-M   'P 1 21 1'
#
loop_
_entity.id
_entity.type
_entity.pdbx_description
1 polymer 'Spike protein S1'
2 polymer 'P5S-3B11 Heavy chain'
3 polymer 'P5S-3B11 Light chain'
#
loop_
_entity_poly.entity_id
_entity_poly.type
_entity_poly.pdbx_seq_one_letter_code
_entity_poly.pdbx_strand_id
1 'polypeptide(L)'
;MLLVNQSHQGFNKEHTSKMVSAIVLYVLLAAAAHSAFAADPTNLCPFGEVFNATRFASVYAWNRKRISNCVADYSVLYNS
ASFSTFKCYGVSPTKLNDLCFTNVYADSFVIRGDEVRQIAPGQTGNIADYNYKLPDDFTGCVIAWNSNNLDSKVGGNYNY
LYRLFRKSNLKPFERDISTEIYQAGSTPCNGVKGFNCYFPLQSYGFQPTYGVGYQPYRVVVLSFELLHAPATVCGPKHHH
HHH
;
E,A,B,C
2 'polypeptide(L)'
;EVQLVESGGGLVQPGGSLRISCAASGLTFTGYWMNWVRQAPGKGLEWVANIKEDGSEKYYVDSVKGRFTISRDNAKNSLY
LQMNSLRVEDTAVYYCARLRWLRGNFDHWGQGTLVTVSSASTKGPSVFPLAPSSKSTSGGTAALGCLVKDYFPEPVTVSW
NSGALTSGVHTFPAVLQSSGLYSLSSVVTVPSSSLGTQTYICNVNHKPSNTKVDKKV
;
H,D,G,J
3 'polypeptide(L)'
;NFMLTQPHSVSESPGKTVTISCTGSNGYIANNYVQWYQQRPGSVPTVVIYEDNQRPSGVPDRFSGSIDSSSNSASLIISG
LKTEDEADYYCQSYDTPNVVFGGGTKLTVLGQPKAAPSVTLFPPSSEELQANKATLVCLISDFYPGAVTVAWKADSSPVK
AGVETTTPSKQSNNKYAASSYLSLTPEQWKSHRSYSCQVTHEGSTVEKTVAPTECS
;
L,F,I,K
#
# COMPACT_ATOMS: atom_id res chain seq x y z
N ASN A 43 18.10 -17.38 37.31
CA ASN A 43 18.19 -16.01 36.71
C ASN A 43 17.26 -15.92 35.50
N LEU A 44 16.79 -14.71 35.18
CA LEU A 44 15.88 -14.52 34.02
C LEU A 44 16.57 -13.71 32.91
N CYS A 45 16.31 -14.04 31.64
CA CYS A 45 16.84 -13.25 30.52
C CYS A 45 16.24 -11.84 30.56
N PRO A 46 17.07 -10.77 30.50
CA PRO A 46 16.57 -9.42 30.74
C PRO A 46 15.87 -8.86 29.51
N PHE A 47 14.94 -9.66 28.97
CA PHE A 47 14.23 -9.23 27.77
C PHE A 47 13.52 -7.90 27.97
N GLY A 48 13.08 -7.62 29.20
CA GLY A 48 12.45 -6.33 29.45
C GLY A 48 13.33 -5.16 29.05
N GLU A 49 14.65 -5.27 29.30
CA GLU A 49 15.58 -4.22 28.90
C GLU A 49 15.38 -3.85 27.44
N VAL A 50 15.14 -4.85 26.59
CA VAL A 50 14.99 -4.63 25.16
C VAL A 50 13.63 -4.02 24.82
N PHE A 51 12.56 -4.73 25.16
CA PHE A 51 11.25 -4.39 24.63
C PHE A 51 10.75 -3.08 25.20
N ASN A 52 11.01 -2.82 26.48
CA ASN A 52 10.51 -1.62 27.13
C ASN A 52 11.57 -0.52 27.28
N ALA A 53 12.61 -0.51 26.43
CA ALA A 53 13.56 0.60 26.43
C ALA A 53 12.94 1.85 25.81
N THR A 54 13.49 3.02 26.17
CA THR A 54 12.84 4.28 25.80
C THR A 54 13.07 4.64 24.34
N ARG A 55 14.31 4.67 23.88
CA ARG A 55 14.59 4.92 22.48
C ARG A 55 15.19 3.67 21.84
N PHE A 56 14.59 3.26 20.74
CA PHE A 56 15.07 2.15 19.95
C PHE A 56 16.03 2.72 18.91
N ALA A 57 16.84 1.86 18.30
CA ALA A 57 17.76 2.35 17.28
C ALA A 57 17.01 2.72 16.00
N SER A 58 17.72 3.41 15.10
CA SER A 58 17.24 3.63 13.74
C SER A 58 17.61 2.44 12.88
N VAL A 59 16.74 2.11 11.92
CA VAL A 59 16.84 0.80 11.29
C VAL A 59 18.20 0.55 10.64
N TYR A 60 18.93 1.63 10.27
CA TYR A 60 20.25 1.43 9.72
C TYR A 60 21.29 1.15 10.81
N ALA A 61 21.23 1.83 11.94
CA ALA A 61 22.13 1.51 13.07
C ALA A 61 21.44 0.59 14.12
N TRP A 62 20.88 -0.52 13.67
CA TRP A 62 20.09 -1.35 14.55
C TRP A 62 20.95 -1.92 15.66
N ASN A 63 20.44 -1.84 16.90
CA ASN A 63 21.19 -2.30 18.05
CA ASN A 63 21.19 -2.31 18.06
C ASN A 63 21.04 -3.81 18.21
N ARG A 64 22.08 -4.43 18.78
CA ARG A 64 22.09 -5.85 19.10
C ARG A 64 22.51 -6.04 20.54
N LYS A 65 21.71 -6.80 21.30
CA LYS A 65 22.05 -7.23 22.64
C LYS A 65 22.22 -8.74 22.64
N ARG A 66 23.20 -9.23 23.39
CA ARG A 66 23.43 -10.66 23.51
C ARG A 66 22.76 -11.17 24.79
N ILE A 67 22.05 -12.29 24.67
CA ILE A 67 21.31 -12.89 25.78
C ILE A 67 21.94 -14.22 26.11
N SER A 68 22.48 -14.34 27.33
CA SER A 68 23.18 -15.55 27.77
C SER A 68 22.98 -15.73 29.26
N ASN A 69 23.22 -16.96 29.72
CA ASN A 69 23.27 -17.32 31.14
C ASN A 69 22.03 -16.82 31.85
N CYS A 70 20.90 -17.23 31.31
CA CYS A 70 19.62 -16.80 31.83
C CYS A 70 18.56 -17.74 31.30
N VAL A 71 17.37 -17.62 31.86
CA VAL A 71 16.22 -18.39 31.46
C VAL A 71 15.13 -17.40 31.13
N ALA A 72 14.39 -17.71 30.10
CA ALA A 72 13.41 -16.78 29.58
C ALA A 72 12.10 -17.50 29.56
N ASP A 73 11.06 -16.83 30.02
CA ASP A 73 9.71 -17.35 29.76
C ASP A 73 9.29 -16.82 28.41
N TYR A 74 9.59 -17.59 27.35
CA TYR A 74 9.18 -17.19 26.03
C TYR A 74 7.67 -17.01 25.94
N SER A 75 6.91 -17.66 26.82
CA SER A 75 5.45 -17.56 26.77
C SER A 75 4.93 -16.21 27.26
N VAL A 76 5.73 -15.50 28.05
CA VAL A 76 5.42 -14.11 28.39
C VAL A 76 5.39 -13.25 27.14
N LEU A 77 6.31 -13.52 26.21
CA LEU A 77 6.37 -12.73 24.93
C LEU A 77 5.16 -13.00 24.03
N TYR A 78 5.02 -14.20 23.46
CA TYR A 78 3.95 -14.45 22.45
C TYR A 78 2.53 -14.23 22.99
N ASN A 79 2.27 -14.55 24.25
CA ASN A 79 0.88 -14.46 24.79
C ASN A 79 0.35 -13.02 24.72
N SER A 80 1.21 -12.01 24.79
CA SER A 80 0.72 -10.60 24.84
C SER A 80 0.12 -10.09 23.52
N ALA A 81 -1.17 -9.72 23.52
CA ALA A 81 -1.80 -9.09 22.37
C ALA A 81 -1.14 -7.79 21.97
N SER A 82 -0.19 -7.28 22.78
CA SER A 82 0.47 -6.02 22.44
C SER A 82 1.05 -6.04 21.04
N PHE A 83 1.67 -7.15 20.66
CA PHE A 83 2.43 -7.19 19.43
C PHE A 83 1.53 -7.36 18.22
N SER A 84 1.70 -6.45 17.26
CA SER A 84 1.02 -6.54 15.99
C SER A 84 1.70 -7.50 15.02
N THR A 85 2.88 -8.04 15.35
CA THR A 85 3.43 -9.23 14.69
C THR A 85 4.16 -10.13 15.68
N PHE A 86 3.90 -11.45 15.57
CA PHE A 86 4.72 -12.48 16.19
C PHE A 86 4.80 -13.67 15.25
N LYS A 87 5.96 -13.85 14.61
CA LYS A 87 6.22 -15.04 13.82
C LYS A 87 7.66 -15.48 14.03
N CYS A 88 7.86 -16.76 14.17
CA CYS A 88 9.20 -17.29 14.32
C CYS A 88 9.47 -18.17 13.11
N TYR A 89 10.74 -18.29 12.75
CA TYR A 89 11.14 -19.02 11.55
C TYR A 89 12.15 -20.06 11.98
N GLY A 90 11.97 -21.27 11.52
CA GLY A 90 12.85 -22.35 11.92
C GLY A 90 12.51 -23.03 13.23
N VAL A 91 11.46 -22.58 13.93
CA VAL A 91 11.14 -23.13 15.24
C VAL A 91 9.70 -22.74 15.56
N SER A 92 8.96 -23.68 16.21
CA SER A 92 7.61 -23.40 16.72
C SER A 92 7.72 -22.72 18.07
N PRO A 93 6.96 -21.65 18.32
CA PRO A 93 7.13 -20.89 19.56
C PRO A 93 6.82 -21.69 20.78
N THR A 94 5.90 -22.63 20.69
CA THR A 94 5.54 -23.37 21.87
C THR A 94 6.72 -24.18 22.34
N LYS A 95 7.45 -24.76 21.42
CA LYS A 95 8.59 -25.56 21.84
C LYS A 95 9.76 -24.71 22.27
N LEU A 96 9.64 -23.39 22.24
CA LEU A 96 10.76 -22.54 22.64
C LEU A 96 11.11 -22.75 24.10
N ASN A 97 10.09 -23.01 24.92
CA ASN A 97 10.25 -23.21 26.34
C ASN A 97 10.95 -24.52 26.66
N ASP A 98 11.00 -25.46 25.72
CA ASP A 98 11.60 -26.76 25.96
C ASP A 98 13.04 -26.82 25.52
N LEU A 99 13.64 -25.69 25.12
CA LEU A 99 14.84 -25.72 24.32
C LEU A 99 15.95 -24.89 24.95
N CYS A 100 17.17 -25.26 24.63
CA CYS A 100 18.33 -24.56 25.14
C CYS A 100 19.11 -24.00 23.95
N PHE A 101 19.61 -22.78 24.09
CA PHE A 101 20.37 -22.19 23.02
C PHE A 101 21.67 -21.64 23.58
N THR A 102 22.74 -21.73 22.79
CA THR A 102 24.04 -21.31 23.28
C THR A 102 24.04 -19.82 23.60
N ASN A 103 23.41 -19.03 22.73
CA ASN A 103 23.12 -17.62 22.94
C ASN A 103 21.87 -17.26 22.18
N VAL A 104 21.27 -16.16 22.60
CA VAL A 104 20.16 -15.54 21.89
C VAL A 104 20.55 -14.09 21.67
N TYR A 105 20.28 -13.59 20.48
CA TYR A 105 20.63 -12.22 20.13
C TYR A 105 19.33 -11.42 19.95
N ALA A 106 19.27 -10.27 20.59
CA ALA A 106 18.11 -9.40 20.45
C ALA A 106 18.55 -8.16 19.67
N ASP A 107 18.00 -8.03 18.45
CA ASP A 107 18.29 -6.91 17.57
C ASP A 107 17.04 -6.07 17.45
N SER A 108 17.15 -4.77 17.72
CA SER A 108 15.97 -3.92 17.68
C SER A 108 16.23 -2.64 16.90
N PHE A 109 15.18 -2.17 16.25
CA PHE A 109 15.19 -0.95 15.46
C PHE A 109 13.74 -0.53 15.27
N VAL A 110 13.51 0.53 14.51
CA VAL A 110 12.16 1.02 14.23
C VAL A 110 12.00 1.15 12.73
N ILE A 111 10.85 0.76 12.21
CA ILE A 111 10.55 0.88 10.80
C ILE A 111 9.10 1.34 10.63
N ARG A 112 8.69 1.43 9.38
CA ARG A 112 7.33 1.72 9.03
C ARG A 112 6.52 0.44 9.07
N GLY A 113 5.24 0.57 9.39
CA GLY A 113 4.41 -0.62 9.49
C GLY A 113 4.34 -1.38 8.18
N ASP A 114 4.07 -0.70 7.10
CA ASP A 114 3.96 -1.46 5.88
C ASP A 114 5.35 -1.91 5.29
N GLU A 115 6.41 -1.70 6.07
CA GLU A 115 7.75 -2.22 5.79
C GLU A 115 8.05 -3.49 6.57
N VAL A 116 7.20 -3.81 7.55
CA VAL A 116 7.44 -4.95 8.44
C VAL A 116 7.57 -6.24 7.64
N ARG A 117 6.75 -6.39 6.58
CA ARG A 117 6.70 -7.65 5.82
C ARG A 117 8.08 -8.12 5.44
N GLN A 118 9.04 -7.20 5.43
CA GLN A 118 10.40 -7.50 5.00
C GLN A 118 11.24 -8.15 6.06
N ILE A 119 10.90 -8.03 7.35
CA ILE A 119 11.83 -8.61 8.29
C ILE A 119 11.43 -10.07 8.29
N ALA A 120 11.96 -10.82 7.36
CA ALA A 120 11.60 -12.20 7.10
C ALA A 120 12.58 -12.73 6.09
N PRO A 121 12.86 -14.01 6.09
CA PRO A 121 13.80 -14.54 5.09
C PRO A 121 13.31 -14.25 3.67
N GLY A 122 14.28 -13.98 2.79
CA GLY A 122 14.01 -13.84 1.37
C GLY A 122 13.21 -12.62 0.97
N GLN A 123 13.06 -11.65 1.84
CA GLN A 123 12.31 -10.48 1.39
C GLN A 123 13.27 -9.53 0.69
N THR A 124 12.69 -8.61 -0.08
CA THR A 124 13.40 -7.54 -0.75
C THR A 124 12.76 -6.21 -0.43
N GLY A 125 13.53 -5.15 -0.62
CA GLY A 125 13.10 -3.81 -0.24
C GLY A 125 14.24 -3.01 0.34
N ASN A 126 13.99 -1.76 0.70
CA ASN A 126 15.06 -0.89 1.17
C ASN A 126 15.68 -1.45 2.44
N ILE A 127 14.80 -1.84 3.39
CA ILE A 127 15.19 -2.33 4.70
C ILE A 127 15.80 -3.72 4.57
N ALA A 128 15.18 -4.57 3.76
CA ALA A 128 15.71 -5.89 3.46
C ALA A 128 17.06 -5.80 2.77
N ASP A 129 17.23 -4.85 1.82
CA ASP A 129 18.46 -4.80 1.04
C ASP A 129 19.50 -3.85 1.60
N TYR A 130 19.09 -2.72 2.12
CA TYR A 130 20.06 -1.73 2.47
C TYR A 130 20.18 -1.54 3.96
N ASN A 131 19.28 -2.14 4.74
CA ASN A 131 19.21 -1.90 6.19
C ASN A 131 19.39 -3.15 7.05
N TYR A 132 18.59 -4.20 6.87
CA TYR A 132 18.62 -5.36 7.77
C TYR A 132 18.25 -6.62 6.99
N LYS A 133 19.09 -7.64 7.02
CA LYS A 133 18.91 -8.78 6.14
C LYS A 133 18.85 -10.07 6.95
N LEU A 134 17.71 -10.76 6.88
CA LEU A 134 17.74 -12.03 7.60
C LEU A 134 18.17 -13.16 6.67
N PRO A 135 18.89 -14.15 7.16
CA PRO A 135 19.37 -15.21 6.28
C PRO A 135 18.23 -16.00 5.70
N ASP A 136 18.52 -16.65 4.58
CA ASP A 136 17.52 -17.43 3.87
C ASP A 136 16.97 -18.51 4.76
N ASP A 137 17.84 -19.13 5.52
CA ASP A 137 17.55 -20.17 6.50
C ASP A 137 17.71 -19.53 7.86
N PHE A 138 16.60 -19.12 8.46
CA PHE A 138 16.58 -18.36 9.69
C PHE A 138 16.19 -19.24 10.84
N THR A 139 16.70 -18.95 12.03
CA THR A 139 16.14 -19.55 13.23
C THR A 139 15.89 -18.49 14.29
N GLY A 140 14.69 -17.94 14.31
CA GLY A 140 14.46 -16.89 15.26
C GLY A 140 13.03 -16.43 15.24
N CYS A 141 12.79 -15.34 15.93
CA CYS A 141 11.46 -14.78 16.05
C CYS A 141 11.52 -13.30 15.73
N VAL A 142 10.48 -12.84 15.05
CA VAL A 142 10.36 -11.47 14.59
C VAL A 142 9.09 -10.90 15.22
N ILE A 143 9.23 -9.86 16.03
CA ILE A 143 8.15 -9.36 16.87
C ILE A 143 7.99 -7.88 16.61
N ALA A 144 6.75 -7.41 16.45
CA ALA A 144 6.59 -5.99 16.12
C ALA A 144 5.33 -5.40 16.74
N TRP A 145 5.40 -4.13 17.14
CA TRP A 145 4.23 -3.41 17.60
C TRP A 145 4.24 -1.98 17.07
N ASN A 146 3.05 -1.39 16.99
CA ASN A 146 2.89 -0.01 16.58
C ASN A 146 3.46 0.91 17.65
N SER A 147 4.26 1.91 17.24
CA SER A 147 4.92 2.82 18.17
C SER A 147 4.45 4.24 18.00
N ASN A 148 3.27 4.43 17.44
CA ASN A 148 2.83 5.78 17.11
C ASN A 148 2.75 6.68 18.35
N ASN A 149 2.30 6.14 19.49
CA ASN A 149 2.13 7.01 20.66
C ASN A 149 3.47 7.55 21.14
N LEU A 150 4.55 6.81 20.93
CA LEU A 150 5.85 7.27 21.42
C LEU A 150 6.71 7.88 20.32
N ASP A 151 6.68 7.34 19.12
CA ASP A 151 7.67 7.70 18.14
C ASP A 151 7.19 8.63 17.05
N SER A 152 5.92 9.05 17.10
CA SER A 152 5.40 10.04 16.18
C SER A 152 5.35 11.38 16.89
N LYS A 153 5.84 12.43 16.22
CA LYS A 153 5.75 13.80 16.70
C LYS A 153 4.77 14.55 15.80
N VAL A 154 4.31 15.71 16.27
CA VAL A 154 3.34 16.47 15.47
C VAL A 154 3.98 17.00 14.18
N GLY A 155 5.14 17.64 14.30
CA GLY A 155 5.87 18.07 13.12
C GLY A 155 6.42 16.94 12.28
N GLY A 156 6.47 15.74 12.82
CA GLY A 156 7.22 14.64 12.22
C GLY A 156 8.42 14.43 13.09
N ASN A 157 8.78 13.16 13.30
CA ASN A 157 9.91 12.82 14.15
C ASN A 157 11.00 12.36 13.19
N TYR A 158 12.02 13.19 13.02
CA TYR A 158 12.95 12.94 11.93
C TYR A 158 14.17 12.18 12.39
N ASN A 159 14.20 11.77 13.66
CA ASN A 159 15.39 11.13 14.20
C ASN A 159 15.47 9.64 13.86
N TYR A 160 14.39 9.02 13.40
CA TYR A 160 14.44 7.65 12.91
C TYR A 160 14.80 7.68 11.42
N LEU A 161 15.97 7.10 11.06
CA LEU A 161 16.54 7.16 9.72
C LEU A 161 16.72 5.79 9.09
N TYR A 162 16.86 5.76 7.77
CA TYR A 162 17.10 4.55 6.99
C TYR A 162 18.01 4.83 5.82
N ARG A 163 18.61 3.77 5.29
CA ARG A 163 19.45 3.83 4.12
C ARG A 163 18.62 3.54 2.89
N LEU A 164 18.67 4.44 1.90
CA LEU A 164 17.90 4.38 0.67
C LEU A 164 18.73 3.86 -0.52
N PHE A 165 20.05 4.06 -0.49
CA PHE A 165 20.92 3.70 -1.59
C PHE A 165 22.11 2.92 -1.09
N ARG A 166 22.49 1.90 -1.83
CA ARG A 166 23.72 1.22 -1.51
C ARG A 166 24.19 0.58 -2.79
N LYS A 167 25.51 0.47 -2.94
CA LYS A 167 26.02 -0.14 -4.15
C LYS A 167 25.51 -1.57 -4.25
N SER A 168 25.54 -2.28 -3.13
CA SER A 168 25.12 -3.65 -3.09
C SER A 168 24.26 -3.88 -1.86
N ASN A 169 23.64 -5.06 -1.86
CA ASN A 169 22.82 -5.53 -0.76
C ASN A 169 23.65 -6.02 0.43
N LEU A 170 23.02 -5.94 1.58
CA LEU A 170 23.51 -6.53 2.82
C LEU A 170 23.57 -8.07 2.78
N LYS A 171 24.64 -8.61 3.35
CA LYS A 171 24.66 -10.00 3.73
C LYS A 171 23.86 -10.12 5.01
N PRO A 172 23.38 -11.32 5.36
CA PRO A 172 22.53 -11.43 6.55
C PRO A 172 23.24 -10.98 7.82
N PHE A 173 22.49 -10.25 8.65
CA PHE A 173 22.92 -9.67 9.92
C PHE A 173 24.07 -8.65 9.76
N GLU A 174 24.22 -8.04 8.59
CA GLU A 174 25.21 -6.98 8.38
C GLU A 174 24.63 -5.61 8.69
N ARG A 175 25.48 -4.71 9.17
CA ARG A 175 25.07 -3.39 9.62
C ARG A 175 25.94 -2.38 8.93
N ASP A 176 25.32 -1.42 8.23
CA ASP A 176 26.03 -0.39 7.49
C ASP A 176 25.62 0.99 7.99
N ILE A 177 26.56 1.71 8.60
CA ILE A 177 26.35 3.10 8.97
C ILE A 177 27.16 4.08 8.12
N SER A 178 27.71 3.59 6.99
CA SER A 178 28.55 4.43 6.14
C SER A 178 27.81 5.67 5.70
N THR A 179 28.36 6.84 6.01
CA THR A 179 27.73 8.05 5.54
C THR A 179 28.71 8.69 4.58
N GLU A 180 28.76 8.16 3.37
CA GLU A 180 29.52 8.77 2.30
C GLU A 180 28.56 8.90 1.14
N ILE A 181 28.87 9.83 0.24
CA ILE A 181 27.92 10.15 -0.83
C ILE A 181 27.72 8.94 -1.72
N TYR A 182 26.48 8.71 -2.09
CA TYR A 182 26.16 7.65 -3.04
C TYR A 182 26.19 8.21 -4.45
N GLN A 183 27.04 7.63 -5.29
CA GLN A 183 27.21 8.09 -6.66
C GLN A 183 26.27 7.30 -7.56
N ALA A 184 25.20 7.96 -7.97
CA ALA A 184 24.18 7.39 -8.84
C ALA A 184 24.35 7.80 -10.29
N GLY A 185 25.40 8.54 -10.61
CA GLY A 185 25.60 9.03 -11.95
C GLY A 185 26.98 8.64 -12.44
N SER A 186 27.10 8.58 -13.77
CA SER A 186 28.37 8.24 -14.42
C SER A 186 29.45 9.23 -14.06
N THR A 187 29.12 10.52 -14.05
CA THR A 187 30.05 11.58 -13.69
C THR A 187 30.37 11.48 -12.20
N PRO A 188 31.67 11.36 -11.80
CA PRO A 188 32.03 11.33 -10.40
C PRO A 188 31.55 12.54 -9.59
N CYS A 189 30.98 12.29 -8.41
CA CYS A 189 30.55 13.37 -7.49
C CYS A 189 31.80 14.11 -7.02
N ASN A 190 32.89 13.39 -6.78
CA ASN A 190 34.16 13.99 -6.30
C ASN A 190 33.96 14.50 -4.87
N PHE A 195 26.23 15.22 -10.65
CA PHE A 195 25.26 14.46 -11.49
C PHE A 195 24.73 13.23 -10.75
N ASN A 196 23.44 13.22 -10.43
CA ASN A 196 22.84 12.05 -9.76
C ASN A 196 23.68 11.66 -8.54
N CYS A 197 23.89 12.59 -7.61
CA CYS A 197 24.66 12.31 -6.36
C CYS A 197 23.72 12.45 -5.18
N TYR A 198 23.63 11.42 -4.33
CA TYR A 198 22.62 11.43 -3.24
C TYR A 198 23.24 11.04 -1.90
N PHE A 199 22.61 11.47 -0.80
CA PHE A 199 23.06 11.05 0.55
C PHE A 199 22.32 9.76 0.82
N PRO A 200 22.98 8.69 1.28
CA PRO A 200 22.32 7.39 1.44
C PRO A 200 21.16 7.41 2.44
N LEU A 201 21.27 8.18 3.51
CA LEU A 201 20.25 8.10 4.57
C LEU A 201 19.09 9.08 4.47
N GLN A 202 17.85 8.59 4.38
CA GLN A 202 16.63 9.38 4.49
C GLN A 202 16.01 9.28 5.89
N SER A 203 14.97 10.08 6.13
CA SER A 203 14.22 10.06 7.39
C SER A 203 12.78 9.64 7.16
N TYR A 204 12.16 9.12 8.23
CA TYR A 204 10.75 8.74 8.22
C TYR A 204 9.83 9.90 8.58
N GLY A 205 10.31 10.84 9.38
CA GLY A 205 9.57 12.03 9.73
C GLY A 205 8.22 11.78 10.36
N PHE A 206 8.19 10.87 11.34
CA PHE A 206 6.96 10.22 11.77
C PHE A 206 5.93 11.20 12.29
N GLN A 207 4.73 11.12 11.76
CA GLN A 207 3.62 11.95 12.18
C GLN A 207 2.42 11.05 12.46
N PRO A 208 1.51 11.48 13.35
CA PRO A 208 0.22 10.78 13.45
C PRO A 208 -0.61 11.03 12.18
N THR A 209 -0.24 10.28 11.16
CA THR A 209 -1.04 10.16 9.96
C THR A 209 -2.25 9.28 10.26
N VAL A 212 -1.39 3.93 9.20
CA VAL A 212 -0.48 3.13 10.00
C VAL A 212 0.65 2.59 9.15
N GLY A 213 0.40 2.36 7.85
CA GLY A 213 1.45 1.85 6.99
C GLY A 213 2.70 2.71 6.98
N TYR A 214 2.56 4.00 7.22
CA TYR A 214 3.72 4.85 7.39
C TYR A 214 4.01 5.16 8.84
N GLN A 215 3.28 4.53 9.80
CA GLN A 215 3.45 4.83 11.23
C GLN A 215 4.63 4.06 11.79
N PRO A 216 5.21 4.52 12.89
CA PRO A 216 6.39 3.83 13.42
C PRO A 216 6.00 2.50 14.04
N TYR A 217 6.82 1.48 13.78
CA TYR A 217 6.62 0.14 14.31
C TYR A 217 7.92 -0.35 14.88
N ARG A 218 7.99 -0.62 16.18
CA ARG A 218 9.22 -1.13 16.75
C ARG A 218 9.29 -2.63 16.55
N VAL A 219 10.49 -3.11 16.30
CA VAL A 219 10.69 -4.46 15.84
C VAL A 219 11.78 -5.08 16.67
N VAL A 220 11.61 -6.34 17.04
CA VAL A 220 12.63 -7.07 17.75
C VAL A 220 12.88 -8.36 17.02
N VAL A 221 14.13 -8.67 16.79
CA VAL A 221 14.49 -9.95 16.17
C VAL A 221 15.26 -10.76 17.19
N LEU A 222 14.80 -11.97 17.43
CA LEU A 222 15.45 -12.89 18.36
C LEU A 222 15.98 -14.04 17.54
N SER A 223 17.29 -14.15 17.44
CA SER A 223 17.90 -15.24 16.70
C SER A 223 18.40 -16.27 17.68
N PHE A 224 18.10 -17.53 17.42
CA PHE A 224 18.42 -18.60 18.36
C PHE A 224 19.68 -19.31 17.88
N GLU A 225 20.76 -19.16 18.66
CA GLU A 225 22.08 -19.62 18.28
C GLU A 225 22.45 -20.92 18.99
N LEU A 226 22.86 -21.91 18.21
CA LEU A 226 23.33 -23.20 18.72
C LEU A 226 24.77 -23.43 18.29
N LEU A 227 25.65 -23.64 19.27
CA LEU A 227 27.05 -23.89 19.00
C LEU A 227 27.39 -25.25 19.59
N HIS A 228 28.61 -25.71 19.32
CA HIS A 228 29.14 -26.85 20.06
C HIS A 228 29.83 -26.36 21.34
N ALA A 229 28.98 -25.77 22.19
CA ALA A 229 29.36 -25.18 23.46
C ALA A 229 28.14 -25.24 24.37
N PRO A 230 28.33 -25.15 25.69
CA PRO A 230 27.19 -25.31 26.61
C PRO A 230 26.13 -24.24 26.43
N ALA A 231 24.91 -24.68 26.14
CA ALA A 231 23.77 -23.78 26.08
C ALA A 231 23.54 -23.13 27.44
N THR A 232 23.28 -21.83 27.43
CA THR A 232 23.08 -21.07 28.66
C THR A 232 21.77 -20.28 28.68
N VAL A 233 21.00 -20.32 27.61
CA VAL A 233 19.64 -19.78 27.64
C VAL A 233 18.71 -20.95 27.31
N CYS A 234 17.80 -21.24 28.23
CA CYS A 234 16.89 -22.37 28.13
C CYS A 234 15.52 -21.88 28.55
N GLY A 235 14.50 -22.57 28.08
CA GLY A 235 13.16 -22.31 28.57
C GLY A 235 12.92 -22.91 29.94
N PRO A 236 11.74 -22.61 30.48
CA PRO A 236 11.34 -23.13 31.79
C PRO A 236 11.27 -24.65 31.80
N LYS A 237 12.15 -25.25 32.59
CA LYS A 237 12.20 -26.71 32.68
C LYS A 237 11.89 -27.13 34.14
N ASN B 43 27.65 -69.30 5.71
CA ASN B 43 27.82 -68.42 6.91
C ASN B 43 26.44 -68.03 7.46
N LEU B 44 26.38 -66.96 8.26
CA LEU B 44 25.09 -66.48 8.79
C LEU B 44 24.64 -65.27 7.99
N CYS B 45 23.35 -64.98 8.04
CA CYS B 45 22.79 -63.86 7.30
C CYS B 45 23.21 -62.53 7.91
N PRO B 46 23.82 -61.61 7.11
CA PRO B 46 24.40 -60.36 7.64
C PRO B 46 23.36 -59.27 7.83
N PHE B 47 22.24 -59.62 8.43
CA PHE B 47 21.16 -58.69 8.69
C PHE B 47 21.64 -57.50 9.50
N GLY B 48 22.72 -57.70 10.27
CA GLY B 48 23.23 -56.62 11.08
C GLY B 48 23.51 -55.35 10.30
N GLU B 49 24.06 -55.48 9.08
CA GLU B 49 24.28 -54.29 8.25
C GLU B 49 23.00 -53.49 8.10
N VAL B 50 21.88 -54.19 7.98
CA VAL B 50 20.61 -53.51 7.83
C VAL B 50 20.17 -52.89 9.17
N PHE B 51 19.99 -53.73 10.21
CA PHE B 51 19.40 -53.26 11.46
C PHE B 51 20.35 -52.32 12.21
N ASN B 52 21.64 -52.62 12.20
CA ASN B 52 22.65 -51.86 12.92
C ASN B 52 23.44 -50.90 12.02
N ALA B 53 22.82 -50.38 10.97
CA ALA B 53 23.47 -49.35 10.19
C ALA B 53 23.52 -48.04 10.95
N THR B 54 24.50 -47.20 10.61
CA THR B 54 24.65 -45.91 11.29
C THR B 54 23.70 -44.88 10.71
N ARG B 55 23.73 -44.72 9.38
CA ARG B 55 22.83 -43.81 8.69
C ARG B 55 21.88 -44.66 7.85
N PHE B 56 20.58 -44.40 8.03
CA PHE B 56 19.51 -45.07 7.31
C PHE B 56 19.11 -44.24 6.12
N ALA B 57 18.40 -44.87 5.19
CA ALA B 57 17.95 -44.17 3.99
C ALA B 57 16.86 -43.17 4.32
N SER B 58 16.59 -42.31 3.38
CA SER B 58 15.34 -41.59 3.40
C SER B 58 14.34 -42.46 2.68
N VAL B 59 13.07 -42.33 3.05
CA VAL B 59 12.10 -43.29 2.55
C VAL B 59 11.94 -43.21 1.01
N TYR B 60 12.17 -42.04 0.41
CA TYR B 60 12.05 -41.93 -1.05
C TYR B 60 13.24 -42.55 -1.77
N ALA B 61 14.43 -42.42 -1.18
CA ALA B 61 15.62 -43.14 -1.64
C ALA B 61 15.85 -44.38 -0.79
N TRP B 62 14.81 -45.19 -0.61
CA TRP B 62 14.88 -46.30 0.33
C TRP B 62 15.87 -47.34 -0.12
N ASN B 63 16.74 -47.78 0.79
CA ASN B 63 17.74 -48.78 0.44
CA ASN B 63 17.73 -48.78 0.44
C ASN B 63 17.17 -50.19 0.55
N ARG B 64 17.54 -51.03 -0.42
CA ARG B 64 17.24 -52.46 -0.40
C ARG B 64 18.56 -53.21 -0.39
N LYS B 65 18.68 -54.18 0.51
CA LYS B 65 19.80 -55.11 0.62
C LYS B 65 19.38 -56.50 0.18
N ARG B 66 20.29 -57.23 -0.48
CA ARG B 66 20.01 -58.60 -0.90
C ARG B 66 20.63 -59.59 0.07
N ILE B 67 19.87 -60.59 0.46
CA ILE B 67 20.31 -61.63 1.39
C ILE B 67 20.30 -62.96 0.66
N SER B 68 21.46 -63.61 0.63
CA SER B 68 21.61 -64.90 -0.03
C SER B 68 22.67 -65.71 0.69
N ASN B 69 22.63 -67.02 0.45
CA ASN B 69 23.70 -67.95 0.85
C ASN B 69 24.04 -67.81 2.33
N CYS B 70 23.03 -68.00 3.16
CA CYS B 70 23.21 -67.84 4.59
C CYS B 70 22.08 -68.53 5.34
N VAL B 71 22.23 -68.57 6.66
CA VAL B 71 21.26 -69.14 7.58
C VAL B 71 20.86 -68.06 8.57
N ALA B 72 19.55 -67.93 8.83
CA ALA B 72 18.99 -66.82 9.61
C ALA B 72 18.19 -67.31 10.80
N ASP B 73 18.53 -66.84 12.00
CA ASP B 73 17.68 -67.10 13.16
C ASP B 73 16.68 -65.96 13.25
N TYR B 74 15.57 -66.07 12.50
CA TYR B 74 14.59 -65.00 12.49
C TYR B 74 13.99 -64.75 13.87
N SER B 75 13.93 -65.77 14.72
CA SER B 75 13.40 -65.54 16.06
C SER B 75 14.40 -64.78 16.93
N VAL B 76 15.65 -64.64 16.50
CA VAL B 76 16.52 -63.62 17.09
C VAL B 76 15.93 -62.25 16.84
N LEU B 77 15.49 -62.01 15.60
CA LEU B 77 14.82 -60.75 15.27
C LEU B 77 13.49 -60.64 15.99
N TYR B 78 12.59 -61.60 15.76
CA TYR B 78 11.22 -61.46 16.24
C TYR B 78 11.14 -61.36 17.76
N ASN B 79 11.70 -62.34 18.46
CA ASN B 79 11.52 -62.37 19.91
C ASN B 79 12.50 -61.38 20.52
N SER B 80 12.58 -60.17 19.96
CA SER B 80 13.39 -59.13 20.56
C SER B 80 12.51 -57.93 20.83
N ALA B 81 12.76 -57.28 21.95
CA ALA B 81 12.04 -56.12 22.41
C ALA B 81 12.49 -54.84 21.75
N SER B 82 13.53 -54.88 20.91
CA SER B 82 14.04 -53.66 20.25
C SER B 82 12.92 -52.96 19.48
N PHE B 83 12.15 -53.75 18.73
CA PHE B 83 11.23 -53.25 17.73
C PHE B 83 9.91 -52.86 18.37
N SER B 84 9.42 -51.65 18.05
CA SER B 84 8.08 -51.29 18.50
C SER B 84 6.99 -51.91 17.64
N THR B 85 7.36 -52.54 16.52
CA THR B 85 6.45 -53.42 15.82
C THR B 85 7.22 -54.55 15.18
N PHE B 86 6.62 -55.73 15.21
CA PHE B 86 7.03 -56.89 14.43
C PHE B 86 5.73 -57.56 14.04
N LYS B 87 5.36 -57.44 12.78
CA LYS B 87 4.16 -58.04 12.26
C LYS B 87 4.47 -58.60 10.88
N CYS B 88 4.05 -59.81 10.60
CA CYS B 88 4.37 -60.41 9.31
C CYS B 88 3.09 -60.68 8.53
N TYR B 89 3.23 -60.71 7.21
CA TYR B 89 2.10 -60.90 6.32
C TYR B 89 2.43 -62.10 5.42
N GLY B 90 1.48 -63.01 5.27
CA GLY B 90 1.69 -64.21 4.50
C GLY B 90 2.38 -65.36 5.21
N VAL B 91 2.81 -65.19 6.45
CA VAL B 91 3.60 -66.21 7.12
C VAL B 91 3.53 -65.99 8.64
N SER B 92 3.56 -67.08 9.38
CA SER B 92 3.64 -66.94 10.83
C SER B 92 5.07 -66.55 11.17
N PRO B 93 5.28 -65.52 12.01
CA PRO B 93 6.65 -65.08 12.28
C PRO B 93 7.50 -66.15 12.94
N THR B 94 6.87 -67.04 13.71
CA THR B 94 7.61 -68.13 14.33
C THR B 94 8.05 -69.16 13.29
N LYS B 95 7.20 -69.46 12.32
CA LYS B 95 7.55 -70.46 11.34
C LYS B 95 8.62 -69.98 10.40
N LEU B 96 9.12 -68.75 10.59
CA LEU B 96 10.21 -68.25 9.77
C LEU B 96 11.47 -69.10 9.97
N ASN B 97 11.66 -69.65 11.17
CA ASN B 97 12.83 -70.49 11.40
C ASN B 97 12.78 -71.78 10.57
N ASP B 98 11.57 -72.23 10.22
CA ASP B 98 11.38 -73.51 9.53
C ASP B 98 11.27 -73.36 8.01
N LEU B 99 11.94 -72.39 7.42
CA LEU B 99 11.70 -72.08 6.02
C LEU B 99 13.01 -71.99 5.25
N CYS B 100 12.96 -72.30 3.96
CA CYS B 100 14.07 -72.03 3.05
C CYS B 100 13.56 -71.15 1.92
N PHE B 101 14.28 -70.09 1.61
CA PHE B 101 13.89 -69.17 0.55
C PHE B 101 15.06 -68.89 -0.37
N THR B 102 14.72 -68.74 -1.66
CA THR B 102 15.71 -68.54 -2.69
C THR B 102 16.50 -67.26 -2.45
N ASN B 103 15.82 -66.18 -2.09
CA ASN B 103 16.46 -64.93 -1.73
C ASN B 103 15.62 -64.23 -0.67
N VAL B 104 16.26 -63.32 0.05
CA VAL B 104 15.54 -62.46 0.97
C VAL B 104 15.97 -61.02 0.73
N TYR B 105 14.99 -60.12 0.65
CA TYR B 105 15.27 -58.73 0.40
C TYR B 105 14.93 -57.90 1.63
N ALA B 106 15.91 -57.10 2.07
CA ALA B 106 15.83 -56.21 3.23
C ALA B 106 15.82 -54.74 2.77
N ASP B 107 14.74 -54.04 3.08
CA ASP B 107 14.53 -52.65 2.73
C ASP B 107 14.60 -51.80 4.00
N SER B 108 15.40 -50.75 3.99
CA SER B 108 15.59 -49.94 5.19
C SER B 108 15.31 -48.50 4.87
N PHE B 109 14.70 -47.76 5.80
CA PHE B 109 14.43 -46.33 5.66
C PHE B 109 14.02 -45.75 7.01
N VAL B 110 13.56 -44.50 7.02
CA VAL B 110 13.10 -43.83 8.23
C VAL B 110 11.80 -43.11 7.93
N ILE B 111 10.84 -43.12 8.86
CA ILE B 111 9.60 -42.33 8.73
C ILE B 111 9.15 -41.79 10.08
N ARG B 112 8.03 -41.06 10.04
CA ARG B 112 7.28 -40.60 11.19
C ARG B 112 6.42 -41.75 11.73
N GLY B 113 6.20 -41.75 13.07
CA GLY B 113 5.50 -42.85 13.73
C GLY B 113 4.10 -43.16 13.20
N ASP B 114 3.30 -42.12 12.96
CA ASP B 114 1.96 -42.36 12.41
C ASP B 114 1.98 -42.82 10.93
N GLU B 115 3.17 -43.16 10.43
CA GLU B 115 3.30 -43.70 9.09
C GLU B 115 3.63 -45.19 9.03
N VAL B 116 4.14 -45.79 10.11
CA VAL B 116 4.38 -47.23 10.11
C VAL B 116 3.06 -47.95 9.88
N ARG B 117 1.96 -47.34 10.31
CA ARG B 117 0.64 -47.82 9.94
C ARG B 117 0.52 -48.01 8.43
N GLN B 118 1.33 -47.28 7.62
CA GLN B 118 1.29 -47.43 6.17
C GLN B 118 2.20 -48.52 5.62
N ILE B 119 3.24 -48.96 6.34
CA ILE B 119 4.09 -49.97 5.74
C ILE B 119 3.44 -51.34 5.92
N ALA B 120 2.52 -51.68 5.02
CA ALA B 120 1.74 -52.90 5.07
C ALA B 120 0.89 -52.98 3.82
N PRO B 121 0.51 -54.17 3.34
CA PRO B 121 -0.30 -54.25 2.12
C PRO B 121 -1.58 -53.44 2.25
N GLY B 122 -2.03 -52.91 1.12
CA GLY B 122 -3.31 -52.22 1.09
C GLY B 122 -3.37 -50.88 1.79
N GLN B 123 -2.24 -50.26 2.10
CA GLN B 123 -2.34 -48.92 2.65
C GLN B 123 -2.39 -47.86 1.56
N THR B 124 -2.89 -46.70 1.94
CA THR B 124 -2.75 -45.48 1.16
C THR B 124 -2.27 -44.39 2.10
N GLY B 125 -1.77 -43.31 1.53
CA GLY B 125 -1.21 -42.25 2.31
C GLY B 125 0.04 -41.88 1.58
N ASN B 126 0.80 -40.87 2.01
CA ASN B 126 1.98 -40.52 1.23
C ASN B 126 2.98 -41.66 1.22
N ILE B 127 3.29 -42.27 2.38
CA ILE B 127 4.32 -43.29 2.39
C ILE B 127 3.86 -44.53 1.63
N ALA B 128 2.61 -44.91 1.78
CA ALA B 128 2.11 -46.07 1.03
C ALA B 128 2.14 -45.83 -0.47
N ASP B 129 1.75 -44.64 -0.89
CA ASP B 129 1.51 -44.40 -2.31
C ASP B 129 2.70 -43.81 -3.05
N TYR B 130 3.51 -42.97 -2.42
CA TYR B 130 4.53 -42.22 -3.14
C TYR B 130 5.96 -42.62 -2.83
N ASN B 131 6.21 -43.37 -1.76
CA ASN B 131 7.57 -43.68 -1.35
C ASN B 131 7.85 -45.18 -1.30
N TYR B 132 7.05 -45.97 -0.60
CA TYR B 132 7.32 -47.39 -0.44
C TYR B 132 5.99 -48.11 -0.44
N LYS B 133 5.75 -48.95 -1.44
CA LYS B 133 4.43 -49.51 -1.69
C LYS B 133 4.56 -51.02 -1.64
N LEU B 134 3.84 -51.69 -0.63
CA LEU B 134 3.95 -53.14 -0.53
C LEU B 134 2.93 -53.85 -1.41
N PRO B 135 3.31 -55.01 -1.94
CA PRO B 135 2.44 -55.71 -2.87
C PRO B 135 1.19 -56.22 -2.18
N ASP B 136 0.13 -56.39 -2.95
CA ASP B 136 -1.06 -56.97 -2.34
C ASP B 136 -0.76 -58.35 -1.80
N ASP B 137 -0.01 -59.16 -2.54
CA ASP B 137 0.31 -60.50 -2.02
C ASP B 137 1.75 -60.53 -1.53
N PHE B 138 1.91 -60.12 -0.28
CA PHE B 138 3.19 -59.91 0.39
C PHE B 138 3.52 -61.13 1.23
N THR B 139 4.78 -61.54 1.22
CA THR B 139 5.24 -62.53 2.17
C THR B 139 6.51 -61.97 2.80
N GLY B 140 6.34 -61.33 3.95
CA GLY B 140 7.48 -60.71 4.59
C GLY B 140 7.09 -60.14 5.94
N CYS B 141 8.01 -59.38 6.50
CA CYS B 141 7.79 -58.85 7.83
C CYS B 141 8.14 -57.37 7.87
N VAL B 142 7.33 -56.63 8.63
CA VAL B 142 7.46 -55.19 8.78
C VAL B 142 7.95 -54.96 10.19
N ILE B 143 9.15 -54.39 10.30
CA ILE B 143 9.86 -54.29 11.56
C ILE B 143 10.15 -52.83 11.75
N ALA B 144 9.88 -52.30 12.93
CA ALA B 144 10.01 -50.87 13.12
C ALA B 144 10.42 -50.55 14.56
N TRP B 145 11.30 -49.58 14.72
CA TRP B 145 11.63 -49.16 16.06
C TRP B 145 11.81 -47.64 16.13
N ASN B 146 11.64 -47.11 17.34
CA ASN B 146 11.81 -45.70 17.57
C ASN B 146 13.28 -45.32 17.48
N SER B 147 13.58 -44.26 16.72
CA SER B 147 14.96 -43.82 16.50
C SER B 147 15.26 -42.42 16.98
N ASN B 148 14.46 -41.87 17.90
CA ASN B 148 14.63 -40.48 18.33
C ASN B 148 16.03 -40.25 18.87
N ASN B 149 16.63 -41.28 19.47
CA ASN B 149 17.96 -41.16 20.05
C ASN B 149 19.01 -40.87 18.98
N LEU B 150 18.81 -41.35 17.75
CA LEU B 150 19.77 -41.13 16.66
C LEU B 150 19.34 -40.12 15.61
N ASP B 151 18.07 -40.09 15.20
CA ASP B 151 17.70 -39.40 13.99
C ASP B 151 17.00 -38.06 14.22
N SER B 152 16.80 -37.65 15.48
CA SER B 152 16.36 -36.31 15.79
C SER B 152 17.59 -35.55 16.25
N LYS B 153 17.75 -34.33 15.76
CA LYS B 153 18.84 -33.48 16.18
C LYS B 153 18.25 -32.35 17.01
N VAL B 154 19.11 -31.71 17.80
CA VAL B 154 18.62 -30.64 18.67
C VAL B 154 18.09 -29.47 17.84
N GLY B 155 18.85 -29.05 16.81
CA GLY B 155 18.33 -28.11 15.85
C GLY B 155 17.26 -28.68 14.93
N GLY B 156 17.18 -30.00 14.83
CA GLY B 156 16.33 -30.68 13.88
C GLY B 156 17.24 -31.27 12.82
N ASN B 157 16.91 -32.49 12.39
CA ASN B 157 17.66 -33.20 11.36
C ASN B 157 16.85 -33.22 10.07
N TYR B 158 17.28 -32.48 9.07
CA TYR B 158 16.44 -32.40 7.89
C TYR B 158 16.89 -33.36 6.79
N ASN B 159 17.90 -34.18 7.04
CA ASN B 159 18.40 -35.00 5.95
C ASN B 159 17.49 -36.16 5.63
N TYR B 160 16.56 -36.49 6.53
CA TYR B 160 15.57 -37.51 6.25
C TYR B 160 14.43 -36.84 5.50
N LEU B 161 14.22 -37.29 4.26
CA LEU B 161 13.27 -36.67 3.36
C LEU B 161 12.20 -37.67 2.98
N TYR B 162 11.07 -37.17 2.50
CA TYR B 162 9.99 -38.03 2.05
C TYR B 162 9.38 -37.41 0.81
N ARG B 163 8.74 -38.22 -0.02
CA ARG B 163 8.15 -37.68 -1.22
C ARG B 163 6.72 -37.26 -0.90
N LEU B 164 6.41 -36.01 -1.17
CA LEU B 164 5.11 -35.44 -0.84
C LEU B 164 4.13 -35.50 -2.01
N PHE B 165 4.64 -35.43 -3.24
CA PHE B 165 3.80 -35.43 -4.44
C PHE B 165 4.31 -36.43 -5.48
N ARG B 166 3.38 -37.03 -6.18
CA ARG B 166 3.69 -37.86 -7.33
C ARG B 166 2.44 -37.91 -8.18
N LYS B 167 2.62 -38.03 -9.49
CA LYS B 167 1.47 -38.06 -10.38
C LYS B 167 0.61 -39.28 -10.15
N SER B 168 1.24 -40.42 -9.95
CA SER B 168 0.53 -41.66 -9.75
C SER B 168 1.21 -42.41 -8.63
N ASN B 169 0.54 -43.44 -8.16
CA ASN B 169 1.08 -44.22 -7.06
C ASN B 169 2.26 -45.05 -7.55
N LEU B 170 3.19 -45.32 -6.66
CA LEU B 170 4.21 -46.29 -6.99
C LEU B 170 3.53 -47.63 -7.22
N LYS B 171 4.03 -48.40 -8.17
CA LYS B 171 3.66 -49.80 -8.22
C LYS B 171 4.51 -50.51 -7.17
N PRO B 172 4.15 -51.70 -6.74
CA PRO B 172 4.86 -52.31 -5.60
C PRO B 172 6.36 -52.46 -5.84
N PHE B 173 7.13 -52.14 -4.80
CA PHE B 173 8.59 -52.25 -4.78
C PHE B 173 9.26 -51.35 -5.78
N GLU B 174 8.60 -50.28 -6.21
CA GLU B 174 9.20 -49.33 -7.13
C GLU B 174 9.96 -48.25 -6.36
N ARG B 175 11.00 -47.72 -6.97
CA ARG B 175 11.82 -46.71 -6.33
C ARG B 175 11.81 -45.48 -7.20
N ASP B 176 11.49 -44.35 -6.63
CA ASP B 176 11.40 -43.11 -7.38
C ASP B 176 12.36 -42.12 -6.75
N ILE B 177 13.49 -41.86 -7.39
CA ILE B 177 14.39 -40.84 -6.88
C ILE B 177 14.27 -39.57 -7.70
N SER B 178 13.18 -39.43 -8.46
CA SER B 178 12.93 -38.30 -9.33
C SER B 178 13.06 -36.98 -8.56
N THR B 179 13.88 -36.09 -9.07
CA THR B 179 14.11 -34.83 -8.37
C THR B 179 13.61 -33.62 -9.17
N GLU B 180 12.43 -33.73 -9.79
CA GLU B 180 11.90 -32.70 -10.68
C GLU B 180 10.57 -32.17 -10.18
N ILE B 181 10.18 -31.03 -10.73
CA ILE B 181 9.05 -30.26 -10.24
C ILE B 181 7.74 -31.04 -10.30
N TYR B 182 6.91 -30.91 -9.28
CA TYR B 182 5.55 -31.44 -9.33
C TYR B 182 4.60 -30.36 -9.82
N GLN B 183 3.94 -30.61 -10.94
CA GLN B 183 2.96 -29.66 -11.44
C GLN B 183 1.59 -30.03 -10.91
N ALA B 184 1.11 -29.23 -9.96
CA ALA B 184 -0.18 -29.43 -9.34
C ALA B 184 -1.27 -28.57 -9.97
N GLY B 185 -0.97 -27.82 -11.02
CA GLY B 185 -1.94 -26.90 -11.59
C GLY B 185 -2.12 -27.13 -13.08
N SER B 186 -3.27 -26.66 -13.59
CA SER B 186 -3.58 -26.79 -15.01
C SER B 186 -2.55 -26.04 -15.86
N THR B 187 -2.14 -24.85 -15.41
CA THR B 187 -1.09 -24.10 -16.10
C THR B 187 0.23 -24.85 -15.96
N PRO B 188 0.90 -25.21 -17.06
CA PRO B 188 2.18 -25.89 -16.94
C PRO B 188 3.17 -25.02 -16.19
N CYS B 189 4.22 -25.64 -15.69
CA CYS B 189 5.20 -24.89 -14.88
C CYS B 189 6.26 -24.27 -15.78
N PHE B 195 -1.91 -22.24 -11.24
CA PHE B 195 -0.43 -22.26 -11.37
C PHE B 195 0.17 -22.73 -10.05
N ASN B 196 0.23 -24.03 -9.86
CA ASN B 196 0.88 -24.55 -8.65
C ASN B 196 2.02 -25.46 -9.08
N CYS B 197 3.25 -25.10 -8.75
CA CYS B 197 4.44 -25.92 -9.08
C CYS B 197 5.06 -26.23 -7.73
N TYR B 198 5.16 -27.48 -7.31
CA TYR B 198 5.68 -27.74 -5.94
C TYR B 198 6.86 -28.70 -6.02
N PHE B 199 7.81 -28.56 -5.10
CA PHE B 199 8.94 -29.52 -5.07
C PHE B 199 8.40 -30.85 -4.56
N PRO B 200 8.75 -31.98 -5.21
CA PRO B 200 8.23 -33.28 -4.80
C PRO B 200 8.67 -33.74 -3.42
N LEU B 201 9.88 -33.40 -2.98
CA LEU B 201 10.38 -33.95 -1.71
C LEU B 201 10.39 -32.95 -0.56
N GLN B 202 9.78 -33.29 0.56
CA GLN B 202 9.94 -32.51 1.78
C GLN B 202 10.90 -33.22 2.75
N SER B 203 11.21 -32.54 3.86
CA SER B 203 12.07 -33.06 4.92
C SER B 203 11.28 -33.29 6.22
N TYR B 204 11.82 -34.13 7.09
CA TYR B 204 11.17 -34.30 8.41
C TYR B 204 11.72 -33.34 9.46
N GLY B 205 12.99 -32.97 9.36
CA GLY B 205 13.56 -32.00 10.27
C GLY B 205 13.41 -32.45 11.70
N PHE B 206 13.74 -33.71 11.96
CA PHE B 206 13.32 -34.40 13.18
C PHE B 206 13.81 -33.73 14.47
N GLN B 207 12.88 -33.54 15.41
CA GLN B 207 13.17 -32.96 16.70
C GLN B 207 12.69 -33.86 17.83
N PRO B 208 13.36 -33.82 18.98
CA PRO B 208 12.88 -34.53 20.18
C PRO B 208 11.63 -33.92 20.82
N THR B 209 10.49 -34.14 20.13
CA THR B 209 9.17 -33.82 20.65
C THR B 209 8.72 -34.84 21.67
N VAL B 212 5.67 -38.91 19.77
CA VAL B 212 6.23 -39.94 18.91
C VAL B 212 5.58 -39.94 17.55
N GLY B 213 4.34 -39.42 17.45
CA GLY B 213 3.74 -39.30 16.14
C GLY B 213 4.60 -38.50 15.17
N TYR B 214 5.38 -37.53 15.68
CA TYR B 214 6.33 -36.74 14.90
C TYR B 214 7.77 -37.24 15.04
N GLN B 215 8.00 -38.33 15.70
CA GLN B 215 9.35 -38.79 15.93
C GLN B 215 9.84 -39.69 14.80
N PRO B 216 11.15 -39.82 14.65
CA PRO B 216 11.69 -40.70 13.61
C PRO B 216 11.56 -42.16 14.02
N TYR B 217 11.21 -43.01 13.05
CA TYR B 217 11.18 -44.43 13.30
C TYR B 217 11.88 -45.15 12.18
N ARG B 218 12.86 -46.00 12.51
CA ARG B 218 13.53 -46.83 11.52
C ARG B 218 12.71 -48.08 11.22
N VAL B 219 12.77 -48.53 9.96
CA VAL B 219 11.98 -49.65 9.44
C VAL B 219 12.89 -50.58 8.65
N VAL B 220 12.66 -51.88 8.76
CA VAL B 220 13.25 -52.86 7.88
C VAL B 220 12.16 -53.80 7.42
N VAL B 221 12.04 -53.98 6.11
CA VAL B 221 11.06 -54.89 5.52
C VAL B 221 11.86 -56.05 4.93
N LEU B 222 11.42 -57.26 5.21
CA LEU B 222 12.10 -58.47 4.78
C LEU B 222 11.25 -59.16 3.74
N SER B 223 11.74 -59.26 2.52
CA SER B 223 11.00 -59.92 1.45
C SER B 223 11.57 -61.32 1.22
N PHE B 224 10.67 -62.29 1.10
CA PHE B 224 11.03 -63.68 0.89
C PHE B 224 10.74 -64.06 -0.56
N GLU B 225 11.78 -64.33 -1.33
CA GLU B 225 11.66 -64.60 -2.76
C GLU B 225 11.77 -66.11 -3.00
N LEU B 226 10.77 -66.68 -3.68
CA LEU B 226 10.78 -68.08 -4.08
C LEU B 226 10.88 -68.17 -5.58
N LEU B 227 11.94 -68.80 -6.07
CA LEU B 227 12.18 -68.86 -7.50
C LEU B 227 12.32 -70.30 -7.96
N HIS B 228 12.42 -70.44 -9.28
CA HIS B 228 12.91 -71.67 -9.91
C HIS B 228 14.44 -71.61 -9.85
N ALA B 229 14.93 -71.56 -8.62
CA ALA B 229 16.34 -71.41 -8.32
C ALA B 229 16.60 -72.02 -6.95
N PRO B 230 17.84 -72.40 -6.67
CA PRO B 230 18.16 -73.07 -5.39
C PRO B 230 17.95 -72.18 -4.18
N ALA B 231 17.16 -72.67 -3.22
CA ALA B 231 17.02 -71.96 -1.95
C ALA B 231 18.38 -71.84 -1.27
N THR B 232 18.70 -70.63 -0.83
CA THR B 232 19.98 -70.32 -0.24
C THR B 232 19.88 -69.57 1.08
N VAL B 233 18.68 -69.13 1.46
CA VAL B 233 18.42 -68.55 2.76
C VAL B 233 17.41 -69.45 3.45
N CYS B 234 17.82 -70.03 4.57
CA CYS B 234 17.05 -71.00 5.33
C CYS B 234 17.06 -70.63 6.80
N GLY B 235 16.02 -71.05 7.52
CA GLY B 235 16.03 -70.89 8.93
C GLY B 235 17.03 -71.84 9.54
N PRO B 236 17.21 -71.74 10.84
CA PRO B 236 18.27 -72.57 11.44
C PRO B 236 18.02 -74.04 11.18
N LYS B 237 18.88 -74.57 10.30
CA LYS B 237 18.80 -75.92 9.77
C LYS B 237 20.13 -76.63 9.94
N ASN C 43 57.55 39.84 -25.93
CA ASN C 43 56.74 38.66 -25.56
C ASN C 43 55.26 38.94 -25.86
N LEU C 44 54.47 37.88 -26.11
CA LEU C 44 53.02 38.04 -26.37
C LEU C 44 52.19 37.33 -25.29
N CYS C 45 51.06 37.92 -24.88
CA CYS C 45 50.19 37.29 -23.92
C CYS C 45 49.51 36.10 -24.57
N PRO C 46 49.49 34.92 -23.93
CA PRO C 46 48.98 33.71 -24.57
C PRO C 46 47.46 33.57 -24.45
N PHE C 47 46.76 34.66 -24.79
CA PHE C 47 45.31 34.67 -24.67
C PHE C 47 44.66 33.54 -25.46
N GLY C 48 45.27 33.13 -26.56
CA GLY C 48 44.70 32.02 -27.33
C GLY C 48 44.52 30.79 -26.49
N GLU C 49 45.48 30.50 -25.60
CA GLU C 49 45.29 29.41 -24.65
C GLU C 49 44.03 29.59 -23.81
N VAL C 50 43.70 30.82 -23.45
CA VAL C 50 42.48 31.00 -22.67
C VAL C 50 41.31 30.76 -23.61
N PHE C 51 41.12 31.63 -24.59
CA PHE C 51 39.88 31.60 -25.35
C PHE C 51 39.78 30.36 -26.23
N ASN C 52 40.85 29.98 -26.91
CA ASN C 52 40.73 28.86 -27.81
C ASN C 52 41.21 27.58 -27.18
N ALA C 53 41.10 27.47 -25.84
CA ALA C 53 41.32 26.19 -25.18
C ALA C 53 40.17 25.26 -25.48
N THR C 54 40.45 23.95 -25.45
CA THR C 54 39.46 22.97 -25.90
C THR C 54 38.43 22.68 -24.84
N ARG C 55 38.88 22.50 -23.60
CA ARG C 55 38.04 22.12 -22.47
C ARG C 55 37.92 23.31 -21.53
N PHE C 56 36.68 23.69 -21.19
CA PHE C 56 36.49 24.73 -20.18
C PHE C 56 36.15 24.15 -18.81
N ALA C 57 36.33 24.97 -17.79
CA ALA C 57 36.09 24.57 -16.40
C ALA C 57 34.59 24.50 -16.07
N SER C 58 34.28 23.88 -14.93
CA SER C 58 32.99 24.05 -14.28
C SER C 58 33.06 25.27 -13.39
N VAL C 59 31.96 26.02 -13.35
CA VAL C 59 32.01 27.32 -12.70
C VAL C 59 32.36 27.21 -11.23
N TYR C 60 32.11 26.08 -10.59
CA TYR C 60 32.45 26.03 -9.18
C TYR C 60 33.96 25.93 -8.99
N ALA C 61 34.63 25.21 -9.88
CA ALA C 61 36.09 25.15 -9.86
C ALA C 61 36.72 26.16 -10.82
N TRP C 62 36.32 27.44 -10.73
CA TRP C 62 36.71 28.36 -11.77
C TRP C 62 38.21 28.41 -11.87
N ASN C 63 38.68 28.26 -13.12
CA ASN C 63 40.09 28.28 -13.43
CA ASN C 63 40.09 28.28 -13.43
C ASN C 63 40.60 29.70 -13.51
N ARG C 64 41.79 29.91 -12.96
CA ARG C 64 42.49 31.17 -13.04
C ARG C 64 43.85 30.93 -13.67
N LYS C 65 44.17 31.69 -14.72
CA LYS C 65 45.49 31.75 -15.33
C LYS C 65 46.10 33.11 -15.03
N ARG C 66 47.39 33.13 -14.74
CA ARG C 66 48.09 34.37 -14.51
C ARG C 66 48.74 34.83 -15.82
N ILE C 67 48.57 36.10 -16.17
CA ILE C 67 49.14 36.69 -17.37
C ILE C 67 50.04 37.83 -16.95
N SER C 68 51.33 37.72 -17.24
CA SER C 68 52.24 38.81 -16.92
C SER C 68 53.38 38.82 -17.93
N ASN C 69 54.03 39.97 -18.06
CA ASN C 69 55.21 40.10 -18.92
C ASN C 69 54.90 39.71 -20.35
N CYS C 70 53.95 40.43 -20.94
CA CYS C 70 53.57 40.08 -22.29
C CYS C 70 52.83 41.23 -22.96
N VAL C 71 52.59 41.05 -24.27
CA VAL C 71 51.88 42.05 -25.07
C VAL C 71 50.66 41.41 -25.72
N ALA C 72 49.50 42.05 -25.54
CA ALA C 72 48.22 41.51 -25.98
C ALA C 72 47.46 42.56 -26.77
N ASP C 73 47.04 42.19 -27.99
CA ASP C 73 46.17 43.08 -28.77
C ASP C 73 44.73 42.81 -28.41
N TYR C 74 44.25 43.54 -27.41
CA TYR C 74 42.88 43.35 -26.96
C TYR C 74 41.89 43.56 -28.08
N SER C 75 42.20 44.42 -29.06
CA SER C 75 41.24 44.61 -30.13
C SER C 75 41.23 43.46 -31.11
N VAL C 76 42.19 42.55 -31.00
CA VAL C 76 42.04 41.24 -31.63
C VAL C 76 40.85 40.52 -31.02
N LEU C 77 40.76 40.55 -29.68
CA LEU C 77 39.58 40.05 -28.97
C LEU C 77 38.39 40.93 -29.24
N TYR C 78 38.56 42.22 -29.01
CA TYR C 78 37.46 43.14 -28.79
C TYR C 78 36.44 43.13 -29.92
N ASN C 79 36.92 43.36 -31.14
CA ASN C 79 36.10 43.57 -32.34
C ASN C 79 35.76 42.28 -33.07
N SER C 80 35.30 41.24 -32.39
CA SER C 80 34.89 40.04 -33.09
C SER C 80 33.42 39.81 -32.81
N ALA C 81 32.73 39.21 -33.78
CA ALA C 81 31.33 38.90 -33.59
C ALA C 81 31.06 37.60 -32.78
N SER C 82 32.09 36.76 -32.57
CA SER C 82 31.91 35.49 -31.86
C SER C 82 31.33 35.69 -30.49
N PHE C 83 31.80 36.71 -29.79
CA PHE C 83 31.40 36.85 -28.42
C PHE C 83 29.99 37.41 -28.41
N SER C 84 29.11 36.71 -27.70
CA SER C 84 27.76 37.21 -27.46
C SER C 84 27.71 38.19 -26.30
N THR C 85 28.74 38.23 -25.46
CA THR C 85 28.88 39.30 -24.48
C THR C 85 30.31 39.80 -24.49
N PHE C 86 30.45 41.11 -24.60
CA PHE C 86 31.71 41.83 -24.36
C PHE C 86 31.37 43.12 -23.66
N LYS C 87 31.63 43.16 -22.35
CA LYS C 87 31.51 44.37 -21.55
C LYS C 87 32.69 44.44 -20.60
N CYS C 88 33.23 45.64 -20.41
CA CYS C 88 34.30 45.88 -19.49
C CYS C 88 33.82 46.84 -18.42
N TYR C 89 34.40 46.73 -17.23
CA TYR C 89 34.01 47.52 -16.10
C TYR C 89 35.26 48.18 -15.57
N GLY C 90 35.18 49.49 -15.35
CA GLY C 90 36.30 50.28 -14.86
C GLY C 90 37.27 50.79 -15.91
N VAL C 91 37.10 50.46 -17.18
CA VAL C 91 38.05 50.82 -18.21
C VAL C 91 37.31 50.79 -19.54
N SER C 92 37.64 51.77 -20.45
CA SER C 92 37.04 51.65 -21.78
C SER C 92 37.83 50.62 -22.56
N PRO C 93 37.16 49.74 -23.30
CA PRO C 93 37.88 48.63 -23.94
C PRO C 93 38.86 49.10 -24.99
N THR C 94 38.58 50.22 -25.64
CA THR C 94 39.48 50.74 -26.66
C THR C 94 40.78 51.21 -26.03
N LYS C 95 40.70 51.81 -24.84
CA LYS C 95 41.88 52.24 -24.13
C LYS C 95 42.64 51.07 -23.53
N LEU C 96 42.18 49.84 -23.74
CA LEU C 96 42.90 48.70 -23.21
C LEU C 96 44.25 48.56 -23.83
N ASN C 97 44.33 48.86 -25.13
CA ASN C 97 45.55 48.72 -25.90
C ASN C 97 46.60 49.71 -25.50
N ASP C 98 46.20 50.84 -24.93
CA ASP C 98 47.12 51.90 -24.54
C ASP C 98 47.59 51.80 -23.10
N LEU C 99 47.26 50.73 -22.40
CA LEU C 99 47.45 50.70 -20.96
C LEU C 99 48.25 49.48 -20.52
N CYS C 100 48.97 49.67 -19.43
CA CYS C 100 49.82 48.66 -18.80
C CYS C 100 49.30 48.37 -17.41
N PHE C 101 49.31 47.09 -17.05
CA PHE C 101 48.84 46.65 -15.76
C PHE C 101 49.90 45.73 -15.18
N THR C 102 49.99 45.75 -13.84
CA THR C 102 51.01 44.95 -13.17
C THR C 102 50.84 43.45 -13.46
N ASN C 103 49.61 42.94 -13.48
CA ASN C 103 49.35 41.57 -13.88
C ASN C 103 47.95 41.52 -14.51
N VAL C 104 47.67 40.46 -15.25
CA VAL C 104 46.31 40.23 -15.75
C VAL C 104 45.90 38.79 -15.41
N TYR C 105 44.69 38.63 -14.87
CA TYR C 105 44.16 37.32 -14.47
C TYR C 105 42.97 36.94 -15.34
N ALA C 106 43.06 35.77 -15.95
CA ALA C 106 42.01 35.29 -16.85
C ALA C 106 41.35 34.10 -16.18
N ASP C 107 40.09 34.29 -15.82
CA ASP C 107 39.27 33.29 -15.17
C ASP C 107 38.22 32.83 -16.16
N SER C 108 38.12 31.53 -16.34
CA SER C 108 37.15 30.98 -17.28
C SER C 108 36.39 29.80 -16.67
N PHE C 109 35.15 29.65 -17.12
CA PHE C 109 34.23 28.60 -16.69
C PHE C 109 33.10 28.51 -17.72
N VAL C 110 32.09 27.70 -17.43
CA VAL C 110 30.92 27.57 -18.28
C VAL C 110 29.71 27.83 -17.42
N ILE C 111 28.70 28.52 -17.94
CA ILE C 111 27.47 28.68 -17.20
C ILE C 111 26.30 28.51 -18.16
N ARG C 112 25.09 28.60 -17.62
CA ARG C 112 23.94 28.59 -18.50
C ARG C 112 23.76 29.97 -19.06
N GLY C 113 23.26 30.04 -20.29
CA GLY C 113 23.16 31.32 -20.95
C GLY C 113 22.43 32.34 -20.10
N ASP C 114 21.30 31.95 -19.51
CA ASP C 114 20.57 32.93 -18.70
C ASP C 114 21.25 33.23 -17.39
N GLU C 115 22.43 32.69 -17.13
CA GLU C 115 23.18 33.00 -15.92
C GLU C 115 24.31 33.99 -16.17
N VAL C 116 24.69 34.22 -17.44
CA VAL C 116 25.76 35.14 -17.80
C VAL C 116 25.44 36.50 -17.24
N ARG C 117 24.15 36.81 -17.17
CA ARG C 117 23.65 38.00 -16.51
C ARG C 117 24.29 38.19 -15.14
N GLN C 118 24.79 37.12 -14.54
CA GLN C 118 25.36 37.20 -13.21
C GLN C 118 26.83 37.59 -13.16
N ILE C 119 27.57 37.52 -14.27
CA ILE C 119 28.99 37.88 -14.28
C ILE C 119 29.10 39.40 -14.50
N ALA C 120 29.04 40.14 -13.42
CA ALA C 120 28.99 41.59 -13.38
C ALA C 120 29.09 41.96 -11.91
N PRO C 121 29.59 43.13 -11.55
CA PRO C 121 29.66 43.45 -10.13
C PRO C 121 28.29 43.41 -9.49
N GLY C 122 28.24 42.93 -8.25
CA GLY C 122 27.05 42.99 -7.44
C GLY C 122 25.87 42.16 -7.87
N GLN C 123 26.06 41.19 -8.75
CA GLN C 123 24.89 40.39 -9.14
C GLN C 123 24.60 39.34 -8.05
N THR C 124 23.40 38.77 -8.08
CA THR C 124 23.12 37.66 -7.19
C THR C 124 22.55 36.50 -7.99
N GLY C 125 22.53 35.34 -7.34
CA GLY C 125 22.11 34.11 -7.97
C GLY C 125 23.11 33.06 -7.56
N ASN C 126 22.92 31.81 -7.96
CA ASN C 126 23.86 30.81 -7.51
C ASN C 126 25.26 31.17 -7.93
N ILE C 127 25.42 31.54 -9.21
CA ILE C 127 26.75 31.78 -9.77
C ILE C 127 27.39 33.00 -9.12
N ALA C 128 26.63 34.09 -9.02
CA ALA C 128 27.14 35.31 -8.41
C ALA C 128 27.51 35.11 -6.95
N ASP C 129 26.70 34.34 -6.21
CA ASP C 129 26.81 34.16 -4.75
C ASP C 129 27.53 32.89 -4.31
N TYR C 130 27.42 31.79 -5.03
CA TYR C 130 27.98 30.53 -4.58
C TYR C 130 29.16 30.02 -5.41
N ASN C 131 29.44 30.61 -6.59
CA ASN C 131 30.46 30.07 -7.51
C ASN C 131 31.59 31.02 -7.86
N TYR C 132 31.31 32.22 -8.40
CA TYR C 132 32.34 33.17 -8.87
C TYR C 132 31.86 34.59 -8.59
N LYS C 133 32.61 35.36 -7.81
CA LYS C 133 32.09 36.60 -7.25
C LYS C 133 32.94 37.78 -7.72
N LEU C 134 32.31 38.71 -8.47
CA LEU C 134 33.12 39.86 -8.90
C LEU C 134 33.08 40.97 -7.88
N PRO C 135 34.21 41.64 -7.64
CA PRO C 135 34.25 42.69 -6.61
C PRO C 135 33.45 43.91 -7.03
N ASP C 136 33.05 44.66 -6.02
CA ASP C 136 32.22 45.83 -6.28
C ASP C 136 32.95 46.82 -7.16
N ASP C 137 34.25 47.03 -6.93
CA ASP C 137 35.06 47.92 -7.76
C ASP C 137 35.93 47.03 -8.64
N PHE C 138 35.43 46.74 -9.83
CA PHE C 138 36.09 45.81 -10.73
C PHE C 138 36.78 46.67 -11.75
N THR C 139 37.97 46.25 -12.18
CA THR C 139 38.64 46.88 -13.31
C THR C 139 39.01 45.75 -14.25
N GLY C 140 38.14 45.45 -15.18
CA GLY C 140 38.38 44.30 -16.03
C GLY C 140 37.31 44.17 -17.08
N CYS C 141 37.33 43.03 -17.75
CA CYS C 141 36.38 42.76 -18.82
C CYS C 141 35.77 41.38 -18.66
N VAL C 142 34.50 41.29 -19.06
CA VAL C 142 33.73 40.06 -19.05
C VAL C 142 33.35 39.77 -20.49
N ILE C 143 33.82 38.65 -21.01
CA ILE C 143 33.70 38.32 -22.41
C ILE C 143 33.06 36.96 -22.47
N ALA C 144 32.05 36.79 -23.32
CA ALA C 144 31.33 35.53 -23.27
C ALA C 144 30.86 35.10 -24.63
N TRP C 145 30.90 33.79 -24.89
CA TRP C 145 30.35 33.27 -26.12
C TRP C 145 29.54 32.01 -25.92
N ASN C 146 28.56 31.82 -26.79
CA ASN C 146 27.73 30.63 -26.76
C ASN C 146 28.57 29.39 -27.11
N SER C 147 28.52 28.34 -26.29
CA SER C 147 29.36 27.18 -26.59
C SER C 147 28.54 25.93 -26.88
N ASN C 148 27.33 26.11 -27.41
CA ASN C 148 26.44 24.98 -27.64
C ASN C 148 27.08 23.92 -28.54
N ASN C 149 27.77 24.35 -29.59
CA ASN C 149 28.36 23.39 -30.53
C ASN C 149 29.44 22.55 -29.86
N LEU C 150 30.06 23.07 -28.81
CA LEU C 150 31.12 22.35 -28.14
C LEU C 150 30.65 21.65 -26.87
N ASP C 151 29.81 22.31 -26.08
CA ASP C 151 29.50 21.83 -24.74
C ASP C 151 28.09 21.25 -24.58
N SER C 152 27.28 21.14 -25.62
CA SER C 152 26.02 20.38 -25.52
C SER C 152 26.22 19.03 -26.16
N LYS C 153 25.86 17.97 -25.45
CA LYS C 153 25.92 16.63 -26.04
C LYS C 153 24.52 16.04 -26.12
N VAL C 154 24.33 15.07 -27.02
CA VAL C 154 23.00 14.48 -27.23
C VAL C 154 22.55 13.72 -25.99
N GLY C 155 23.45 12.93 -25.39
CA GLY C 155 23.10 12.32 -24.13
C GLY C 155 22.93 13.33 -23.02
N GLY C 156 23.40 14.54 -23.21
CA GLY C 156 23.44 15.49 -22.12
C GLY C 156 24.89 15.52 -21.70
N ASN C 157 25.43 16.67 -21.38
CA ASN C 157 26.82 16.74 -20.97
C ASN C 157 26.85 17.01 -19.49
N TYR C 158 27.25 16.00 -18.71
CA TYR C 158 27.08 16.05 -17.27
C TYR C 158 28.35 16.47 -16.52
N ASN C 159 29.40 16.88 -17.24
CA ASN C 159 30.67 17.22 -16.61
C ASN C 159 30.71 18.64 -16.07
N TYR C 160 29.86 19.53 -16.55
CA TYR C 160 29.90 20.91 -16.08
C TYR C 160 29.05 21.05 -14.84
N LEU C 161 29.68 21.39 -13.71
CA LEU C 161 29.00 21.44 -12.44
C LEU C 161 29.00 22.87 -11.91
N TYR C 162 28.01 23.17 -11.07
CA TYR C 162 27.86 24.47 -10.44
C TYR C 162 27.34 24.24 -9.03
N ARG C 163 27.59 25.19 -8.14
CA ARG C 163 27.15 25.03 -6.77
C ARG C 163 25.76 25.62 -6.62
N LEU C 164 24.88 24.84 -6.00
CA LEU C 164 23.47 25.16 -5.82
C LEU C 164 23.14 25.70 -4.43
N PHE C 165 23.86 25.29 -3.41
CA PHE C 165 23.59 25.72 -2.05
C PHE C 165 24.88 26.15 -1.39
N ARG C 166 24.82 27.17 -0.55
CA ARG C 166 25.99 27.37 0.27
C ARG C 166 25.54 28.08 1.52
N LYS C 167 26.22 27.79 2.64
CA LYS C 167 25.82 28.40 3.90
C LYS C 167 25.93 29.90 3.82
N SER C 168 27.00 30.38 3.17
CA SER C 168 27.34 31.78 3.02
C SER C 168 27.74 32.06 1.59
N ASN C 169 27.82 33.36 1.28
CA ASN C 169 28.29 33.86 -0.01
C ASN C 169 29.82 33.81 -0.12
N LEU C 170 30.29 33.69 -1.35
CA LEU C 170 31.70 33.86 -1.65
C LEU C 170 32.16 35.30 -1.42
N LYS C 171 33.40 35.46 -0.95
CA LYS C 171 34.02 36.76 -1.05
C LYS C 171 34.40 36.95 -2.52
N PRO C 172 34.64 38.19 -2.96
CA PRO C 172 34.98 38.39 -4.38
C PRO C 172 36.26 37.65 -4.74
N PHE C 173 36.25 37.01 -5.89
CA PHE C 173 37.36 36.18 -6.37
C PHE C 173 37.67 35.01 -5.45
N GLU C 174 36.66 34.56 -4.69
CA GLU C 174 36.80 33.36 -3.88
C GLU C 174 36.35 32.12 -4.65
N ARG C 175 37.03 31.03 -4.39
CA ARG C 175 36.79 29.77 -5.07
C ARG C 175 36.53 28.75 -4.01
N ASP C 176 35.37 28.11 -4.11
CA ASP C 176 34.93 27.11 -3.15
C ASP C 176 34.75 25.81 -3.92
N ILE C 177 35.61 24.83 -3.64
CA ILE C 177 35.49 23.49 -4.18
C ILE C 177 35.10 22.53 -3.05
N SER C 178 34.41 23.08 -2.05
CA SER C 178 33.99 22.36 -0.84
C SER C 178 33.36 21.01 -1.16
N THR C 179 33.84 19.98 -0.46
CA THR C 179 33.31 18.64 -0.60
C THR C 179 32.54 18.21 0.64
N GLU C 180 31.73 19.11 1.20
CA GLU C 180 30.95 18.78 2.38
C GLU C 180 29.46 19.05 2.15
N ILE C 181 28.68 18.21 2.76
CA ILE C 181 27.23 18.19 2.48
C ILE C 181 26.52 19.44 2.96
N TYR C 182 25.50 19.79 2.32
CA TYR C 182 24.63 20.92 2.57
C TYR C 182 23.42 20.48 3.35
N GLN C 183 23.26 21.06 4.55
CA GLN C 183 22.10 20.80 5.41
C GLN C 183 21.07 21.88 5.17
N ALA C 184 20.00 21.54 4.47
CA ALA C 184 18.94 22.50 4.23
C ALA C 184 17.84 22.41 5.26
N GLY C 185 17.98 21.51 6.24
CA GLY C 185 16.96 21.31 7.23
C GLY C 185 17.54 21.43 8.62
N SER C 186 16.63 21.68 9.57
CA SER C 186 16.99 21.85 10.98
C SER C 186 17.71 20.62 11.54
N THR C 187 17.30 19.45 11.12
CA THR C 187 17.94 18.21 11.56
C THR C 187 19.38 18.08 11.04
N PRO C 188 20.37 17.71 11.89
CA PRO C 188 21.71 17.44 11.41
C PRO C 188 21.64 16.24 10.46
N CYS C 189 22.46 16.27 9.41
CA CYS C 189 22.46 15.17 8.42
C CYS C 189 23.13 13.94 9.04
N PHE C 195 14.02 17.15 8.08
CA PHE C 195 15.26 16.48 7.65
C PHE C 195 15.43 16.65 6.16
N ASN C 196 16.00 17.78 5.80
CA ASN C 196 16.32 17.97 4.36
C ASN C 196 17.84 18.01 4.29
N CYS C 197 18.43 17.03 3.60
CA CYS C 197 19.89 17.04 3.39
C CYS C 197 20.14 16.94 1.89
N TYR C 198 20.75 17.98 1.29
CA TYR C 198 20.92 18.02 -0.18
C TYR C 198 22.40 18.15 -0.56
N PHE C 199 22.81 17.47 -1.63
CA PHE C 199 24.21 17.57 -2.12
C PHE C 199 24.41 18.94 -2.79
N PRO C 200 25.51 19.66 -2.50
CA PRO C 200 25.74 21.00 -3.04
C PRO C 200 25.89 21.21 -4.55
N LEU C 201 26.50 20.27 -5.26
CA LEU C 201 26.78 20.49 -6.69
C LEU C 201 25.82 19.77 -7.64
N GLN C 202 25.14 20.49 -8.53
CA GLN C 202 24.36 19.89 -9.60
C GLN C 202 25.15 19.97 -10.90
N SER C 203 24.60 19.33 -11.92
CA SER C 203 25.17 19.33 -13.24
C SER C 203 24.23 20.09 -14.16
N TYR C 204 24.81 20.63 -15.23
CA TYR C 204 24.08 21.35 -16.27
C TYR C 204 23.52 20.40 -17.31
N GLY C 205 24.17 19.27 -17.55
CA GLY C 205 23.57 18.23 -18.36
C GLY C 205 23.13 18.73 -19.70
N PHE C 206 24.03 19.49 -20.31
CA PHE C 206 23.67 20.34 -21.43
C PHE C 206 23.14 19.53 -22.59
N GLN C 207 22.03 19.98 -23.16
CA GLN C 207 21.57 19.35 -24.40
C GLN C 207 21.15 20.40 -25.43
N PRO C 208 21.25 20.07 -26.73
CA PRO C 208 20.75 20.98 -27.78
C PRO C 208 19.22 21.14 -27.80
N GLY C 211 16.13 26.25 -26.35
CA GLY C 211 16.44 27.45 -25.60
C GLY C 211 17.92 27.82 -25.52
N VAL C 212 18.28 29.02 -25.95
CA VAL C 212 19.65 29.47 -25.66
C VAL C 212 19.82 29.73 -24.17
N GLY C 213 18.74 30.05 -23.46
CA GLY C 213 18.80 30.20 -22.01
C GLY C 213 19.30 28.99 -21.24
N TYR C 214 19.09 27.78 -21.77
CA TYR C 214 19.68 26.58 -21.19
C TYR C 214 20.94 26.14 -21.90
N GLN C 215 21.43 26.94 -22.86
CA GLN C 215 22.60 26.54 -23.62
C GLN C 215 23.87 26.91 -22.87
N PRO C 216 24.98 26.22 -23.16
CA PRO C 216 26.25 26.54 -22.49
C PRO C 216 26.88 27.80 -23.07
N TYR C 217 27.48 28.58 -22.21
CA TYR C 217 28.18 29.78 -22.62
C TYR C 217 29.52 29.76 -21.91
N ARG C 218 30.61 29.87 -22.67
CA ARG C 218 31.91 29.98 -22.05
C ARG C 218 32.16 31.44 -21.71
N VAL C 219 32.86 31.66 -20.64
CA VAL C 219 33.02 33.01 -20.13
C VAL C 219 34.49 33.17 -19.88
N VAL C 220 35.02 34.36 -20.19
CA VAL C 220 36.37 34.72 -19.80
C VAL C 220 36.30 36.04 -19.07
N VAL C 221 36.86 36.08 -17.86
CA VAL C 221 36.88 37.25 -17.02
C VAL C 221 38.32 37.70 -16.91
N LEU C 222 38.56 38.95 -17.25
CA LEU C 222 39.90 39.53 -17.32
C LEU C 222 40.02 40.58 -16.25
N SER C 223 40.83 40.28 -15.25
CA SER C 223 41.04 41.19 -14.14
C SER C 223 42.37 41.88 -14.34
N PHE C 224 42.39 43.19 -14.23
CA PHE C 224 43.62 43.92 -14.44
C PHE C 224 44.14 44.34 -13.08
N GLU C 225 45.21 43.70 -12.62
CA GLU C 225 45.71 43.93 -11.27
C GLU C 225 46.82 44.96 -11.37
N LEU C 226 46.66 46.07 -10.68
CA LEU C 226 47.65 47.14 -10.68
C LEU C 226 48.16 47.32 -9.27
N LEU C 227 49.46 47.10 -9.08
CA LEU C 227 50.13 47.18 -7.79
C LEU C 227 51.26 48.20 -7.89
N HIS C 228 51.95 48.45 -6.77
CA HIS C 228 53.22 49.19 -6.84
C HIS C 228 54.34 48.20 -7.18
N ALA C 229 54.31 47.75 -8.42
CA ALA C 229 55.24 46.79 -9.00
C ALA C 229 55.30 47.11 -10.49
N PRO C 230 56.34 46.65 -11.20
CA PRO C 230 56.49 47.03 -12.61
C PRO C 230 55.29 46.57 -13.42
N ALA C 231 54.64 47.51 -14.09
CA ALA C 231 53.58 47.12 -15.02
C ALA C 231 54.20 46.25 -16.10
N THR C 232 53.64 45.08 -16.30
CA THR C 232 54.21 44.13 -17.23
C THR C 232 53.22 43.58 -18.23
N VAL C 233 51.94 43.92 -18.12
CA VAL C 233 50.99 43.53 -19.14
C VAL C 233 50.52 44.78 -19.83
N CYS C 234 50.88 44.89 -21.12
CA CYS C 234 50.68 46.08 -21.90
C CYS C 234 50.06 45.73 -23.23
N GLY C 235 49.32 46.70 -23.78
CA GLY C 235 48.75 46.60 -25.10
C GLY C 235 49.80 46.80 -26.16
N PRO C 236 49.39 46.70 -27.40
CA PRO C 236 50.37 46.90 -28.48
C PRO C 236 50.92 48.31 -28.41
N LYS C 237 52.18 48.39 -27.99
CA LYS C 237 52.81 49.67 -27.69
C LYS C 237 54.29 49.40 -27.41
N ASN D 43 10.65 6.15 -43.35
CA ASN D 43 10.19 5.00 -42.53
C ASN D 43 9.61 5.52 -41.22
N LEU D 44 8.56 4.88 -40.71
CA LEU D 44 7.96 5.27 -39.40
C LEU D 44 8.24 4.21 -38.33
N CYS D 45 8.49 4.62 -37.08
CA CYS D 45 8.77 3.65 -36.03
C CYS D 45 7.52 2.87 -35.62
N PRO D 46 7.61 1.59 -35.49
CA PRO D 46 6.42 0.75 -35.29
C PRO D 46 5.93 0.70 -33.85
N PHE D 47 5.69 1.88 -33.26
CA PHE D 47 5.24 1.90 -31.86
C PHE D 47 3.91 1.17 -31.65
N GLY D 48 2.98 1.30 -32.58
CA GLY D 48 1.73 0.57 -32.45
C GLY D 48 1.99 -0.91 -32.28
N GLU D 49 2.94 -1.47 -33.02
CA GLU D 49 3.31 -2.87 -32.80
C GLU D 49 3.64 -3.10 -31.34
N VAL D 50 4.30 -2.13 -30.71
CA VAL D 50 4.75 -2.28 -29.33
C VAL D 50 3.58 -2.14 -28.33
N PHE D 51 2.99 -0.94 -28.28
CA PHE D 51 2.01 -0.60 -27.24
C PHE D 51 0.68 -1.32 -27.45
N ASN D 52 0.25 -1.50 -28.69
CA ASN D 52 -1.03 -2.15 -28.93
C ASN D 52 -0.85 -3.60 -29.38
N ALA D 53 0.18 -4.29 -28.91
CA ALA D 53 0.29 -5.72 -29.15
C ALA D 53 -0.77 -6.48 -28.38
N THR D 54 -1.01 -7.73 -28.80
CA THR D 54 -2.10 -8.52 -28.21
C THR D 54 -1.72 -9.11 -26.86
N ARG D 55 -0.61 -9.84 -26.80
CA ARG D 55 -0.11 -10.45 -25.57
C ARG D 55 1.23 -9.85 -25.23
N PHE D 56 1.39 -9.44 -23.97
CA PHE D 56 2.65 -8.91 -23.47
C PHE D 56 3.47 -10.05 -22.86
N ALA D 57 4.75 -9.82 -22.63
CA ALA D 57 5.59 -10.84 -22.00
C ALA D 57 5.30 -10.92 -20.50
N SER D 58 5.85 -11.94 -19.85
CA SER D 58 5.97 -11.90 -18.40
C SER D 58 7.27 -11.26 -17.96
N VAL D 59 7.18 -10.49 -16.87
CA VAL D 59 8.27 -9.61 -16.48
C VAL D 59 9.52 -10.41 -16.18
N TYR D 60 9.40 -11.70 -15.95
CA TYR D 60 10.61 -12.43 -15.68
C TYR D 60 11.41 -12.66 -16.96
N ALA D 61 10.70 -12.97 -18.05
CA ALA D 61 11.26 -13.04 -19.41
C ALA D 61 10.92 -11.79 -20.22
N TRP D 62 11.36 -10.62 -19.76
CA TRP D 62 10.86 -9.36 -20.31
C TRP D 62 11.20 -9.20 -21.78
N ASN D 63 10.19 -8.90 -22.59
CA ASN D 63 10.40 -8.75 -24.02
CA ASN D 63 10.42 -8.76 -24.01
C ASN D 63 11.17 -7.47 -24.32
N ARG D 64 11.90 -7.51 -25.43
CA ARG D 64 12.66 -6.37 -25.91
C ARG D 64 12.64 -6.43 -27.43
N LYS D 65 12.22 -5.34 -28.06
CA LYS D 65 12.32 -5.17 -29.50
C LYS D 65 13.34 -4.06 -29.74
N ARG D 66 14.08 -4.19 -30.83
CA ARG D 66 14.99 -3.14 -31.26
C ARG D 66 14.28 -2.25 -32.26
N ILE D 67 14.42 -0.94 -32.08
CA ILE D 67 13.85 0.02 -32.98
C ILE D 67 15.00 0.79 -33.60
N SER D 68 15.12 0.72 -34.91
CA SER D 68 16.19 1.38 -35.63
C SER D 68 15.68 1.79 -37.01
N ASN D 69 16.42 2.71 -37.62
CA ASN D 69 16.24 3.09 -39.01
C ASN D 69 14.81 3.56 -39.28
N CYS D 70 14.33 4.49 -38.47
CA CYS D 70 12.95 4.93 -38.63
C CYS D 70 12.77 6.28 -37.98
N VAL D 71 11.61 6.87 -38.24
CA VAL D 71 11.25 8.14 -37.63
C VAL D 71 9.98 7.97 -36.83
N ALA D 72 10.00 8.47 -35.60
CA ALA D 72 8.92 8.27 -34.65
C ALA D 72 8.46 9.60 -34.11
N ASP D 73 7.15 9.84 -34.18
CA ASP D 73 6.54 10.98 -33.51
C ASP D 73 6.28 10.52 -32.07
N TYR D 74 7.27 10.70 -31.18
CA TYR D 74 7.09 10.27 -29.81
C TYR D 74 5.90 10.98 -29.16
N SER D 75 5.65 12.22 -29.51
CA SER D 75 4.55 12.89 -28.83
C SER D 75 3.19 12.40 -29.31
N VAL D 76 3.12 11.57 -30.36
CA VAL D 76 1.90 10.79 -30.58
C VAL D 76 1.66 9.83 -29.41
N LEU D 77 2.70 9.16 -28.94
CA LEU D 77 2.58 8.45 -27.69
C LEU D 77 2.33 9.44 -26.56
N TYR D 78 3.19 10.44 -26.42
CA TYR D 78 3.19 11.20 -25.17
C TYR D 78 1.84 11.83 -24.90
N ASN D 79 1.29 12.57 -25.87
CA ASN D 79 0.13 13.41 -25.59
C ASN D 79 -1.13 12.58 -25.55
N SER D 80 -1.11 11.47 -24.84
CA SER D 80 -2.27 10.62 -24.67
C SER D 80 -2.65 10.50 -23.20
N ALA D 81 -3.95 10.44 -22.94
CA ALA D 81 -4.44 10.22 -21.59
C ALA D 81 -4.46 8.74 -21.21
N SER D 82 -4.27 7.85 -22.19
CA SER D 82 -4.33 6.41 -21.96
C SER D 82 -3.40 5.94 -20.86
N PHE D 83 -2.19 6.48 -20.81
CA PHE D 83 -1.17 5.97 -19.89
C PHE D 83 -1.35 6.55 -18.50
N SER D 84 -1.31 5.65 -17.51
CA SER D 84 -1.24 6.04 -16.10
C SER D 84 0.16 6.37 -15.66
N THR D 85 1.16 6.01 -16.44
CA THR D 85 2.51 6.46 -16.17
C THR D 85 3.20 6.83 -17.47
N PHE D 86 3.88 7.98 -17.46
CA PHE D 86 4.75 8.38 -18.58
C PHE D 86 5.85 9.22 -17.95
N LYS D 87 6.93 8.57 -17.54
CA LYS D 87 8.06 9.29 -16.93
C LYS D 87 9.34 8.94 -17.67
N CYS D 88 10.14 9.95 -18.02
CA CYS D 88 11.39 9.75 -18.78
C CYS D 88 12.58 10.26 -17.99
N TYR D 89 13.74 9.64 -18.13
CA TYR D 89 14.91 9.95 -17.32
C TYR D 89 16.07 10.23 -18.26
N GLY D 90 16.78 11.31 -18.00
CA GLY D 90 17.88 11.74 -18.85
C GLY D 90 17.50 12.53 -20.08
N VAL D 91 16.21 12.74 -20.33
CA VAL D 91 15.76 13.43 -21.53
C VAL D 91 14.31 13.86 -21.32
N SER D 92 14.00 15.06 -21.78
CA SER D 92 12.65 15.63 -21.78
C SER D 92 11.83 15.04 -22.93
N PRO D 93 10.59 14.65 -22.68
CA PRO D 93 9.76 14.12 -23.77
C PRO D 93 9.48 15.15 -24.85
N THR D 94 9.51 16.44 -24.49
CA THR D 94 9.33 17.49 -25.49
C THR D 94 10.51 17.52 -26.46
N LYS D 95 11.71 17.33 -25.96
CA LYS D 95 12.84 17.26 -26.85
C LYS D 95 12.94 15.92 -27.55
N LEU D 96 12.02 15.00 -27.28
CA LEU D 96 12.10 13.70 -27.95
C LEU D 96 11.84 13.84 -29.44
N ASN D 97 10.96 14.76 -29.82
CA ASN D 97 10.75 14.96 -31.23
C ASN D 97 11.97 15.59 -31.91
N ASP D 98 12.84 16.23 -31.12
CA ASP D 98 14.02 16.93 -31.60
C ASP D 98 15.31 16.14 -31.57
N LEU D 99 15.30 14.84 -31.32
CA LEU D 99 16.58 14.20 -31.06
C LEU D 99 16.74 12.94 -31.88
N CYS D 100 18.01 12.56 -32.09
CA CYS D 100 18.39 11.34 -32.82
C CYS D 100 19.19 10.38 -31.94
N PHE D 101 18.93 9.08 -32.07
CA PHE D 101 19.63 8.06 -31.30
C PHE D 101 20.10 6.91 -32.19
N THR D 102 21.24 6.31 -31.79
CA THR D 102 21.80 5.21 -32.54
C THR D 102 20.81 4.06 -32.62
N ASN D 103 20.18 3.74 -31.49
CA ASN D 103 19.11 2.78 -31.45
C ASN D 103 18.23 3.15 -30.27
N VAL D 104 16.97 2.73 -30.34
CA VAL D 104 16.02 2.87 -29.25
C VAL D 104 15.43 1.50 -28.97
N TYR D 105 15.45 1.07 -27.72
CA TYR D 105 15.02 -0.27 -27.36
C TYR D 105 13.76 -0.18 -26.52
N ALA D 106 12.76 -0.96 -26.89
CA ALA D 106 11.47 -1.01 -26.22
C ALA D 106 11.32 -2.34 -25.48
N ASP D 107 11.16 -2.27 -24.16
CA ASP D 107 10.95 -3.46 -23.35
C ASP D 107 9.53 -3.41 -22.79
N SER D 108 8.78 -4.49 -22.97
CA SER D 108 7.41 -4.53 -22.48
C SER D 108 7.11 -5.82 -21.72
N PHE D 109 6.27 -5.70 -20.69
CA PHE D 109 5.87 -6.80 -19.84
C PHE D 109 4.60 -6.42 -19.09
N VAL D 110 4.18 -7.29 -18.17
CA VAL D 110 3.05 -7.07 -17.29
C VAL D 110 3.50 -7.25 -15.85
N ILE D 111 3.07 -6.36 -14.97
CA ILE D 111 3.34 -6.48 -13.54
C ILE D 111 2.09 -6.10 -12.75
N ARG D 112 2.21 -6.13 -11.43
CA ARG D 112 1.16 -5.65 -10.55
C ARG D 112 1.20 -4.15 -10.48
N GLY D 113 0.02 -3.54 -10.47
CA GLY D 113 -0.03 -2.11 -10.43
C GLY D 113 0.77 -1.52 -9.28
N ASP D 114 0.66 -2.12 -8.09
CA ASP D 114 1.42 -1.53 -7.01
C ASP D 114 2.92 -1.84 -7.13
N GLU D 115 3.35 -2.46 -8.24
CA GLU D 115 4.77 -2.62 -8.51
C GLU D 115 5.29 -1.61 -9.52
N VAL D 116 4.40 -0.98 -10.32
CA VAL D 116 4.85 -0.10 -11.39
C VAL D 116 5.80 0.95 -10.86
N ARG D 117 5.61 1.37 -9.61
CA ARG D 117 6.56 2.32 -8.98
C ARG D 117 7.98 1.81 -9.11
N GLN D 118 8.18 0.50 -9.18
CA GLN D 118 9.55 -0.03 -9.14
C GLN D 118 10.26 0.06 -10.48
N ILE D 119 9.54 0.30 -11.57
CA ILE D 119 10.18 0.45 -12.87
C ILE D 119 10.70 1.87 -12.93
N ALA D 120 11.91 2.06 -12.40
CA ALA D 120 12.50 3.36 -12.19
C ALA D 120 13.92 3.15 -11.71
N PRO D 121 14.79 4.13 -11.94
CA PRO D 121 16.18 3.99 -11.48
C PRO D 121 16.28 3.75 -9.98
N GLY D 122 17.23 2.89 -9.58
CA GLY D 122 17.59 2.73 -8.18
C GLY D 122 16.54 2.13 -7.26
N GLN D 123 15.52 1.49 -7.81
CA GLN D 123 14.48 0.93 -6.97
C GLN D 123 14.92 -0.39 -6.38
N THR D 124 14.17 -0.82 -5.37
CA THR D 124 14.29 -2.16 -4.79
C THR D 124 12.90 -2.77 -4.71
N GLY D 125 12.87 -4.08 -4.51
CA GLY D 125 11.61 -4.77 -4.57
C GLY D 125 11.76 -6.06 -5.32
N ASN D 126 10.69 -6.82 -5.47
CA ASN D 126 10.84 -8.07 -6.21
C ASN D 126 11.24 -7.82 -7.66
N ILE D 127 10.53 -6.92 -8.34
CA ILE D 127 10.82 -6.72 -9.75
C ILE D 127 12.19 -6.09 -9.91
N ALA D 128 12.46 -5.03 -9.15
CA ALA D 128 13.77 -4.37 -9.22
C ALA D 128 14.90 -5.34 -8.89
N ASP D 129 14.72 -6.21 -7.93
CA ASP D 129 15.83 -7.09 -7.59
C ASP D 129 15.85 -8.34 -8.46
N TYR D 130 14.69 -8.84 -8.89
CA TYR D 130 14.62 -10.15 -9.51
C TYR D 130 14.10 -10.18 -10.94
N ASN D 131 13.51 -9.12 -11.46
CA ASN D 131 12.90 -9.30 -12.77
C ASN D 131 13.44 -8.38 -13.85
N TYR D 132 13.45 -7.06 -13.63
CA TYR D 132 13.83 -6.05 -14.62
C TYR D 132 14.46 -4.88 -13.88
N LYS D 133 15.74 -4.60 -14.12
CA LYS D 133 16.46 -3.65 -13.25
C LYS D 133 16.91 -2.44 -14.07
N LEU D 134 16.41 -1.32 -13.72
CA LEU D 134 16.87 -0.21 -14.53
C LEU D 134 18.17 0.36 -13.93
N PRO D 135 19.05 0.87 -14.78
CA PRO D 135 20.35 1.37 -14.32
C PRO D 135 20.21 2.58 -13.42
N ASP D 136 21.28 2.85 -12.66
CA ASP D 136 21.24 4.02 -11.78
C ASP D 136 21.07 5.31 -12.58
N ASP D 137 21.81 5.48 -13.68
CA ASP D 137 21.64 6.64 -14.59
C ASP D 137 21.03 6.16 -15.90
N PHE D 138 19.74 6.42 -16.03
CA PHE D 138 18.88 5.93 -17.10
C PHE D 138 18.70 7.02 -18.14
N THR D 139 18.64 6.61 -19.42
CA THR D 139 18.20 7.51 -20.46
C THR D 139 17.06 6.81 -21.20
N GLY D 140 15.83 7.14 -20.81
CA GLY D 140 14.70 6.44 -21.40
C GLY D 140 13.37 6.93 -20.89
N CYS D 141 12.32 6.14 -21.19
CA CYS D 141 10.97 6.38 -20.70
C CYS D 141 10.31 5.13 -20.14
N VAL D 142 9.50 5.34 -19.10
CA VAL D 142 8.69 4.29 -18.48
C VAL D 142 7.22 4.67 -18.63
N ILE D 143 6.47 3.81 -19.31
CA ILE D 143 5.10 4.04 -19.70
C ILE D 143 4.26 2.82 -19.35
N ALA D 144 3.17 3.04 -18.61
CA ALA D 144 2.35 1.93 -18.12
C ALA D 144 0.88 2.34 -18.06
N TRP D 145 0.00 1.40 -18.36
CA TRP D 145 -1.43 1.65 -18.25
C TRP D 145 -2.11 0.41 -17.68
N ASN D 146 -3.27 0.63 -17.07
CA ASN D 146 -4.03 -0.49 -16.52
C ASN D 146 -4.58 -1.37 -17.64
N SER D 147 -4.34 -2.68 -17.52
CA SER D 147 -4.72 -3.67 -18.51
C SER D 147 -5.74 -4.67 -17.99
N ASN D 148 -6.47 -4.32 -16.94
CA ASN D 148 -7.36 -5.27 -16.27
C ASN D 148 -8.42 -5.81 -17.21
N ASN D 149 -8.88 -4.97 -18.14
CA ASN D 149 -9.86 -5.39 -19.13
C ASN D 149 -9.32 -6.43 -20.09
N LEU D 150 -8.01 -6.48 -20.32
CA LEU D 150 -7.42 -7.43 -21.25
C LEU D 150 -6.76 -8.64 -20.58
N ASP D 151 -6.09 -8.41 -19.45
CA ASP D 151 -5.22 -9.41 -18.82
C ASP D 151 -5.80 -10.04 -17.57
N SER D 152 -7.00 -9.67 -17.17
CA SER D 152 -7.66 -10.26 -16.02
C SER D 152 -8.72 -11.24 -16.50
N LYS D 153 -8.75 -12.42 -15.88
CA LYS D 153 -9.79 -13.41 -16.11
C LYS D 153 -10.69 -13.59 -14.90
N VAL D 154 -11.88 -14.15 -15.17
CA VAL D 154 -12.83 -14.47 -14.12
C VAL D 154 -12.26 -15.58 -13.25
N GLY D 155 -11.75 -16.63 -13.90
CA GLY D 155 -11.02 -17.66 -13.20
C GLY D 155 -9.66 -17.23 -12.70
N GLY D 156 -9.13 -16.14 -13.25
CA GLY D 156 -7.76 -15.72 -13.01
C GLY D 156 -6.90 -16.03 -14.22
N ASN D 157 -5.95 -15.18 -14.49
CA ASN D 157 -5.06 -15.42 -15.61
C ASN D 157 -3.73 -15.90 -15.06
N TYR D 158 -3.41 -17.14 -15.29
CA TYR D 158 -2.24 -17.68 -14.63
C TYR D 158 -1.03 -17.62 -15.51
N ASN D 159 -1.14 -16.96 -16.67
CA ASN D 159 -0.03 -16.88 -17.61
C ASN D 159 0.99 -15.79 -17.30
N TYR D 160 0.61 -14.71 -16.61
CA TYR D 160 1.59 -13.67 -16.31
C TYR D 160 2.32 -14.07 -15.06
N LEU D 161 3.62 -14.29 -15.16
CA LEU D 161 4.42 -14.77 -14.04
C LEU D 161 5.49 -13.76 -13.66
N TYR D 162 6.14 -14.00 -12.53
CA TYR D 162 7.27 -13.22 -12.08
C TYR D 162 8.18 -14.09 -11.22
N ARG D 163 9.44 -13.67 -11.13
CA ARG D 163 10.45 -14.40 -10.38
C ARG D 163 10.49 -13.89 -8.95
N LEU D 164 10.42 -14.81 -8.00
CA LEU D 164 10.35 -14.56 -6.56
C LEU D 164 11.68 -14.76 -5.82
N PHE D 165 12.53 -15.69 -6.26
CA PHE D 165 13.78 -16.03 -5.55
C PHE D 165 14.97 -16.00 -6.51
N ARG D 166 16.10 -15.48 -6.02
CA ARG D 166 17.32 -15.52 -6.81
C ARG D 166 18.52 -15.44 -5.89
N LYS D 167 19.64 -16.02 -6.33
CA LYS D 167 20.83 -16.01 -5.49
C LYS D 167 21.36 -14.59 -5.25
N SER D 168 21.36 -13.72 -6.27
CA SER D 168 21.81 -12.33 -6.11
C SER D 168 20.89 -11.43 -6.91
N ASN D 169 20.99 -10.13 -6.69
CA ASN D 169 20.12 -9.25 -7.46
C ASN D 169 20.52 -9.21 -8.93
N LEU D 170 19.54 -8.98 -9.81
CA LEU D 170 19.85 -8.72 -11.21
C LEU D 170 20.67 -7.45 -11.32
N LYS D 171 21.65 -7.49 -12.21
CA LYS D 171 22.27 -6.27 -12.67
C LYS D 171 21.41 -5.64 -13.74
N PRO D 172 21.59 -4.34 -14.01
CA PRO D 172 20.65 -3.64 -14.90
C PRO D 172 20.57 -4.27 -16.28
N PHE D 173 19.34 -4.36 -16.79
CA PHE D 173 19.03 -4.92 -18.11
C PHE D 173 19.41 -6.38 -18.26
N GLU D 174 19.48 -7.09 -17.13
CA GLU D 174 19.70 -8.51 -17.16
C GLU D 174 18.35 -9.18 -17.31
N ARG D 175 18.37 -10.34 -17.96
CA ARG D 175 17.18 -11.14 -18.15
C ARG D 175 17.53 -12.52 -17.60
N ASP D 176 16.73 -13.01 -16.64
CA ASP D 176 16.91 -14.35 -16.10
C ASP D 176 15.67 -15.18 -16.34
N ILE D 177 15.85 -16.28 -17.05
CA ILE D 177 14.80 -17.27 -17.14
C ILE D 177 15.17 -18.53 -16.38
N SER D 178 16.21 -18.46 -15.54
CA SER D 178 16.67 -19.65 -14.82
C SER D 178 15.49 -20.20 -14.06
N THR D 179 15.21 -21.48 -14.28
CA THR D 179 14.10 -22.16 -13.65
C THR D 179 14.64 -23.23 -12.74
N GLU D 180 15.61 -22.91 -11.90
CA GLU D 180 16.23 -23.94 -11.08
C GLU D 180 15.65 -23.89 -9.69
N ILE D 181 15.84 -24.99 -8.99
CA ILE D 181 15.25 -25.11 -7.67
C ILE D 181 15.95 -24.06 -6.82
N TYR D 182 15.19 -23.22 -6.15
CA TYR D 182 15.82 -22.26 -5.29
C TYR D 182 15.99 -22.86 -3.92
N GLN D 183 17.23 -22.98 -3.48
CA GLN D 183 17.54 -23.56 -2.19
C GLN D 183 17.49 -22.49 -1.12
N ALA D 184 16.49 -22.56 -0.25
CA ALA D 184 16.42 -21.63 0.86
C ALA D 184 16.97 -22.22 2.15
N GLY D 185 17.40 -23.47 2.15
CA GLY D 185 17.82 -24.10 3.38
C GLY D 185 19.20 -24.73 3.27
N SER D 186 19.83 -24.88 4.42
CA SER D 186 21.20 -25.46 4.50
C SER D 186 21.26 -26.84 3.86
N THR D 187 20.31 -27.70 4.22
CA THR D 187 20.34 -29.07 3.68
C THR D 187 20.12 -28.94 2.18
N PRO D 188 20.99 -29.53 1.34
CA PRO D 188 20.80 -29.46 -0.07
C PRO D 188 19.49 -30.12 -0.51
N CYS D 189 18.77 -29.47 -1.41
CA CYS D 189 17.51 -30.03 -1.94
C CYS D 189 17.83 -31.30 -2.71
N ASN D 190 18.95 -31.32 -3.44
CA ASN D 190 19.38 -32.49 -4.25
C ASN D 190 18.55 -32.55 -5.54
N PHE D 195 13.85 -29.59 2.52
CA PHE D 195 14.03 -28.50 3.50
C PHE D 195 14.15 -27.16 2.77
N ASN D 196 13.11 -26.34 2.83
CA ASN D 196 13.17 -24.97 2.22
C ASN D 196 13.63 -25.01 0.76
N CYS D 197 12.92 -25.73 -0.13
CA CYS D 197 13.24 -25.71 -1.57
C CYS D 197 12.08 -25.05 -2.31
N TYR D 198 12.29 -23.93 -3.00
CA TYR D 198 11.14 -23.23 -3.62
C TYR D 198 11.34 -22.94 -5.11
N PHE D 199 10.26 -23.04 -5.91
CA PHE D 199 10.31 -22.72 -7.36
C PHE D 199 10.36 -21.19 -7.51
N PRO D 200 11.16 -20.63 -8.45
CA PRO D 200 11.32 -19.16 -8.52
C PRO D 200 10.15 -18.29 -9.00
N LEU D 201 9.32 -18.77 -9.92
CA LEU D 201 8.24 -18.00 -10.51
C LEU D 201 6.90 -18.25 -9.86
N GLN D 202 6.29 -17.21 -9.32
CA GLN D 202 4.88 -17.34 -8.96
C GLN D 202 4.04 -16.69 -10.03
N SER D 203 2.75 -16.89 -9.94
CA SER D 203 1.81 -16.39 -10.92
C SER D 203 1.00 -15.25 -10.33
N TYR D 204 0.50 -14.40 -11.21
CA TYR D 204 -0.36 -13.30 -10.82
C TYR D 204 -1.82 -13.68 -10.71
N GLY D 205 -2.29 -14.64 -11.51
CA GLY D 205 -3.65 -15.12 -11.38
C GLY D 205 -4.64 -13.98 -11.53
N PHE D 206 -4.43 -13.16 -12.54
CA PHE D 206 -5.12 -11.90 -12.60
C PHE D 206 -6.62 -12.12 -12.70
N GLN D 207 -7.35 -11.47 -11.82
CA GLN D 207 -8.79 -11.47 -11.77
C GLN D 207 -9.20 -10.04 -11.63
N PRO D 208 -10.37 -9.67 -12.02
CA PRO D 208 -10.84 -8.34 -11.64
C PRO D 208 -11.01 -8.31 -10.11
N THR D 209 -9.85 -8.23 -9.45
CA THR D 209 -9.80 -7.98 -8.02
C THR D 209 -10.37 -6.60 -7.83
N VAL D 212 -6.76 -2.38 -7.80
CA VAL D 212 -5.90 -2.18 -8.97
C VAL D 212 -4.46 -2.49 -8.62
N GLY D 213 -4.05 -2.16 -7.40
CA GLY D 213 -2.68 -2.41 -7.00
C GLY D 213 -2.27 -3.85 -7.21
N TYR D 214 -3.24 -4.75 -7.20
CA TYR D 214 -2.99 -6.12 -7.58
C TYR D 214 -3.45 -6.44 -8.99
N GLN D 215 -3.91 -5.43 -9.75
CA GLN D 215 -4.39 -5.62 -11.11
C GLN D 215 -3.21 -5.59 -12.09
N PRO D 216 -3.39 -6.15 -13.29
CA PRO D 216 -2.30 -6.15 -14.27
C PRO D 216 -2.09 -4.79 -14.88
N TYR D 217 -0.82 -4.46 -15.08
CA TYR D 217 -0.40 -3.23 -15.75
C TYR D 217 0.63 -3.61 -16.78
N ARG D 218 0.44 -3.12 -17.99
CA ARG D 218 1.44 -3.25 -19.03
C ARG D 218 2.42 -2.09 -18.88
N VAL D 219 3.68 -2.37 -19.19
CA VAL D 219 4.75 -1.41 -19.08
C VAL D 219 5.57 -1.45 -20.37
N VAL D 220 6.06 -0.29 -20.85
CA VAL D 220 7.00 -0.26 -21.96
C VAL D 220 8.18 0.60 -21.57
N VAL D 221 9.39 0.06 -21.71
CA VAL D 221 10.60 0.79 -21.37
C VAL D 221 11.37 1.06 -22.64
N LEU D 222 11.63 2.34 -22.89
CA LEU D 222 12.31 2.80 -24.10
C LEU D 222 13.68 3.29 -23.65
N SER D 223 14.73 2.58 -24.00
CA SER D 223 16.07 3.04 -23.65
C SER D 223 16.70 3.61 -24.92
N PHE D 224 17.32 4.79 -24.79
CA PHE D 224 17.85 5.52 -25.94
C PHE D 224 19.37 5.38 -26.02
N GLU D 225 19.86 4.73 -27.08
CA GLU D 225 21.27 4.35 -27.22
C GLU D 225 22.06 5.30 -28.10
N LEU D 226 23.19 5.77 -27.58
CA LEU D 226 24.07 6.66 -28.32
C LEU D 226 25.45 6.03 -28.45
N LEU D 227 25.90 5.76 -29.68
CA LEU D 227 27.17 5.08 -29.89
C LEU D 227 28.12 5.93 -30.72
N HIS D 228 29.32 5.39 -30.93
CA HIS D 228 30.20 5.84 -31.98
C HIS D 228 29.79 5.14 -33.29
N ALA D 229 28.55 5.41 -33.68
CA ALA D 229 27.95 4.88 -34.90
C ALA D 229 26.81 5.82 -35.29
N PRO D 230 26.39 5.80 -36.56
CA PRO D 230 25.39 6.76 -37.02
C PRO D 230 24.05 6.58 -36.28
N ALA D 231 23.59 7.69 -35.70
CA ALA D 231 22.25 7.73 -35.14
C ALA D 231 21.23 7.39 -36.20
N THR D 232 20.29 6.51 -35.90
CA THR D 232 19.34 6.12 -36.92
C THR D 232 17.90 6.25 -36.50
N VAL D 233 17.61 6.57 -35.25
CA VAL D 233 16.22 6.75 -34.83
C VAL D 233 16.05 8.20 -34.44
N CYS D 234 15.16 8.88 -35.17
CA CYS D 234 14.99 10.30 -35.00
C CYS D 234 13.51 10.66 -34.94
N GLY D 235 13.22 11.72 -34.19
CA GLY D 235 11.90 12.33 -34.19
C GLY D 235 11.72 13.23 -35.40
N PRO D 236 10.50 13.77 -35.57
CA PRO D 236 10.31 14.71 -36.68
C PRO D 236 11.14 15.93 -36.35
N LYS D 237 12.27 16.06 -37.04
CA LYS D 237 13.31 16.99 -36.63
C LYS D 237 12.79 18.41 -36.46
N GLU E 1 -12.40 -39.27 26.42
CA GLU E 1 -11.60 -38.20 25.83
C GLU E 1 -12.21 -36.85 26.18
N VAL E 2 -11.47 -35.79 25.79
CA VAL E 2 -11.86 -34.43 26.14
C VAL E 2 -13.12 -34.05 25.41
N GLN E 3 -14.12 -33.60 26.16
CA GLN E 3 -15.38 -33.12 25.63
C GLN E 3 -15.54 -31.70 26.14
N LEU E 4 -15.93 -30.78 25.26
CA LEU E 4 -16.25 -29.43 25.70
C LEU E 4 -17.75 -29.28 25.61
N VAL E 5 -18.38 -29.06 26.77
CA VAL E 5 -19.83 -29.10 26.87
C VAL E 5 -20.33 -27.68 27.18
N GLU E 6 -21.24 -27.22 26.33
CA GLU E 6 -21.89 -25.92 26.45
C GLU E 6 -23.36 -26.10 26.76
N SER E 7 -23.93 -25.09 27.39
CA SER E 7 -25.36 -25.07 27.67
C SER E 7 -25.85 -23.64 27.52
N GLY E 8 -27.16 -23.47 27.54
CA GLY E 8 -27.73 -22.14 27.63
C GLY E 8 -28.25 -21.52 26.37
N GLY E 9 -28.20 -22.19 25.22
CA GLY E 9 -28.78 -21.61 24.02
C GLY E 9 -30.29 -21.69 24.04
N GLY E 10 -30.94 -20.77 23.34
CA GLY E 10 -32.40 -20.72 23.40
C GLY E 10 -32.91 -19.51 22.64
N LEU E 11 -34.16 -19.16 22.91
CA LEU E 11 -34.82 -18.05 22.24
C LEU E 11 -34.88 -16.84 23.17
N VAL E 12 -34.52 -15.67 22.64
CA VAL E 12 -34.51 -14.41 23.38
C VAL E 12 -35.14 -13.35 22.48
N GLN E 13 -35.87 -12.41 23.09
CA GLN E 13 -36.45 -11.32 22.34
C GLN E 13 -35.40 -10.25 22.02
N PRO E 14 -35.54 -9.52 20.91
CA PRO E 14 -34.68 -8.35 20.69
C PRO E 14 -34.66 -7.41 21.89
N GLY E 15 -33.45 -7.03 22.30
CA GLY E 15 -33.20 -6.24 23.48
C GLY E 15 -32.98 -7.07 24.71
N GLY E 16 -33.23 -8.36 24.61
CA GLY E 16 -33.10 -9.28 25.71
C GLY E 16 -31.67 -9.71 25.94
N SER E 17 -31.48 -10.44 27.03
CA SER E 17 -30.18 -10.93 27.47
C SER E 17 -30.20 -12.46 27.61
N LEU E 18 -29.08 -13.09 27.26
CA LEU E 18 -28.88 -14.53 27.42
C LEU E 18 -27.45 -14.77 27.89
N ARG E 19 -27.25 -15.84 28.65
CA ARG E 19 -25.95 -16.18 29.22
C ARG E 19 -25.59 -17.60 28.83
N ILE E 20 -24.38 -17.81 28.30
CA ILE E 20 -23.95 -19.15 27.88
C ILE E 20 -22.57 -19.54 28.42
N SER E 21 -22.41 -20.84 28.68
CA SER E 21 -21.21 -21.37 29.33
C SER E 21 -20.64 -22.55 28.56
N CYS E 22 -19.30 -22.69 28.66
CA CYS E 22 -18.54 -23.83 28.15
C CYS E 22 -17.78 -24.39 29.33
N ALA E 23 -17.99 -25.67 29.64
CA ALA E 23 -17.37 -26.34 30.78
C ALA E 23 -16.37 -27.35 30.28
N ALA E 24 -15.19 -27.41 30.88
CA ALA E 24 -14.12 -28.24 30.36
C ALA E 24 -13.92 -29.51 31.17
N SER E 25 -13.48 -30.56 30.48
CA SER E 25 -13.03 -31.79 31.11
C SER E 25 -11.97 -32.44 30.23
N GLY E 26 -10.90 -32.91 30.87
CA GLY E 26 -9.82 -33.59 30.18
C GLY E 26 -8.67 -32.71 29.72
N LEU E 27 -8.71 -31.41 30.01
CA LEU E 27 -7.58 -30.56 29.71
C LEU E 27 -7.50 -29.49 30.77
N THR E 28 -6.30 -28.96 30.98
CA THR E 28 -6.16 -27.85 31.89
C THR E 28 -6.53 -26.61 31.08
N PHE E 29 -7.70 -26.06 31.39
CA PHE E 29 -8.33 -24.90 30.77
C PHE E 29 -7.69 -23.57 31.20
N THR E 30 -6.78 -23.62 32.18
CA THR E 30 -6.22 -22.46 32.87
C THR E 30 -5.18 -21.68 32.06
N GLY E 31 -4.28 -22.36 31.36
CA GLY E 31 -3.08 -21.72 30.82
C GLY E 31 -3.18 -21.18 29.40
N TYR E 32 -4.40 -21.05 28.92
CA TYR E 32 -4.72 -20.86 27.52
C TYR E 32 -5.63 -19.65 27.33
N TRP E 33 -5.74 -19.20 26.07
CA TRP E 33 -6.66 -18.14 25.70
C TRP E 33 -8.01 -18.75 25.33
N MET E 34 -9.08 -18.25 25.90
CA MET E 34 -10.40 -18.83 25.66
C MET E 34 -11.21 -17.95 24.73
N ASN E 35 -11.97 -18.56 23.81
CA ASN E 35 -12.63 -17.72 22.81
C ASN E 35 -14.03 -18.22 22.50
N TRP E 36 -14.91 -17.29 22.16
CA TRP E 36 -16.21 -17.62 21.59
C TRP E 36 -16.24 -17.24 20.10
N VAL E 37 -16.62 -18.20 19.25
CA VAL E 37 -16.73 -18.00 17.80
C VAL E 37 -18.02 -18.63 17.27
N ARG E 38 -18.87 -17.80 16.63
CA ARG E 38 -20.21 -18.15 16.21
C ARG E 38 -20.30 -18.41 14.70
N GLN E 39 -21.38 -19.08 14.28
CA GLN E 39 -21.64 -19.44 12.88
C GLN E 39 -23.16 -19.47 12.66
N ALA E 40 -23.70 -18.50 11.91
CA ALA E 40 -25.12 -18.46 11.61
C ALA E 40 -25.51 -19.60 10.66
N PRO E 41 -26.80 -19.93 10.55
CA PRO E 41 -27.19 -21.03 9.64
C PRO E 41 -26.77 -20.75 8.22
N GLY E 42 -26.16 -21.74 7.58
CA GLY E 42 -25.77 -21.61 6.18
C GLY E 42 -24.76 -20.49 5.96
N LYS E 43 -23.83 -20.33 6.89
CA LYS E 43 -22.88 -19.22 6.91
C LYS E 43 -21.53 -19.70 7.41
N GLY E 44 -20.60 -18.76 7.56
CA GLY E 44 -19.22 -19.07 7.88
C GLY E 44 -18.81 -18.64 9.28
N LEU E 45 -17.60 -19.07 9.66
CA LEU E 45 -17.08 -18.81 11.02
C LEU E 45 -16.78 -17.34 11.26
N GLU E 46 -17.22 -16.81 12.39
CA GLU E 46 -16.94 -15.44 12.81
C GLU E 46 -16.49 -15.43 14.27
N TRP E 47 -15.26 -15.01 14.53
CA TRP E 47 -14.77 -14.88 15.89
C TRP E 47 -15.49 -13.77 16.66
N VAL E 48 -15.89 -14.06 17.90
CA VAL E 48 -16.78 -13.21 18.70
C VAL E 48 -16.05 -12.57 19.89
N ALA E 49 -15.30 -13.34 20.65
CA ALA E 49 -14.46 -12.65 21.64
C ALA E 49 -13.43 -13.62 22.19
N ASN E 50 -12.47 -13.07 22.94
CA ASN E 50 -11.57 -13.94 23.66
C ASN E 50 -11.07 -13.26 24.94
N ILE E 51 -10.46 -14.06 25.81
CA ILE E 51 -10.15 -13.65 27.17
C ILE E 51 -8.82 -14.25 27.60
N LYS E 52 -8.04 -13.49 28.36
CA LYS E 52 -6.70 -13.96 28.65
C LYS E 52 -6.76 -15.04 29.72
N GLU E 53 -5.66 -15.78 29.83
CA GLU E 53 -5.69 -16.93 30.72
C GLU E 53 -6.04 -16.53 32.15
N ASP E 54 -5.56 -15.38 32.61
CA ASP E 54 -5.86 -14.98 33.97
C ASP E 54 -7.03 -14.01 34.09
N GLY E 55 -7.68 -13.67 32.99
CA GLY E 55 -8.78 -12.73 32.98
C GLY E 55 -8.40 -11.27 32.88
N SER E 56 -7.10 -10.96 32.67
CA SER E 56 -6.61 -9.59 32.72
C SER E 56 -7.26 -8.74 31.64
N GLU E 57 -7.32 -9.25 30.41
CA GLU E 57 -7.78 -8.50 29.26
C GLU E 57 -8.84 -9.31 28.53
N LYS E 58 -9.84 -8.60 28.02
CA LYS E 58 -10.91 -9.18 27.23
C LYS E 58 -11.06 -8.38 25.94
N TYR E 59 -11.27 -9.08 24.84
CA TYR E 59 -11.39 -8.47 23.52
C TYR E 59 -12.60 -9.04 22.80
N TYR E 60 -13.33 -8.16 22.12
CA TYR E 60 -14.57 -8.47 21.42
C TYR E 60 -14.55 -7.87 20.01
N VAL E 61 -15.32 -8.49 19.10
CA VAL E 61 -15.56 -7.97 17.75
C VAL E 61 -16.50 -6.76 17.83
N ASP E 62 -16.38 -5.87 16.81
CA ASP E 62 -16.96 -4.53 16.91
C ASP E 62 -18.46 -4.59 17.08
N SER E 63 -19.11 -5.51 16.36
CA SER E 63 -20.57 -5.53 16.33
C SER E 63 -21.18 -6.01 17.64
N VAL E 64 -20.41 -6.65 18.53
CA VAL E 64 -20.94 -7.05 19.84
C VAL E 64 -20.50 -6.12 20.96
N LYS E 65 -19.66 -5.13 20.68
CA LYS E 65 -19.07 -4.35 21.76
C LYS E 65 -20.12 -3.64 22.61
N GLY E 66 -19.94 -3.69 23.91
CA GLY E 66 -20.84 -3.06 24.85
C GLY E 66 -21.99 -3.99 25.16
N ARG E 67 -22.34 -4.85 24.19
CA ARG E 67 -23.44 -5.79 24.36
C ARG E 67 -23.03 -7.12 25.00
N PHE E 68 -21.83 -7.63 24.75
CA PHE E 68 -21.43 -8.92 25.31
C PHE E 68 -20.32 -8.71 26.33
N THR E 69 -20.35 -9.52 27.40
CA THR E 69 -19.24 -9.58 28.35
C THR E 69 -18.81 -11.04 28.47
N ILE E 70 -17.52 -11.28 28.26
CA ILE E 70 -16.95 -12.63 28.35
C ILE E 70 -16.24 -12.74 29.68
N SER E 71 -16.44 -13.87 30.39
CA SER E 71 -15.84 -14.12 31.70
C SER E 71 -15.42 -15.57 31.79
N ARG E 72 -14.59 -15.88 32.78
CA ARG E 72 -14.14 -17.25 32.99
C ARG E 72 -13.94 -17.54 34.47
N ASP E 73 -14.17 -18.80 34.85
CA ASP E 73 -13.81 -19.37 36.15
C ASP E 73 -12.84 -20.50 35.87
N ASN E 74 -11.60 -20.35 36.31
CA ASN E 74 -10.64 -21.43 36.14
C ASN E 74 -10.94 -22.58 37.10
N ALA E 75 -11.52 -22.29 38.28
CA ALA E 75 -11.82 -23.33 39.27
C ALA E 75 -12.79 -24.36 38.73
N LYS E 76 -13.85 -23.93 38.04
CA LYS E 76 -14.81 -24.83 37.39
C LYS E 76 -14.36 -25.31 36.02
N ASN E 77 -13.21 -24.81 35.52
CA ASN E 77 -12.78 -24.97 34.12
C ASN E 77 -13.94 -24.61 33.19
N SER E 78 -14.41 -23.38 33.35
CA SER E 78 -15.60 -22.92 32.66
C SER E 78 -15.37 -21.55 32.03
N LEU E 79 -15.94 -21.37 30.82
CA LEU E 79 -15.93 -20.11 30.06
C LEU E 79 -17.36 -19.62 29.87
N TYR E 80 -17.52 -18.30 29.94
CA TYR E 80 -18.84 -17.70 29.98
C TYR E 80 -18.91 -16.55 29.00
N LEU E 81 -20.11 -16.31 28.48
CA LEU E 81 -20.38 -15.22 27.54
C LEU E 81 -21.78 -14.65 27.82
N GLN E 82 -21.85 -13.53 28.52
CA GLN E 82 -23.11 -12.82 28.70
C GLN E 82 -23.44 -12.02 27.43
N MET E 83 -24.62 -12.25 26.87
CA MET E 83 -25.05 -11.55 25.66
C MET E 83 -26.17 -10.60 26.04
N ASN E 84 -25.97 -9.29 25.90
CA ASN E 84 -27.03 -8.36 26.20
C ASN E 84 -27.51 -7.68 24.92
N SER E 85 -28.54 -6.84 25.06
CA SER E 85 -29.07 -6.00 24.00
C SER E 85 -29.09 -6.75 22.68
N LEU E 86 -29.51 -8.01 22.68
CA LEU E 86 -29.35 -8.87 21.52
C LEU E 86 -30.16 -8.38 20.32
N ARG E 87 -29.59 -8.63 19.13
CA ARG E 87 -30.14 -8.23 17.84
C ARG E 87 -30.29 -9.47 16.96
N VAL E 88 -31.07 -9.33 15.88
CA VAL E 88 -31.36 -10.47 15.01
C VAL E 88 -30.09 -11.03 14.38
N GLU E 89 -29.19 -10.16 13.95
CA GLU E 89 -27.98 -10.56 13.25
C GLU E 89 -27.12 -11.53 14.08
N ASP E 90 -27.31 -11.54 15.39
CA ASP E 90 -26.55 -12.38 16.30
C ASP E 90 -26.99 -13.83 16.26
N THR E 91 -28.13 -14.11 15.62
CA THR E 91 -28.66 -15.47 15.51
C THR E 91 -27.61 -16.35 14.89
N ALA E 92 -27.10 -17.30 15.68
CA ALA E 92 -26.01 -18.16 15.24
C ALA E 92 -25.86 -19.29 16.24
N VAL E 93 -25.28 -20.39 15.76
CA VAL E 93 -24.75 -21.42 16.63
C VAL E 93 -23.45 -20.87 17.17
N TYR E 94 -23.30 -20.85 18.50
CA TYR E 94 -22.13 -20.26 19.16
C TYR E 94 -21.23 -21.37 19.67
N TYR E 95 -20.04 -21.44 19.11
CA TYR E 95 -19.06 -22.43 19.51
C TYR E 95 -18.07 -21.79 20.48
N CYS E 96 -17.54 -22.58 21.38
CA CYS E 96 -16.48 -22.17 22.26
C CYS E 96 -15.20 -22.88 21.84
N ALA E 97 -14.06 -22.19 21.88
CA ALA E 97 -12.86 -22.88 21.45
C ALA E 97 -11.63 -22.34 22.16
N ARG E 98 -10.62 -23.18 22.26
CA ARG E 98 -9.41 -22.87 23.00
C ARG E 98 -8.27 -22.81 21.99
N LEU E 99 -7.56 -21.73 21.93
CA LEU E 99 -6.40 -21.68 21.03
C LEU E 99 -5.18 -22.20 21.79
N ARG E 100 -4.42 -23.01 21.16
CA ARG E 100 -3.21 -23.61 21.71
C ARG E 100 -2.21 -22.55 22.17
N TRP E 101 -1.96 -21.55 21.33
CA TRP E 101 -1.16 -20.37 21.66
C TRP E 101 -1.92 -19.23 21.00
N LEU E 102 -1.55 -17.97 21.26
CA LEU E 102 -2.38 -16.83 20.83
C LEU E 102 -2.58 -16.76 19.30
N ARG E 103 -1.54 -17.00 18.49
CA ARG E 103 -1.67 -16.95 17.04
C ARG E 103 -1.82 -18.34 16.40
N GLY E 104 -1.93 -19.41 17.19
CA GLY E 104 -2.02 -20.77 16.70
C GLY E 104 -3.41 -21.31 16.47
N ASN E 105 -3.50 -22.62 16.41
CA ASN E 105 -4.71 -23.33 16.07
C ASN E 105 -5.66 -23.39 17.25
N PHE E 106 -6.92 -23.63 16.93
CA PHE E 106 -7.90 -24.01 17.93
C PHE E 106 -7.85 -25.52 18.00
N ASP E 107 -7.16 -26.03 19.03
CA ASP E 107 -6.97 -27.47 19.18
C ASP E 107 -8.19 -28.16 19.77
N HIS E 108 -9.00 -27.45 20.59
CA HIS E 108 -10.19 -28.06 21.18
C HIS E 108 -11.42 -27.15 20.97
N TRP E 109 -12.56 -27.76 20.61
CA TRP E 109 -13.81 -27.05 20.36
C TRP E 109 -14.97 -27.70 21.12
N GLY E 110 -16.03 -26.88 21.36
CA GLY E 110 -17.29 -27.36 21.88
C GLY E 110 -18.29 -27.74 20.79
N GLN E 111 -19.30 -28.52 21.20
CA GLN E 111 -20.29 -29.11 20.29
C GLN E 111 -21.25 -28.07 19.71
N GLY E 112 -21.34 -26.91 20.36
CA GLY E 112 -22.13 -25.79 19.86
C GLY E 112 -23.50 -25.56 20.45
N THR E 113 -23.78 -24.31 20.80
CA THR E 113 -25.13 -23.91 21.17
C THR E 113 -25.68 -22.81 20.28
N LEU E 114 -26.97 -22.95 19.95
CA LEU E 114 -27.70 -22.07 19.07
C LEU E 114 -28.48 -21.04 19.88
N VAL E 115 -28.29 -19.77 19.55
CA VAL E 115 -29.13 -18.69 20.06
C VAL E 115 -29.97 -18.17 18.91
N THR E 116 -31.28 -18.15 19.07
CA THR E 116 -32.17 -17.56 18.09
C THR E 116 -32.74 -16.27 18.68
N VAL E 117 -32.79 -15.23 17.85
CA VAL E 117 -33.29 -13.93 18.29
C VAL E 117 -34.34 -13.49 17.30
N SER E 118 -35.59 -13.38 17.76
CA SER E 118 -36.70 -12.96 16.94
C SER E 118 -37.94 -12.69 17.79
N SER E 119 -39.10 -12.68 17.18
CA SER E 119 -40.37 -12.54 17.87
C SER E 119 -40.66 -13.80 18.71
N ALA E 120 -41.85 -13.85 19.28
CA ALA E 120 -42.20 -14.74 20.38
C ALA E 120 -42.39 -16.19 19.91
N SER E 121 -43.14 -16.95 20.72
CA SER E 121 -43.63 -18.29 20.39
C SER E 121 -42.56 -19.36 20.29
N THR E 122 -41.98 -19.74 21.42
CA THR E 122 -41.19 -20.95 21.54
C THR E 122 -42.17 -22.10 21.42
N LYS E 123 -42.68 -22.32 20.21
CA LYS E 123 -43.77 -23.26 20.02
C LYS E 123 -43.18 -24.65 19.83
N GLY E 124 -43.74 -25.62 20.55
CA GLY E 124 -43.26 -26.98 20.59
C GLY E 124 -43.69 -27.87 19.44
N PRO E 125 -42.95 -28.95 19.24
CA PRO E 125 -43.28 -29.89 18.17
C PRO E 125 -44.47 -30.76 18.52
N SER E 126 -45.20 -31.14 17.47
CA SER E 126 -46.21 -32.16 17.55
C SER E 126 -45.63 -33.39 16.85
N VAL E 127 -45.39 -34.47 17.59
CA VAL E 127 -44.68 -35.63 17.06
C VAL E 127 -45.69 -36.71 16.68
N PHE E 128 -45.68 -37.13 15.41
CA PHE E 128 -46.63 -38.07 14.81
C PHE E 128 -45.92 -39.31 14.32
N PRO E 129 -46.53 -40.49 14.43
CA PRO E 129 -45.84 -41.70 13.97
C PRO E 129 -46.06 -41.90 12.48
N LEU E 130 -44.97 -42.13 11.74
CA LEU E 130 -44.99 -42.42 10.30
C LEU E 130 -44.74 -43.92 10.22
N ALA E 131 -45.82 -44.69 9.99
CA ALA E 131 -46.00 -46.14 10.08
C ALA E 131 -45.82 -46.82 8.74
N PRO E 132 -45.19 -47.99 8.77
CA PRO E 132 -44.98 -48.91 7.63
C PRO E 132 -46.25 -49.63 7.17
N THR E 141 -37.28 -55.29 3.21
CA THR E 141 -36.82 -54.13 3.98
C THR E 141 -37.82 -52.97 3.88
N ALA E 142 -38.25 -52.47 5.04
CA ALA E 142 -39.27 -51.43 5.15
C ALA E 142 -38.81 -50.30 6.06
N ALA E 143 -39.39 -49.13 5.85
CA ALA E 143 -38.99 -47.90 6.53
C ALA E 143 -40.10 -47.42 7.47
N LEU E 144 -39.69 -46.93 8.64
CA LEU E 144 -40.61 -46.39 9.64
C LEU E 144 -39.94 -45.20 10.34
N GLY E 145 -40.74 -44.23 10.73
CA GLY E 145 -40.14 -43.06 11.34
C GLY E 145 -41.17 -42.12 11.89
N CYS E 146 -40.70 -40.96 12.32
CA CYS E 146 -41.49 -39.97 13.04
C CYS E 146 -41.48 -38.64 12.30
N LEU E 147 -42.56 -37.89 12.43
CA LEU E 147 -42.69 -36.55 11.84
C LEU E 147 -42.73 -35.53 12.97
N VAL E 148 -41.84 -34.54 12.94
CA VAL E 148 -41.73 -33.52 13.99
C VAL E 148 -42.28 -32.21 13.42
N LYS E 149 -43.52 -31.87 13.76
CA LYS E 149 -44.28 -30.80 13.11
C LYS E 149 -44.24 -29.49 13.89
N ASP E 150 -44.27 -28.38 13.15
CA ASP E 150 -44.61 -27.06 13.66
C ASP E 150 -43.87 -26.71 14.95
N TYR E 151 -42.55 -26.54 14.87
CA TYR E 151 -41.81 -26.21 16.07
C TYR E 151 -40.94 -24.98 15.87
N PHE E 152 -40.44 -24.43 16.99
CA PHE E 152 -39.57 -23.27 16.96
C PHE E 152 -38.94 -22.95 18.32
N PRO E 153 -37.69 -22.45 18.39
CA PRO E 153 -36.68 -22.46 17.32
C PRO E 153 -35.93 -23.77 17.40
N GLU E 154 -34.85 -23.90 16.64
CA GLU E 154 -33.99 -25.08 16.69
C GLU E 154 -33.11 -25.06 17.95
N PRO E 155 -32.49 -26.20 18.31
CA PRO E 155 -32.41 -27.49 17.62
C PRO E 155 -33.31 -28.58 18.15
N VAL E 156 -33.62 -29.57 17.32
CA VAL E 156 -34.37 -30.75 17.76
C VAL E 156 -33.49 -31.98 17.63
N THR E 157 -33.50 -32.79 18.69
CA THR E 157 -32.77 -34.04 18.74
C THR E 157 -33.76 -35.20 18.66
N VAL E 158 -33.48 -36.15 17.78
CA VAL E 158 -34.31 -37.33 17.56
C VAL E 158 -33.42 -38.57 17.72
N SER E 159 -33.87 -39.50 18.57
CA SER E 159 -33.16 -40.72 18.93
C SER E 159 -34.10 -41.90 18.82
N TRP E 160 -33.57 -43.11 18.94
CA TRP E 160 -34.44 -44.29 18.72
C TRP E 160 -34.20 -45.34 19.79
N ASN E 161 -33.21 -45.10 20.65
CA ASN E 161 -32.93 -46.03 21.77
C ASN E 161 -34.16 -46.06 22.68
N GLY E 168 -29.70 -48.13 11.27
CA GLY E 168 -29.47 -47.17 10.18
C GLY E 168 -30.47 -46.03 10.24
N VAL E 169 -30.21 -45.02 11.09
CA VAL E 169 -31.16 -43.88 11.26
C VAL E 169 -30.72 -42.74 10.35
N HIS E 170 -31.65 -42.12 9.63
CA HIS E 170 -31.30 -40.90 8.86
C HIS E 170 -32.29 -39.80 9.21
N THR E 171 -31.87 -38.87 10.06
CA THR E 171 -32.74 -37.74 10.35
C THR E 171 -32.46 -36.62 9.36
N PHE E 172 -33.54 -35.94 8.90
CA PHE E 172 -33.35 -35.02 7.79
C PHE E 172 -33.30 -33.59 8.31
N PRO E 173 -32.64 -32.68 7.59
CA PRO E 173 -32.73 -31.28 7.98
C PRO E 173 -34.16 -30.80 7.82
N ALA E 174 -34.52 -29.83 8.64
CA ALA E 174 -35.88 -29.35 8.60
C ALA E 174 -36.09 -28.39 7.43
N VAL E 175 -37.33 -27.98 7.27
CA VAL E 175 -37.75 -26.93 6.36
C VAL E 175 -38.44 -25.87 7.20
N LEU E 176 -38.21 -24.59 6.88
CA LEU E 176 -38.86 -23.48 7.57
C LEU E 176 -40.09 -23.09 6.76
N GLN E 177 -41.28 -23.32 7.31
CA GLN E 177 -42.50 -23.20 6.54
C GLN E 177 -42.87 -21.73 6.38
N SER E 178 -43.95 -21.48 5.62
CA SER E 178 -44.41 -20.12 5.39
C SER E 178 -44.87 -19.46 6.68
N SER E 179 -45.38 -20.25 7.63
CA SER E 179 -45.78 -19.73 8.93
C SER E 179 -44.58 -19.29 9.74
N GLY E 180 -43.38 -19.76 9.39
CA GLY E 180 -42.18 -19.45 10.13
C GLY E 180 -41.72 -20.49 11.12
N LEU E 181 -42.30 -21.69 11.09
CA LEU E 181 -41.95 -22.74 12.04
C LEU E 181 -41.34 -23.93 11.29
N TYR E 182 -40.43 -24.62 11.95
CA TYR E 182 -39.74 -25.75 11.34
C TYR E 182 -40.55 -27.03 11.42
N SER E 183 -40.34 -27.93 10.46
CA SER E 183 -40.88 -29.29 10.49
C SER E 183 -39.78 -30.26 10.05
N LEU E 184 -39.73 -31.42 10.67
CA LEU E 184 -38.64 -32.35 10.50
C LEU E 184 -39.18 -33.77 10.38
N SER E 185 -38.51 -34.61 9.62
CA SER E 185 -38.92 -36.00 9.50
C SER E 185 -37.69 -36.83 9.83
N SER E 186 -37.91 -38.10 10.13
CA SER E 186 -36.75 -38.95 10.42
C SER E 186 -37.11 -40.39 10.14
N VAL E 187 -36.24 -41.12 9.48
CA VAL E 187 -36.57 -42.47 9.08
C VAL E 187 -35.42 -43.41 9.41
N VAL E 188 -35.78 -44.66 9.72
CA VAL E 188 -34.86 -45.75 9.93
C VAL E 188 -35.43 -46.90 9.13
N THR E 189 -34.57 -47.84 8.76
CA THR E 189 -34.98 -48.97 7.95
C THR E 189 -34.63 -50.25 8.69
N VAL E 190 -35.55 -51.22 8.64
CA VAL E 190 -35.37 -52.46 9.41
C VAL E 190 -35.92 -53.64 8.63
N PRO E 191 -35.40 -54.85 8.83
CA PRO E 191 -35.93 -55.99 8.08
C PRO E 191 -37.43 -56.21 8.33
N SER E 192 -38.12 -56.67 7.29
CA SER E 192 -39.57 -56.85 7.39
C SER E 192 -39.93 -57.88 8.45
N SER E 193 -39.09 -58.90 8.62
CA SER E 193 -39.37 -59.96 9.57
C SER E 193 -39.42 -59.43 11.00
N SER E 194 -38.61 -58.43 11.32
CA SER E 194 -38.47 -57.98 12.70
C SER E 194 -39.54 -56.98 13.12
N LEU E 195 -40.53 -56.67 12.27
CA LEU E 195 -41.58 -55.75 12.67
C LEU E 195 -42.40 -56.30 13.84
N GLY E 196 -42.79 -57.57 13.78
CA GLY E 196 -43.60 -58.13 14.85
C GLY E 196 -42.87 -58.25 16.18
N THR E 197 -41.60 -58.66 16.14
CA THR E 197 -40.87 -58.96 17.36
C THR E 197 -40.34 -57.70 18.04
N GLN E 198 -39.67 -56.84 17.29
CA GLN E 198 -38.96 -55.69 17.85
C GLN E 198 -39.86 -54.46 17.94
N THR E 199 -39.64 -53.66 18.98
CA THR E 199 -40.39 -52.44 19.23
C THR E 199 -39.52 -51.23 18.93
N TYR E 200 -40.05 -50.27 18.17
CA TYR E 200 -39.32 -49.09 17.72
C TYR E 200 -40.02 -47.85 18.27
N ILE E 201 -39.28 -47.04 19.01
CA ILE E 201 -39.78 -45.79 19.57
C ILE E 201 -38.76 -44.70 19.31
N CYS E 202 -39.22 -43.55 18.83
CA CYS E 202 -38.34 -42.41 18.58
C CYS E 202 -38.50 -41.40 19.71
N ASN E 203 -37.38 -40.83 20.13
CA ASN E 203 -37.32 -39.88 21.22
C ASN E 203 -37.02 -38.50 20.63
N VAL E 204 -38.00 -37.60 20.72
CA VAL E 204 -37.91 -36.24 20.20
C VAL E 204 -37.72 -35.30 21.37
N ASN E 205 -36.70 -34.45 21.32
CA ASN E 205 -36.51 -33.44 22.34
C ASN E 205 -36.36 -32.06 21.70
N HIS E 206 -37.21 -31.13 22.13
CA HIS E 206 -37.13 -29.74 21.72
C HIS E 206 -36.85 -28.97 23.00
N LYS E 207 -35.56 -28.80 23.31
CA LYS E 207 -35.15 -28.14 24.54
C LYS E 207 -35.79 -26.77 24.73
N PRO E 208 -35.93 -25.91 23.71
CA PRO E 208 -36.62 -24.64 23.93
C PRO E 208 -38.02 -24.78 24.51
N SER E 209 -38.79 -25.79 24.11
CA SER E 209 -40.17 -25.93 24.57
C SER E 209 -40.31 -26.90 25.75
N ASN E 210 -39.19 -27.40 26.28
CA ASN E 210 -39.22 -28.39 27.36
C ASN E 210 -40.11 -29.56 26.98
N THR E 211 -40.04 -29.94 25.71
CA THR E 211 -40.79 -31.05 25.15
C THR E 211 -39.86 -32.25 25.03
N LYS E 212 -40.29 -33.38 25.59
CA LYS E 212 -39.61 -34.66 25.42
C LYS E 212 -40.72 -35.68 25.17
N VAL E 213 -40.82 -36.23 23.94
CA VAL E 213 -41.92 -37.12 23.59
C VAL E 213 -41.38 -38.43 23.02
N ASP E 214 -41.94 -39.56 23.48
CA ASP E 214 -41.64 -40.89 22.96
C ASP E 214 -42.86 -41.42 22.21
N LYS E 215 -42.68 -41.82 20.96
CA LYS E 215 -43.81 -42.34 20.17
C LYS E 215 -43.49 -43.71 19.59
N LYS E 216 -44.44 -44.65 19.74
CA LYS E 216 -44.31 -45.98 19.17
C LYS E 216 -44.77 -45.99 17.72
N VAL E 217 -44.21 -46.92 16.95
CA VAL E 217 -44.45 -47.00 15.54
C VAL E 217 -44.90 -48.40 15.11
N PHE F 2 -8.37 -5.12 8.29
CA PHE F 2 -7.74 -6.32 7.71
C PHE F 2 -8.77 -7.40 7.51
N MET F 3 -8.70 -8.08 6.37
CA MET F 3 -9.72 -9.02 5.97
C MET F 3 -9.05 -10.18 5.23
N LEU F 4 -9.80 -11.28 5.04
CA LEU F 4 -9.34 -12.41 4.23
C LEU F 4 -10.38 -12.83 3.21
N THR F 5 -9.93 -13.06 1.97
CA THR F 5 -10.77 -13.49 0.88
C THR F 5 -10.35 -14.89 0.44
N GLN F 6 -11.32 -15.74 0.16
CA GLN F 6 -11.06 -17.08 -0.35
C GLN F 6 -11.88 -17.28 -1.61
N PRO F 7 -11.47 -18.21 -2.48
CA PRO F 7 -12.31 -18.54 -3.63
C PRO F 7 -13.59 -19.13 -3.09
N HIS F 8 -14.69 -18.79 -3.76
CA HIS F 8 -15.99 -19.26 -3.27
C HIS F 8 -16.05 -20.78 -3.34
N SER F 9 -15.59 -21.35 -4.47
CA SER F 9 -15.59 -22.79 -4.69
C SER F 9 -14.32 -23.20 -5.43
N VAL F 10 -13.84 -24.42 -5.17
CA VAL F 10 -12.77 -25.02 -5.99
C VAL F 10 -13.01 -26.53 -6.14
N SER F 11 -12.79 -27.02 -7.36
CA SER F 11 -12.97 -28.40 -7.75
C SER F 11 -11.71 -28.94 -8.45
N GLU F 12 -11.39 -30.20 -8.19
CA GLU F 12 -10.33 -30.95 -8.86
C GLU F 12 -10.61 -32.44 -8.69
N SER F 13 -10.09 -33.24 -9.63
CA SER F 13 -10.40 -34.65 -9.72
C SER F 13 -9.75 -35.47 -8.60
N PRO F 14 -10.25 -36.70 -8.33
CA PRO F 14 -9.57 -37.60 -7.39
C PRO F 14 -8.17 -37.94 -7.85
N GLY F 15 -7.27 -38.03 -6.87
CA GLY F 15 -5.88 -38.38 -7.11
C GLY F 15 -5.01 -37.23 -7.52
N LYS F 16 -5.58 -36.05 -7.71
CA LYS F 16 -4.83 -34.89 -8.13
C LYS F 16 -4.53 -34.05 -6.90
N THR F 17 -3.98 -32.86 -7.10
CA THR F 17 -3.61 -31.95 -6.02
C THR F 17 -4.35 -30.64 -6.20
N VAL F 18 -4.91 -30.13 -5.11
CA VAL F 18 -5.66 -28.88 -5.07
C VAL F 18 -4.90 -27.89 -4.20
N THR F 19 -4.91 -26.63 -4.60
CA THR F 19 -4.47 -25.55 -3.73
C THR F 19 -5.65 -24.61 -3.49
N ILE F 20 -5.97 -24.34 -2.21
CA ILE F 20 -7.02 -23.39 -1.81
C ILE F 20 -6.35 -22.16 -1.22
N SER F 21 -6.58 -21.00 -1.83
CA SER F 21 -5.84 -19.80 -1.50
C SER F 21 -6.57 -18.98 -0.45
N CYS F 22 -5.79 -18.24 0.36
CA CYS F 22 -6.31 -17.35 1.40
C CYS F 22 -5.49 -16.06 1.33
N THR F 23 -5.96 -15.11 0.50
CA THR F 23 -5.27 -13.88 0.12
C THR F 23 -5.74 -12.70 0.97
N GLY F 24 -4.82 -11.83 1.38
CA GLY F 24 -5.10 -10.79 2.36
C GLY F 24 -5.41 -9.44 1.74
N SER F 25 -6.42 -8.79 2.31
CA SER F 25 -6.86 -7.45 1.93
C SER F 25 -6.51 -6.50 3.07
N ASN F 26 -5.94 -5.34 2.77
CA ASN F 26 -5.66 -4.32 3.81
C ASN F 26 -4.71 -4.81 4.89
N GLY F 27 -3.83 -5.76 4.57
CA GLY F 27 -2.82 -6.12 5.54
C GLY F 27 -1.89 -7.14 4.94
N TYR F 28 -0.93 -7.55 5.74
CA TYR F 28 0.00 -8.59 5.32
C TYR F 28 -0.29 -9.93 6.05
N ILE F 29 -0.68 -10.93 5.25
CA ILE F 29 -1.07 -12.25 5.76
C ILE F 29 0.10 -12.92 6.44
N ALA F 30 1.32 -12.66 5.98
CA ALA F 30 2.49 -13.35 6.53
C ALA F 30 3.08 -12.59 7.70
N ASN F 31 2.34 -11.60 8.20
CA ASN F 31 2.70 -10.92 9.42
C ASN F 31 2.49 -11.82 10.64
N ASN F 32 1.50 -12.69 10.59
CA ASN F 32 1.24 -13.64 11.68
C ASN F 32 0.80 -14.97 11.09
N TYR F 33 0.93 -16.01 11.91
CA TYR F 33 0.74 -17.37 11.44
C TYR F 33 -0.65 -17.53 10.85
N VAL F 34 -0.81 -18.50 9.95
CA VAL F 34 -2.10 -18.74 9.36
C VAL F 34 -2.49 -20.18 9.59
N GLN F 35 -3.74 -20.38 10.04
CA GLN F 35 -4.30 -21.63 10.52
C GLN F 35 -5.46 -22.05 9.66
N TRP F 36 -5.62 -23.37 9.50
CA TRP F 36 -6.58 -23.92 8.55
C TRP F 36 -7.51 -24.90 9.22
N TYR F 37 -8.80 -24.77 8.94
CA TYR F 37 -9.83 -25.53 9.62
C TYR F 37 -10.81 -26.13 8.63
N GLN F 38 -11.01 -27.44 8.74
CA GLN F 38 -11.99 -28.20 7.94
C GLN F 38 -13.32 -28.32 8.69
N GLN F 39 -14.44 -28.19 7.99
CA GLN F 39 -15.76 -28.38 8.60
C GLN F 39 -16.59 -29.30 7.71
N ARG F 40 -16.79 -30.56 8.14
CA ARG F 40 -17.68 -31.44 7.38
C ARG F 40 -19.14 -31.10 7.67
N PRO F 41 -20.08 -31.42 6.74
CA PRO F 41 -21.47 -30.95 6.92
C PRO F 41 -22.07 -31.25 8.28
N GLY F 42 -22.52 -30.21 8.98
CA GLY F 42 -23.15 -30.41 10.27
C GLY F 42 -22.24 -30.89 11.38
N SER F 43 -20.94 -30.60 11.29
CA SER F 43 -19.98 -31.01 12.31
C SER F 43 -19.15 -29.81 12.72
N VAL F 44 -18.43 -29.94 13.83
CA VAL F 44 -17.64 -28.85 14.39
C VAL F 44 -16.33 -28.71 13.61
N PRO F 45 -15.82 -27.48 13.40
CA PRO F 45 -14.50 -27.34 12.77
C PRO F 45 -13.44 -28.11 13.55
N THR F 46 -12.51 -28.71 12.81
CA THR F 46 -11.35 -29.36 13.37
C THR F 46 -10.11 -28.80 12.68
N VAL F 47 -8.96 -28.83 13.37
CA VAL F 47 -7.71 -28.35 12.78
C VAL F 47 -7.24 -29.29 11.67
N VAL F 48 -6.75 -28.70 10.58
CA VAL F 48 -6.02 -29.42 9.54
C VAL F 48 -4.61 -28.86 9.35
N ILE F 49 -4.43 -27.54 9.31
CA ILE F 49 -3.09 -26.97 9.28
C ILE F 49 -2.99 -25.79 10.21
N TYR F 50 -1.92 -25.76 11.00
CA TYR F 50 -1.58 -24.72 11.96
C TYR F 50 -0.14 -24.28 11.71
N GLU F 51 0.17 -23.04 12.11
CA GLU F 51 1.52 -22.46 11.99
C GLU F 51 2.07 -22.53 10.54
N ASP F 52 1.19 -22.25 9.58
CA ASP F 52 1.40 -22.10 8.15
C ASP F 52 1.63 -23.44 7.45
N ASN F 53 2.36 -24.34 8.11
CA ASN F 53 2.80 -25.55 7.40
C ASN F 53 3.02 -26.76 8.28
N GLN F 54 2.72 -26.67 9.57
CA GLN F 54 2.83 -27.79 10.49
C GLN F 54 1.53 -28.59 10.43
N ARG F 55 1.64 -29.91 10.61
CA ARG F 55 0.52 -30.85 10.41
C ARG F 55 0.28 -31.63 11.70
N PRO F 56 -0.92 -31.57 12.31
CA PRO F 56 -1.15 -32.29 13.56
C PRO F 56 -1.13 -33.80 13.37
N SER F 57 -0.84 -34.50 14.48
CA SER F 57 -0.86 -35.96 14.50
C SER F 57 -2.28 -36.45 14.28
N GLY F 58 -2.43 -37.47 13.45
CA GLY F 58 -3.73 -38.05 13.17
C GLY F 58 -4.53 -37.38 12.08
N VAL F 59 -4.05 -36.26 11.53
CA VAL F 59 -4.63 -35.61 10.34
C VAL F 59 -3.96 -36.20 9.09
N PRO F 60 -4.70 -36.52 8.02
CA PRO F 60 -4.07 -37.24 6.90
C PRO F 60 -2.83 -36.52 6.36
N ASP F 61 -1.84 -37.33 5.96
CA ASP F 61 -0.56 -36.84 5.46
C ASP F 61 -0.68 -36.02 4.17
N ARG F 62 -1.81 -36.14 3.47
CA ARG F 62 -2.03 -35.47 2.20
C ARG F 62 -2.14 -33.95 2.32
N PHE F 63 -2.28 -33.42 3.52
CA PHE F 63 -2.49 -31.99 3.72
C PHE F 63 -1.14 -31.31 3.92
N SER F 64 -0.83 -30.32 3.06
CA SER F 64 0.38 -29.51 3.17
C SER F 64 -0.03 -28.05 3.24
N GLY F 65 0.94 -27.20 3.60
CA GLY F 65 0.72 -25.77 3.59
C GLY F 65 1.91 -25.01 3.03
N SER F 66 1.60 -23.86 2.42
CA SER F 66 2.63 -22.95 1.92
C SER F 66 2.17 -21.53 2.21
N ILE F 67 3.14 -20.61 2.25
CA ILE F 67 2.90 -19.18 2.43
C ILE F 67 3.62 -18.39 1.35
N ASP F 68 2.92 -17.39 0.81
CA ASP F 68 3.47 -16.53 -0.23
C ASP F 68 3.34 -15.04 0.13
N SER F 69 4.37 -14.46 0.78
CA SER F 69 4.34 -13.03 1.12
C SER F 69 4.24 -12.15 -0.12
N SER F 70 4.71 -12.66 -1.28
CA SER F 70 4.76 -11.92 -2.54
C SER F 70 3.36 -11.67 -3.09
N SER F 71 2.52 -12.71 -3.16
CA SER F 71 1.13 -12.63 -3.59
C SER F 71 0.14 -12.38 -2.45
N ASN F 72 0.65 -12.16 -1.23
CA ASN F 72 -0.15 -11.88 -0.01
C ASN F 72 -1.17 -12.99 0.29
N SER F 73 -0.71 -14.22 0.21
CA SER F 73 -1.59 -15.37 0.28
C SER F 73 -0.89 -16.48 1.02
N ALA F 74 -1.69 -17.19 1.83
CA ALA F 74 -1.35 -18.45 2.45
C ALA F 74 -2.18 -19.51 1.75
N SER F 75 -1.59 -20.68 1.58
CA SER F 75 -2.24 -21.72 0.78
C SER F 75 -2.35 -23.03 1.55
N LEU F 76 -3.46 -23.71 1.30
CA LEU F 76 -3.76 -25.02 1.85
C LEU F 76 -3.70 -26.05 0.71
N ILE F 77 -2.82 -27.06 0.85
CA ILE F 77 -2.58 -28.04 -0.19
C ILE F 77 -2.92 -29.44 0.31
N ILE F 78 -3.60 -30.21 -0.54
CA ILE F 78 -4.00 -31.60 -0.26
C ILE F 78 -3.38 -32.48 -1.33
N SER F 79 -2.29 -33.20 -1.02
CA SER F 79 -1.71 -34.06 -2.04
C SER F 79 -2.66 -35.22 -2.33
N GLY F 80 -2.58 -35.79 -3.52
CA GLY F 80 -3.33 -36.99 -3.85
C GLY F 80 -4.75 -37.09 -3.32
N LEU F 81 -5.65 -36.19 -3.74
CA LEU F 81 -7.01 -36.04 -3.21
C LEU F 81 -7.79 -37.35 -3.12
N LYS F 82 -8.70 -37.37 -2.15
CA LYS F 82 -9.68 -38.42 -1.95
C LYS F 82 -11.06 -37.78 -1.84
N THR F 83 -12.09 -38.59 -2.15
CA THR F 83 -13.49 -38.12 -2.09
C THR F 83 -13.90 -37.68 -0.68
N GLU F 84 -13.32 -38.30 0.34
CA GLU F 84 -13.65 -37.98 1.72
C GLU F 84 -13.20 -36.59 2.13
N ASP F 85 -12.42 -35.87 1.32
CA ASP F 85 -11.94 -34.53 1.66
C ASP F 85 -12.98 -33.44 1.39
N GLU F 86 -14.09 -33.84 0.79
CA GLU F 86 -15.14 -32.93 0.42
C GLU F 86 -15.76 -32.35 1.69
N ALA F 87 -15.46 -31.09 1.96
CA ALA F 87 -15.91 -30.35 3.13
C ALA F 87 -15.62 -28.86 2.90
N ASP F 88 -16.17 -28.03 3.77
CA ASP F 88 -15.82 -26.63 3.74
C ASP F 88 -14.49 -26.42 4.48
N TYR F 89 -13.64 -25.51 3.97
CA TYR F 89 -12.33 -25.22 4.55
C TYR F 89 -12.21 -23.72 4.82
N TYR F 90 -11.72 -23.37 6.03
CA TYR F 90 -11.54 -22.01 6.50
C TYR F 90 -10.09 -21.74 6.88
N CYS F 91 -9.61 -20.56 6.55
CA CYS F 91 -8.31 -20.12 7.01
C CYS F 91 -8.52 -19.09 8.09
N GLN F 92 -7.62 -18.99 9.05
CA GLN F 92 -7.71 -17.87 9.98
C GLN F 92 -6.32 -17.38 10.35
N SER F 93 -6.28 -16.13 10.81
CA SER F 93 -5.08 -15.51 11.35
C SER F 93 -5.53 -14.49 12.37
N TYR F 94 -4.59 -13.81 13.03
CA TYR F 94 -4.97 -12.92 14.15
C TYR F 94 -4.29 -11.56 14.06
N ASP F 95 -5.08 -10.48 13.92
CA ASP F 95 -4.49 -9.13 13.98
C ASP F 95 -4.31 -8.81 15.47
N THR F 96 -3.66 -7.70 15.84
CA THR F 96 -3.35 -7.49 17.28
C THR F 96 -4.59 -7.54 18.18
N PRO F 97 -5.77 -6.94 17.87
CA PRO F 97 -6.93 -7.08 18.74
C PRO F 97 -8.06 -8.08 18.39
N ASN F 98 -7.98 -8.77 17.25
CA ASN F 98 -9.13 -9.63 16.84
C ASN F 98 -8.70 -10.89 16.08
N VAL F 99 -9.40 -12.01 16.30
CA VAL F 99 -9.13 -13.25 15.49
C VAL F 99 -9.95 -13.08 14.20
N VAL F 100 -9.37 -13.43 13.04
CA VAL F 100 -10.02 -13.17 11.76
C VAL F 100 -10.01 -14.46 10.93
N PHE F 101 -11.19 -14.78 10.36
CA PHE F 101 -11.52 -15.98 9.60
C PHE F 101 -11.79 -15.58 8.15
N GLY F 102 -11.47 -16.50 7.23
CA GLY F 102 -11.85 -16.38 5.84
C GLY F 102 -13.32 -16.69 5.64
N GLY F 103 -13.81 -16.31 4.47
CA GLY F 103 -15.22 -16.54 4.14
C GLY F 103 -15.59 -18.01 4.08
N GLY F 104 -14.66 -18.85 3.65
CA GLY F 104 -14.79 -20.30 3.61
C GLY F 104 -14.82 -20.83 2.19
N THR F 105 -14.22 -22.01 1.99
CA THR F 105 -14.09 -22.60 0.66
C THR F 105 -14.79 -23.95 0.61
N LYS F 106 -15.71 -24.10 -0.35
CA LYS F 106 -16.45 -25.34 -0.56
C LYS F 106 -15.69 -26.18 -1.60
N LEU F 107 -14.97 -27.20 -1.14
CA LEU F 107 -14.18 -28.06 -2.01
C LEU F 107 -15.00 -29.23 -2.56
N THR F 108 -14.92 -29.43 -3.89
CA THR F 108 -15.66 -30.46 -4.61
C THR F 108 -14.67 -31.42 -5.27
N VAL F 109 -15.01 -32.69 -5.28
CA VAL F 109 -14.14 -33.74 -5.80
C VAL F 109 -14.90 -34.36 -6.96
N LEU F 110 -14.51 -33.98 -8.17
CA LEU F 110 -15.22 -34.31 -9.39
C LEU F 110 -15.25 -35.82 -9.69
N GLY F 111 -16.24 -36.20 -10.50
CA GLY F 111 -16.18 -37.47 -11.19
C GLY F 111 -16.74 -38.64 -10.43
N GLN F 112 -17.70 -38.26 -9.48
CA GLN F 112 -18.25 -39.30 -8.58
C GLN F 112 -19.76 -39.28 -8.67
N PRO F 113 -20.41 -39.30 -9.85
CA PRO F 113 -21.83 -39.10 -9.93
C PRO F 113 -22.67 -40.36 -10.16
N LYS F 114 -23.72 -40.21 -10.96
CA LYS F 114 -24.63 -41.35 -11.25
C LYS F 114 -25.24 -41.84 -9.95
N ALA F 115 -25.55 -40.93 -9.05
CA ALA F 115 -26.26 -41.36 -7.83
C ALA F 115 -27.69 -40.89 -7.95
N ALA F 116 -28.62 -41.83 -8.10
CA ALA F 116 -30.03 -41.46 -8.33
C ALA F 116 -30.71 -41.22 -6.99
N PRO F 117 -31.87 -40.52 -6.90
CA PRO F 117 -32.43 -40.21 -5.57
C PRO F 117 -33.20 -41.36 -4.93
N SER F 118 -33.02 -41.52 -3.63
CA SER F 118 -33.75 -42.50 -2.85
C SER F 118 -34.98 -41.85 -2.22
N VAL F 119 -36.17 -42.32 -2.62
CA VAL F 119 -37.45 -41.77 -2.18
C VAL F 119 -38.15 -42.76 -1.26
N THR F 120 -38.53 -42.30 -0.08
CA THR F 120 -39.46 -43.00 0.80
C THR F 120 -40.62 -42.04 1.04
N LEU F 121 -41.84 -42.50 0.77
CA LEU F 121 -43.02 -41.65 0.86
C LEU F 121 -43.97 -42.19 1.92
N PHE F 122 -44.38 -41.31 2.85
CA PHE F 122 -45.24 -41.64 3.97
C PHE F 122 -46.55 -40.86 3.85
N PRO F 123 -47.70 -41.52 4.04
CA PRO F 123 -48.98 -40.81 4.00
C PRO F 123 -49.24 -40.12 5.32
N PRO F 124 -50.27 -39.26 5.41
CA PRO F 124 -50.60 -38.66 6.70
C PRO F 124 -50.85 -39.70 7.79
N SER F 125 -50.33 -39.39 8.98
CA SER F 125 -50.46 -40.26 10.15
C SER F 125 -51.91 -40.31 10.63
N SER F 126 -52.25 -41.44 11.26
CA SER F 126 -53.59 -41.59 11.82
C SER F 126 -53.86 -40.55 12.89
N GLU F 127 -52.87 -40.27 13.74
CA GLU F 127 -53.02 -39.23 14.78
C GLU F 127 -53.26 -37.86 14.15
N GLU F 128 -52.55 -37.56 13.05
CA GLU F 128 -52.67 -36.26 12.40
C GLU F 128 -54.04 -36.06 11.80
N LEU F 129 -54.61 -37.10 11.20
CA LEU F 129 -55.95 -36.99 10.62
C LEU F 129 -57.02 -36.68 11.67
N GLN F 130 -56.91 -37.30 12.84
CA GLN F 130 -57.85 -37.01 13.92
C GLN F 130 -57.71 -35.55 14.37
N ALA F 131 -56.53 -34.97 14.22
CA ALA F 131 -56.31 -33.55 14.53
C ALA F 131 -56.71 -32.63 13.38
N ASN F 132 -57.44 -33.14 12.39
CA ASN F 132 -57.96 -32.35 11.26
C ASN F 132 -56.82 -31.71 10.48
N LYS F 133 -55.75 -32.47 10.26
CA LYS F 133 -54.64 -32.04 9.44
C LYS F 133 -54.07 -33.24 8.69
N ALA F 134 -53.40 -32.96 7.59
CA ALA F 134 -52.78 -34.02 6.82
C ALA F 134 -51.55 -33.46 6.15
N THR F 135 -50.37 -34.03 6.43
CA THR F 135 -49.13 -33.63 5.78
C THR F 135 -48.49 -34.87 5.17
N LEU F 136 -48.27 -34.85 3.86
CA LEU F 136 -47.61 -35.95 3.16
C LEU F 136 -46.12 -35.68 3.14
N VAL F 137 -45.32 -36.68 3.50
CA VAL F 137 -43.89 -36.47 3.71
C VAL F 137 -43.11 -37.26 2.67
N CYS F 138 -42.38 -36.54 1.82
CA CYS F 138 -41.61 -37.13 0.73
C CYS F 138 -40.15 -36.88 1.06
N LEU F 139 -39.44 -37.94 1.41
CA LEU F 139 -38.08 -37.85 1.93
C LEU F 139 -37.13 -38.41 0.87
N ILE F 140 -36.13 -37.61 0.51
CA ILE F 140 -35.22 -37.90 -0.60
C ILE F 140 -33.78 -37.85 -0.11
N SER F 141 -33.03 -38.93 -0.31
CA SER F 141 -31.68 -39.05 0.21
C SER F 141 -30.76 -39.80 -0.77
N ASP F 142 -29.46 -39.67 -0.53
CA ASP F 142 -28.42 -40.44 -1.22
C ASP F 142 -28.38 -40.18 -2.74
N PHE F 143 -28.31 -38.90 -3.15
CA PHE F 143 -28.22 -38.54 -4.56
C PHE F 143 -27.09 -37.55 -4.79
N TYR F 144 -26.51 -37.59 -6.00
CA TYR F 144 -25.38 -36.78 -6.49
C TYR F 144 -25.51 -36.63 -8.01
N PRO F 145 -25.31 -35.42 -8.57
CA PRO F 145 -25.03 -34.16 -7.89
C PRO F 145 -26.26 -33.67 -7.10
N GLY F 146 -26.07 -32.65 -6.26
CA GLY F 146 -27.17 -32.14 -5.46
C GLY F 146 -28.03 -31.08 -6.14
N ALA F 147 -28.75 -31.45 -7.19
CA ALA F 147 -29.69 -30.53 -7.82
C ALA F 147 -30.92 -31.33 -8.21
N VAL F 148 -32.06 -30.98 -7.61
CA VAL F 148 -33.32 -31.69 -7.86
C VAL F 148 -34.49 -30.71 -7.79
N THR F 149 -35.53 -31.03 -8.56
CA THR F 149 -36.80 -30.33 -8.56
C THR F 149 -37.90 -31.30 -8.14
N VAL F 150 -38.69 -30.91 -7.14
CA VAL F 150 -39.77 -31.73 -6.59
C VAL F 150 -41.11 -31.13 -6.98
N ALA F 151 -41.96 -31.94 -7.58
CA ALA F 151 -43.31 -31.57 -7.98
C ALA F 151 -44.30 -32.58 -7.43
N TRP F 152 -45.45 -32.09 -6.99
CA TRP F 152 -46.50 -32.93 -6.44
C TRP F 152 -47.66 -33.11 -7.41
N LYS F 153 -48.30 -34.27 -7.35
CA LYS F 153 -49.48 -34.57 -8.15
C LYS F 153 -50.57 -35.15 -7.27
N ALA F 154 -51.81 -34.80 -7.57
CA ALA F 154 -53.01 -35.43 -7.01
C ALA F 154 -53.83 -35.93 -8.17
N ASP F 155 -54.01 -37.25 -8.25
CA ASP F 155 -54.65 -37.89 -9.40
C ASP F 155 -53.96 -37.53 -10.71
N SER F 156 -52.63 -37.49 -10.69
CA SER F 156 -51.84 -37.12 -11.85
C SER F 156 -52.22 -35.73 -12.36
N SER F 157 -52.75 -34.90 -11.47
CA SER F 157 -53.04 -33.50 -11.77
C SER F 157 -52.18 -32.65 -10.86
N PRO F 158 -51.47 -31.66 -11.39
CA PRO F 158 -50.46 -30.97 -10.59
C PRO F 158 -51.05 -30.30 -9.36
N VAL F 159 -50.26 -30.27 -8.30
CA VAL F 159 -50.64 -29.63 -7.05
C VAL F 159 -49.88 -28.32 -6.95
N LYS F 160 -50.60 -27.23 -6.66
CA LYS F 160 -50.03 -25.89 -6.65
C LYS F 160 -50.03 -25.21 -5.30
N ALA F 161 -50.42 -25.90 -4.24
CA ALA F 161 -50.57 -25.27 -2.95
C ALA F 161 -49.94 -26.11 -1.86
N GLY F 162 -49.45 -25.44 -0.82
CA GLY F 162 -49.00 -26.12 0.37
C GLY F 162 -47.72 -26.93 0.24
N VAL F 163 -46.85 -26.58 -0.69
CA VAL F 163 -45.62 -27.33 -0.91
C VAL F 163 -44.45 -26.54 -0.35
N GLU F 164 -43.68 -27.16 0.52
CA GLU F 164 -42.47 -26.58 1.09
C GLU F 164 -41.33 -27.59 0.91
N THR F 165 -40.25 -27.19 0.25
CA THR F 165 -39.14 -28.06 -0.11
C THR F 165 -37.82 -27.52 0.43
N THR F 166 -37.01 -28.42 0.99
CA THR F 166 -35.73 -28.04 1.56
C THR F 166 -34.68 -27.87 0.46
N THR F 167 -33.78 -26.92 0.69
CA THR F 167 -32.61 -26.81 -0.16
C THR F 167 -31.78 -28.08 0.02
N PRO F 168 -31.27 -28.68 -1.06
CA PRO F 168 -30.55 -29.94 -0.92
C PRO F 168 -29.36 -29.79 0.02
N SER F 169 -29.15 -30.81 0.84
CA SER F 169 -28.16 -30.74 1.92
C SER F 169 -27.22 -31.92 1.81
N LYS F 170 -25.94 -31.67 2.12
CA LYS F 170 -24.90 -32.67 1.96
C LYS F 170 -24.88 -33.63 3.16
N GLN F 171 -24.83 -34.92 2.85
CA GLN F 171 -24.78 -36.01 3.81
C GLN F 171 -23.32 -36.23 4.20
N SER F 172 -23.10 -37.24 5.04
CA SER F 172 -21.74 -37.65 5.38
C SER F 172 -21.08 -38.43 4.25
N ASN F 173 -21.86 -39.23 3.51
CA ASN F 173 -21.38 -40.08 2.42
C ASN F 173 -21.26 -39.34 1.11
N ASN F 174 -21.33 -38.01 1.13
CA ASN F 174 -21.12 -37.06 0.03
C ASN F 174 -22.33 -37.02 -0.91
N LYS F 175 -23.35 -37.85 -0.72
CA LYS F 175 -24.56 -37.63 -1.51
C LYS F 175 -25.40 -36.53 -0.85
N TYR F 176 -26.60 -36.28 -1.37
CA TYR F 176 -27.40 -35.17 -0.88
C TYR F 176 -28.78 -35.67 -0.48
N ALA F 177 -29.37 -35.00 0.54
CA ALA F 177 -30.65 -35.36 1.13
C ALA F 177 -31.52 -34.13 1.22
N ALA F 178 -32.82 -34.31 0.96
CA ALA F 178 -33.77 -33.22 0.98
C ALA F 178 -35.16 -33.78 1.23
N SER F 179 -36.06 -32.92 1.70
CA SER F 179 -37.39 -33.33 2.10
C SER F 179 -38.41 -32.35 1.55
N SER F 180 -39.56 -32.87 1.14
CA SER F 180 -40.66 -32.05 0.66
C SER F 180 -41.94 -32.44 1.37
N TYR F 181 -42.68 -31.44 1.85
CA TYR F 181 -43.89 -31.69 2.61
C TYR F 181 -45.06 -31.03 1.89
N LEU F 182 -46.16 -31.75 1.75
CA LEU F 182 -47.38 -31.23 1.16
C LEU F 182 -48.43 -31.14 2.26
N SER F 183 -48.99 -29.95 2.46
CA SER F 183 -50.02 -29.71 3.46
C SER F 183 -51.40 -29.82 2.80
N LEU F 184 -52.27 -30.62 3.39
CA LEU F 184 -53.63 -30.82 2.89
C LEU F 184 -54.62 -30.80 4.03
N THR F 185 -55.84 -30.42 3.69
CA THR F 185 -56.97 -30.63 4.57
C THR F 185 -57.36 -32.09 4.47
N PRO F 186 -57.90 -32.68 5.54
CA PRO F 186 -58.28 -34.10 5.46
C PRO F 186 -59.27 -34.38 4.35
N GLU F 187 -60.11 -33.41 3.97
CA GLU F 187 -61.05 -33.64 2.88
C GLU F 187 -60.33 -33.75 1.55
N GLN F 188 -59.35 -32.89 1.28
CA GLN F 188 -58.60 -32.98 0.04
C GLN F 188 -57.83 -34.29 -0.07
N TRP F 189 -57.37 -34.83 1.06
CA TRP F 189 -56.66 -36.10 1.07
C TRP F 189 -57.58 -37.27 0.76
N LYS F 190 -58.64 -37.45 1.55
CA LYS F 190 -59.51 -38.61 1.39
C LYS F 190 -60.34 -38.53 0.11
N SER F 191 -60.66 -37.31 -0.35
CA SER F 191 -61.48 -37.17 -1.55
C SER F 191 -60.76 -37.68 -2.79
N HIS F 192 -59.47 -37.37 -2.92
CA HIS F 192 -58.69 -37.72 -4.09
C HIS F 192 -58.35 -39.22 -4.11
N ARG F 193 -58.05 -39.72 -5.32
CA ARG F 193 -57.64 -41.12 -5.47
C ARG F 193 -56.32 -41.41 -4.75
N SER F 194 -55.33 -40.56 -4.96
CA SER F 194 -53.98 -40.75 -4.43
C SER F 194 -53.24 -39.44 -4.60
N TYR F 195 -52.10 -39.34 -3.93
CA TYR F 195 -51.16 -38.25 -4.17
C TYR F 195 -49.79 -38.84 -4.50
N SER F 196 -49.03 -38.13 -5.33
CA SER F 196 -47.75 -38.62 -5.83
C SER F 196 -46.69 -37.55 -5.62
N CYS F 197 -45.44 -37.98 -5.41
CA CYS F 197 -44.33 -37.08 -5.24
C CYS F 197 -43.31 -37.39 -6.32
N GLN F 198 -42.99 -36.39 -7.13
CA GLN F 198 -42.25 -36.59 -8.38
C GLN F 198 -40.96 -35.80 -8.30
N VAL F 199 -39.83 -36.50 -8.36
CA VAL F 199 -38.49 -35.92 -8.29
C VAL F 199 -37.75 -36.16 -9.59
N THR F 200 -37.33 -35.08 -10.27
CA THR F 200 -36.53 -35.13 -11.50
C THR F 200 -35.06 -34.80 -11.19
N HIS F 201 -34.16 -35.75 -11.45
CA HIS F 201 -32.74 -35.62 -11.12
C HIS F 201 -31.88 -36.14 -12.26
N GLU F 202 -31.11 -35.24 -12.89
CA GLU F 202 -30.27 -35.53 -14.06
C GLU F 202 -31.10 -36.19 -15.16
N GLY F 203 -32.26 -35.59 -15.43
CA GLY F 203 -33.15 -35.94 -16.51
C GLY F 203 -34.05 -37.13 -16.29
N SER F 204 -34.02 -37.75 -15.11
CA SER F 204 -34.84 -38.91 -14.79
C SER F 204 -35.85 -38.54 -13.72
N THR F 205 -37.12 -38.97 -13.90
CA THR F 205 -38.18 -38.72 -12.93
C THR F 205 -38.40 -39.94 -12.06
N VAL F 206 -38.24 -39.76 -10.75
CA VAL F 206 -38.47 -40.79 -9.74
C VAL F 206 -39.68 -40.37 -8.92
N GLU F 207 -40.73 -41.21 -8.92
CA GLU F 207 -41.99 -40.90 -8.23
C GLU F 207 -42.49 -42.08 -7.42
N LYS F 208 -43.08 -41.74 -6.27
CA LYS F 208 -43.81 -42.64 -5.39
C LYS F 208 -45.24 -42.16 -5.32
N THR F 209 -46.17 -43.10 -5.19
CA THR F 209 -47.60 -42.77 -5.08
C THR F 209 -48.15 -43.51 -3.87
N VAL F 210 -48.86 -42.78 -3.02
CA VAL F 210 -49.53 -43.31 -1.84
C VAL F 210 -51.02 -43.05 -1.94
N ALA F 211 -51.81 -43.87 -1.24
CA ALA F 211 -53.26 -43.82 -1.34
C ALA F 211 -53.94 -43.84 0.02
N PRO F 212 -54.98 -43.04 0.22
CA PRO F 212 -55.77 -43.18 1.44
C PRO F 212 -56.38 -44.58 1.52
N THR F 213 -56.14 -45.24 2.64
CA THR F 213 -56.73 -46.55 2.91
C THR F 213 -57.85 -46.37 3.92
N GLU G 1 38.89 66.24 -38.40
CA GLU G 1 38.21 66.81 -39.57
C GLU G 1 37.63 65.73 -40.46
N VAL G 2 36.74 64.93 -39.87
CA VAL G 2 36.12 63.80 -40.55
C VAL G 2 34.91 64.29 -41.36
N GLN G 3 34.91 63.98 -42.65
CA GLN G 3 33.78 64.23 -43.54
C GLN G 3 33.46 62.92 -44.25
N LEU G 4 32.19 62.49 -44.23
CA LEU G 4 31.76 61.33 -45.00
C LEU G 4 30.80 61.76 -46.09
N VAL G 5 31.16 61.44 -47.34
CA VAL G 5 30.44 61.88 -48.53
C VAL G 5 29.81 60.66 -49.19
N GLU G 6 28.50 60.71 -49.42
CA GLU G 6 27.79 59.63 -50.10
C GLU G 6 27.29 60.06 -51.47
N SER G 7 27.22 59.08 -52.36
CA SER G 7 26.81 59.27 -53.74
C SER G 7 25.96 58.09 -54.16
N GLY G 8 25.36 58.22 -55.33
CA GLY G 8 24.61 57.15 -55.95
C GLY G 8 23.12 57.24 -55.79
N GLY G 9 22.60 58.30 -55.17
CA GLY G 9 21.18 58.38 -54.95
C GLY G 9 20.38 58.71 -56.19
N GLY G 10 19.13 58.28 -56.17
CA GLY G 10 18.26 58.45 -57.31
C GLY G 10 16.96 57.71 -57.13
N LEU G 11 16.26 57.58 -58.25
CA LEU G 11 14.96 56.92 -58.36
C LEU G 11 15.08 55.58 -59.09
N VAL G 12 14.46 54.53 -58.55
CA VAL G 12 14.47 53.20 -59.18
C VAL G 12 13.07 52.60 -59.11
N GLN G 13 12.71 51.88 -60.17
CA GLN G 13 11.44 51.16 -60.28
C GLN G 13 11.53 49.82 -59.57
N PRO G 14 10.37 49.26 -59.19
CA PRO G 14 10.37 47.90 -58.63
C PRO G 14 11.15 46.93 -59.50
N GLY G 15 12.05 46.19 -58.85
CA GLY G 15 12.97 45.30 -59.49
C GLY G 15 14.31 45.92 -59.84
N GLY G 16 14.48 47.23 -59.65
CA GLY G 16 15.69 47.86 -60.14
C GLY G 16 16.93 47.63 -59.29
N SER G 17 18.07 47.96 -59.88
CA SER G 17 19.38 47.79 -59.28
C SER G 17 20.03 49.17 -59.20
N LEU G 18 20.64 49.44 -58.05
CA LEU G 18 21.27 50.73 -57.78
C LEU G 18 22.54 50.51 -56.98
N ARG G 19 23.46 51.46 -57.10
CA ARG G 19 24.74 51.36 -56.42
C ARG G 19 24.93 52.61 -55.58
N ILE G 20 25.37 52.41 -54.34
CA ILE G 20 25.63 53.51 -53.42
C ILE G 20 27.06 53.41 -52.95
N SER G 21 27.68 54.55 -52.76
CA SER G 21 29.05 54.62 -52.31
C SER G 21 29.16 55.62 -51.17
N CYS G 22 30.05 55.35 -50.23
CA CYS G 22 30.37 56.27 -49.16
C CYS G 22 31.86 56.54 -49.29
N ALA G 23 32.23 57.82 -49.41
CA ALA G 23 33.61 58.22 -49.63
C ALA G 23 34.19 58.91 -48.39
N ALA G 24 35.41 58.52 -48.01
CA ALA G 24 36.11 59.03 -46.83
C ALA G 24 37.28 59.93 -47.22
N SER G 25 37.58 60.91 -46.39
CA SER G 25 38.80 61.68 -46.55
C SER G 25 39.25 62.19 -45.19
N GLY G 26 40.55 62.04 -44.90
CA GLY G 26 41.04 62.56 -43.64
C GLY G 26 40.96 61.60 -42.47
N LEU G 27 40.56 60.36 -42.70
CA LEU G 27 40.48 59.38 -41.63
C LEU G 27 40.84 58.02 -42.20
N THR G 28 41.30 57.14 -41.32
CA THR G 28 41.56 55.77 -41.73
C THR G 28 40.24 55.02 -41.54
N PHE G 29 39.57 54.78 -42.66
CA PHE G 29 38.35 54.02 -42.80
C PHE G 29 38.61 52.51 -42.70
N THR G 30 39.89 52.13 -42.66
CA THR G 30 40.30 50.74 -42.81
C THR G 30 40.04 49.91 -41.55
N GLY G 31 40.28 50.47 -40.38
CA GLY G 31 40.39 49.62 -39.18
C GLY G 31 39.13 49.40 -38.35
N TYR G 32 37.99 49.72 -38.93
CA TYR G 32 36.72 49.86 -38.23
C TYR G 32 35.68 49.03 -38.94
N TRP G 33 34.53 48.89 -38.30
CA TRP G 33 33.40 48.23 -38.91
C TRP G 33 32.62 49.27 -39.70
N MET G 34 32.31 48.99 -40.95
CA MET G 34 31.61 49.94 -41.80
C MET G 34 30.17 49.48 -41.95
N ASN G 35 29.23 50.41 -41.81
CA ASN G 35 27.86 49.99 -41.66
C ASN G 35 26.98 50.85 -42.54
N TRP G 36 25.93 50.24 -43.06
CA TRP G 36 24.84 50.94 -43.71
C TRP G 36 23.60 50.85 -42.84
N VAL G 37 23.00 51.99 -42.56
CA VAL G 37 21.76 52.06 -41.80
C VAL G 37 20.83 53.10 -42.40
N ARG G 38 19.63 52.70 -42.78
CA ARG G 38 18.69 53.53 -43.50
C ARG G 38 17.60 54.06 -42.58
N GLN G 39 16.88 55.07 -43.07
CA GLN G 39 15.76 55.69 -42.35
C GLN G 39 14.75 56.17 -43.37
N ALA G 40 13.58 55.53 -43.43
CA ALA G 40 12.55 56.03 -44.30
C ALA G 40 12.03 57.36 -43.75
N PRO G 41 11.38 58.18 -44.59
CA PRO G 41 10.82 59.44 -44.08
C PRO G 41 9.81 59.18 -42.96
N GLY G 42 9.92 59.97 -41.90
CA GLY G 42 9.00 59.91 -40.78
C GLY G 42 8.99 58.60 -40.04
N LYS G 43 10.17 57.97 -39.91
CA LYS G 43 10.32 56.68 -39.25
C LYS G 43 11.65 56.69 -38.52
N GLY G 44 11.97 55.57 -37.89
CA GLY G 44 13.13 55.47 -37.04
C GLY G 44 14.28 54.72 -37.69
N LEU G 45 15.41 54.73 -37.01
CA LEU G 45 16.61 54.13 -37.57
C LEU G 45 16.49 52.61 -37.65
N GLU G 46 16.95 52.07 -38.78
CA GLU G 46 16.98 50.63 -39.01
C GLU G 46 18.33 50.25 -39.58
N TRP G 47 19.15 49.56 -38.78
CA TRP G 47 20.45 49.13 -39.24
C TRP G 47 20.26 48.11 -40.36
N VAL G 48 20.98 48.29 -41.46
CA VAL G 48 20.72 47.59 -42.75
C VAL G 48 21.74 46.49 -43.01
N ALA G 49 23.02 46.84 -42.94
CA ALA G 49 24.04 45.83 -43.04
C ALA G 49 25.31 46.46 -42.52
N ASN G 50 26.34 45.64 -42.34
CA ASN G 50 27.66 46.18 -42.04
C ASN G 50 28.71 45.17 -42.48
N ILE G 51 29.99 45.61 -42.48
CA ILE G 51 31.07 44.84 -43.06
C ILE G 51 32.34 44.99 -42.25
N LYS G 52 33.09 43.88 -42.15
CA LYS G 52 34.25 43.80 -41.28
C LYS G 52 35.42 44.57 -41.88
N GLU G 53 36.42 44.82 -41.03
CA GLU G 53 37.56 45.64 -41.41
C GLU G 53 38.33 45.04 -42.58
N ASP G 54 38.49 43.72 -42.61
CA ASP G 54 39.26 43.07 -43.66
C ASP G 54 38.44 42.52 -44.81
N GLY G 55 37.11 42.67 -44.79
CA GLY G 55 36.26 42.11 -45.82
C GLY G 55 35.86 40.67 -45.60
N SER G 56 36.20 40.09 -44.44
CA SER G 56 35.95 38.68 -44.20
C SER G 56 34.46 38.36 -44.14
N GLU G 57 33.69 39.15 -43.38
CA GLU G 57 32.29 38.83 -43.12
C GLU G 57 31.35 40.01 -43.39
N LYS G 58 30.18 39.69 -43.91
CA LYS G 58 29.13 40.64 -44.19
C LYS G 58 27.86 40.13 -43.52
N TYR G 59 27.12 41.03 -42.87
CA TYR G 59 25.91 40.66 -42.13
C TYR G 59 24.78 41.60 -42.54
N TYR G 60 23.60 41.05 -42.79
CA TYR G 60 22.52 41.90 -43.26
C TYR G 60 21.28 41.62 -42.44
N VAL G 61 20.42 42.63 -42.34
CA VAL G 61 19.12 42.43 -41.71
C VAL G 61 18.27 41.57 -42.62
N ASP G 62 17.36 40.81 -42.02
CA ASP G 62 16.75 39.67 -42.71
C ASP G 62 16.06 40.08 -44.00
N SER G 63 15.35 41.20 -43.98
CA SER G 63 14.54 41.56 -45.14
C SER G 63 15.40 41.97 -46.34
N VAL G 64 16.67 42.31 -46.15
CA VAL G 64 17.53 42.60 -47.29
C VAL G 64 18.45 41.44 -47.66
N LYS G 65 18.38 40.31 -46.95
CA LYS G 65 19.28 39.21 -47.25
C LYS G 65 19.10 38.76 -48.70
N GLY G 66 20.21 38.60 -49.40
CA GLY G 66 20.15 38.16 -50.79
C GLY G 66 19.89 39.27 -51.79
N ARG G 67 19.14 40.30 -51.39
CA ARG G 67 18.85 41.43 -52.28
C ARG G 67 19.92 42.52 -52.21
N PHE G 68 20.55 42.72 -51.04
CA PHE G 68 21.63 43.69 -50.87
C PHE G 68 22.93 42.93 -50.63
N THR G 69 24.02 43.44 -51.21
CA THR G 69 25.36 42.98 -50.92
C THR G 69 26.23 44.20 -50.67
N ILE G 70 26.96 44.20 -49.56
CA ILE G 70 27.84 45.30 -49.19
C ILE G 70 29.26 44.92 -49.60
N SER G 71 30.03 45.93 -50.00
CA SER G 71 31.42 45.76 -50.38
C SER G 71 32.20 46.94 -49.86
N ARG G 72 33.53 46.83 -49.87
CA ARG G 72 34.34 47.97 -49.44
C ARG G 72 35.67 47.99 -50.17
N ASP G 73 36.19 49.19 -50.37
CA ASP G 73 37.56 49.40 -50.83
C ASP G 73 38.29 50.18 -49.74
N ASN G 74 39.25 49.52 -49.09
CA ASN G 74 40.08 50.22 -48.11
C ASN G 74 41.12 51.10 -48.77
N ALA G 75 41.60 50.71 -49.95
CA ALA G 75 42.55 51.54 -50.69
C ALA G 75 41.93 52.87 -51.09
N LYS G 76 40.70 52.83 -51.57
CA LYS G 76 39.96 54.04 -51.92
C LYS G 76 39.27 54.65 -50.71
N ASN G 77 39.30 53.99 -49.55
CA ASN G 77 38.53 54.36 -48.38
C ASN G 77 37.06 54.61 -48.77
N SER G 78 36.44 53.56 -49.33
CA SER G 78 35.07 53.67 -49.80
C SER G 78 34.22 52.49 -49.35
N LEU G 79 32.93 52.79 -49.11
CA LEU G 79 31.93 51.80 -48.78
C LEU G 79 30.88 51.75 -49.88
N TYR G 80 30.32 50.56 -50.11
CA TYR G 80 29.37 50.35 -51.19
C TYR G 80 28.17 49.56 -50.69
N LEU G 81 27.04 49.76 -51.35
CA LEU G 81 25.83 48.99 -51.10
C LEU G 81 25.11 48.79 -52.43
N GLN G 82 25.32 47.63 -53.05
CA GLN G 82 24.56 47.24 -54.25
C GLN G 82 23.20 46.69 -53.83
N MET G 83 22.13 47.35 -54.31
CA MET G 83 20.76 47.02 -53.94
C MET G 83 20.04 46.45 -55.16
N ASN G 84 19.64 45.19 -55.09
CA ASN G 84 18.90 44.57 -56.18
C ASN G 84 17.49 44.23 -55.72
N SER G 85 16.68 43.74 -56.68
CA SER G 85 15.31 43.31 -56.45
C SER G 85 14.58 44.29 -55.54
N LEU G 86 14.74 45.59 -55.80
CA LEU G 86 14.26 46.61 -54.89
C LEU G 86 12.74 46.65 -54.79
N ARG G 87 12.24 46.98 -53.60
CA ARG G 87 10.82 47.02 -53.28
C ARG G 87 10.47 48.38 -52.69
N VAL G 88 9.17 48.63 -52.62
CA VAL G 88 8.69 49.94 -52.19
C VAL G 88 9.11 50.24 -50.75
N GLU G 89 9.08 49.24 -49.86
CA GLU G 89 9.42 49.46 -48.46
C GLU G 89 10.84 50.01 -48.29
N ASP G 90 11.70 49.82 -49.29
CA ASP G 90 13.08 50.28 -49.33
C ASP G 90 13.23 51.78 -49.59
N THR G 91 12.14 52.49 -49.91
CA THR G 91 12.18 53.94 -50.09
C THR G 91 12.76 54.56 -48.85
N ALA G 92 13.98 55.12 -48.89
CA ALA G 92 14.54 55.66 -47.66
C ALA G 92 15.80 56.47 -47.92
N VAL G 93 16.08 57.38 -47.00
CA VAL G 93 17.38 58.03 -46.90
C VAL G 93 18.34 57.05 -46.23
N TYR G 94 19.41 56.67 -46.94
CA TYR G 94 20.35 55.65 -46.51
C TYR G 94 21.64 56.30 -46.02
N TYR G 95 21.95 56.10 -44.74
CA TYR G 95 23.15 56.63 -44.11
C TYR G 95 24.21 55.52 -43.99
N CYS G 96 25.46 55.91 -44.16
CA CYS G 96 26.61 55.05 -43.92
C CYS G 96 27.29 55.53 -42.66
N ALA G 97 27.75 54.59 -41.84
CA ALA G 97 28.32 55.01 -40.57
C ALA G 97 29.40 54.05 -40.12
N ARG G 98 30.30 54.58 -39.29
CA ARG G 98 31.47 53.87 -38.83
C ARG G 98 31.37 53.65 -37.32
N LEU G 99 31.48 52.39 -36.90
CA LEU G 99 31.54 52.04 -35.50
C LEU G 99 32.98 52.13 -35.04
N ARG G 100 33.22 52.80 -33.92
CA ARG G 100 34.58 52.84 -33.41
C ARG G 100 35.06 51.44 -33.09
N TRP G 101 34.22 50.66 -32.42
CA TRP G 101 34.42 49.24 -32.23
C TRP G 101 33.05 48.60 -32.35
N LEU G 102 33.03 47.26 -32.32
CA LEU G 102 31.90 46.50 -32.86
C LEU G 102 30.57 46.87 -32.19
N ARG G 103 30.58 46.95 -30.87
CA ARG G 103 29.39 47.18 -30.05
C ARG G 103 29.28 48.62 -29.52
N GLY G 104 30.18 49.51 -29.95
CA GLY G 104 30.16 50.90 -29.55
C GLY G 104 29.34 51.76 -30.48
N ASN G 105 29.61 53.06 -30.41
CA ASN G 105 28.83 54.03 -31.14
C ASN G 105 29.31 54.22 -32.56
N PHE G 106 28.42 54.75 -33.38
CA PHE G 106 28.74 55.22 -34.72
C PHE G 106 29.29 56.65 -34.54
N ASP G 107 30.62 56.83 -34.64
CA ASP G 107 31.18 58.16 -34.39
C ASP G 107 31.01 59.11 -35.58
N HIS G 108 31.03 58.58 -36.80
CA HIS G 108 30.96 59.39 -38.01
C HIS G 108 29.93 58.83 -38.99
N TRP G 109 29.09 59.73 -39.52
CA TRP G 109 27.96 59.39 -40.37
C TRP G 109 28.04 60.19 -41.67
N GLY G 110 27.36 59.67 -42.70
CA GLY G 110 27.22 60.38 -43.95
C GLY G 110 26.01 61.27 -43.98
N GLN G 111 26.01 62.20 -44.92
CA GLN G 111 24.93 63.18 -45.02
C GLN G 111 23.62 62.52 -45.44
N GLY G 112 23.68 61.33 -46.01
CA GLY G 112 22.51 60.58 -46.42
C GLY G 112 22.22 60.72 -47.89
N THR G 113 21.90 59.62 -48.56
CA THR G 113 21.42 59.69 -49.94
C THR G 113 20.00 59.16 -49.97
N LEU G 114 19.18 59.76 -50.81
CA LEU G 114 17.77 59.41 -50.85
C LEU G 114 17.56 58.39 -51.96
N VAL G 115 16.99 57.25 -51.58
CA VAL G 115 16.50 56.25 -52.51
C VAL G 115 14.99 56.25 -52.41
N THR G 116 14.32 56.54 -53.51
CA THR G 116 12.87 56.41 -53.59
C THR G 116 12.57 55.31 -54.59
N VAL G 117 11.70 54.39 -54.23
CA VAL G 117 11.30 53.31 -55.13
C VAL G 117 9.78 53.37 -55.23
N SER G 118 9.29 54.23 -56.14
CA SER G 118 8.00 54.09 -56.82
C SER G 118 8.26 54.15 -58.33
N SER G 119 8.94 55.23 -58.73
CA SER G 119 9.54 55.43 -60.05
C SER G 119 8.52 55.45 -61.18
N ALA G 120 7.61 56.41 -61.09
CA ALA G 120 6.86 56.88 -62.23
C ALA G 120 7.30 58.31 -62.53
N SER G 121 7.60 58.59 -63.81
CA SER G 121 7.64 59.97 -64.33
C SER G 121 8.57 60.87 -63.51
N THR G 122 9.86 60.68 -63.70
CA THR G 122 10.87 61.53 -63.08
C THR G 122 10.78 62.94 -63.65
N LYS G 123 9.79 63.69 -63.17
CA LYS G 123 9.54 65.03 -63.68
C LYS G 123 10.39 66.06 -62.96
N GLY G 124 11.01 66.95 -63.74
CA GLY G 124 11.77 68.07 -63.24
C GLY G 124 10.86 69.26 -62.94
N PRO G 125 11.33 70.16 -62.09
CA PRO G 125 10.55 71.36 -61.74
C PRO G 125 10.57 72.48 -62.78
N SER G 126 9.49 73.26 -62.78
CA SER G 126 9.39 74.54 -63.45
C SER G 126 9.44 75.64 -62.39
N VAL G 127 10.48 76.49 -62.43
CA VAL G 127 10.79 77.46 -61.35
C VAL G 127 10.33 78.87 -61.74
N PHE G 128 9.53 79.50 -60.88
CA PHE G 128 8.95 80.81 -61.16
C PHE G 128 9.38 81.86 -60.15
N PRO G 129 9.59 83.15 -60.57
CA PRO G 129 10.07 84.16 -59.60
C PRO G 129 8.97 84.87 -58.80
N LEU G 130 9.16 84.90 -57.47
CA LEU G 130 8.27 85.56 -56.51
C LEU G 130 8.94 86.83 -56.00
N ALA G 131 8.48 88.00 -56.52
CA ALA G 131 8.98 89.35 -56.37
C ALA G 131 8.17 90.17 -55.37
N PRO G 132 8.85 91.10 -54.65
CA PRO G 132 8.23 92.14 -53.80
C PRO G 132 7.48 93.22 -54.56
N THR G 141 12.28 96.31 -44.86
CA THR G 141 12.67 94.92 -45.10
C THR G 141 11.60 94.21 -45.93
N ALA G 142 12.01 93.60 -47.05
CA ALA G 142 11.07 92.94 -47.95
C ALA G 142 11.54 91.52 -48.25
N ALA G 143 10.56 90.66 -48.51
CA ALA G 143 10.78 89.24 -48.69
C ALA G 143 10.54 88.89 -50.14
N LEU G 144 11.44 88.06 -50.69
CA LEU G 144 11.40 87.64 -52.08
C LEU G 144 11.94 86.22 -52.19
N GLY G 145 11.49 85.49 -53.20
CA GLY G 145 11.94 84.12 -53.32
C GLY G 145 11.48 83.42 -54.57
N CYS G 146 11.72 82.11 -54.58
CA CYS G 146 11.54 81.23 -55.72
C CYS G 146 10.51 80.15 -55.41
N LEU G 147 9.75 79.76 -56.44
CA LEU G 147 8.81 78.67 -56.36
C LEU G 147 9.32 77.53 -57.23
N VAL G 148 9.53 76.37 -56.63
CA VAL G 148 10.04 75.20 -57.35
C VAL G 148 8.85 74.26 -57.54
N LYS G 149 8.24 74.31 -58.73
CA LYS G 149 6.93 73.72 -58.97
C LYS G 149 6.99 72.38 -59.69
N ASP G 150 6.09 71.46 -59.31
CA ASP G 150 5.74 70.22 -60.03
C ASP G 150 6.96 69.34 -60.36
N TYR G 151 7.60 68.80 -59.34
CA TYR G 151 8.80 67.99 -59.52
C TYR G 151 8.65 66.63 -58.85
N PHE G 152 9.59 65.71 -59.19
CA PHE G 152 9.57 64.37 -58.61
C PHE G 152 10.86 63.62 -58.96
N PRO G 153 11.41 62.78 -58.06
CA PRO G 153 11.12 62.78 -56.62
C PRO G 153 12.09 63.73 -55.89
N GLU G 154 12.11 63.67 -54.56
CA GLU G 154 13.11 64.41 -53.83
C GLU G 154 14.49 63.76 -54.03
N PRO G 155 15.58 64.47 -53.71
CA PRO G 155 15.61 65.78 -53.04
C PRO G 155 15.79 66.95 -53.96
N VAL G 156 15.31 68.10 -53.52
CA VAL G 156 15.56 69.36 -54.21
C VAL G 156 16.30 70.26 -53.25
N THR G 157 17.43 70.81 -53.71
CA THR G 157 18.25 71.74 -52.96
C THR G 157 18.11 73.10 -53.60
N VAL G 158 17.94 74.13 -52.79
CA VAL G 158 17.84 75.52 -53.26
C VAL G 158 18.80 76.38 -52.46
N SER G 159 19.63 77.17 -53.15
CA SER G 159 20.60 78.07 -52.51
C SER G 159 20.53 79.41 -53.20
N TRP G 160 21.19 80.42 -52.62
CA TRP G 160 21.18 81.78 -53.23
C TRP G 160 22.61 82.29 -53.44
N ASN G 161 23.62 81.45 -53.21
CA ASN G 161 25.04 81.85 -53.38
C ASN G 161 25.65 81.03 -54.52
N GLY G 168 19.02 84.92 -43.89
CA GLY G 168 17.57 85.22 -43.99
C GLY G 168 16.88 84.25 -44.92
N VAL G 169 17.64 83.30 -45.47
CA VAL G 169 17.04 82.27 -46.36
C VAL G 169 16.19 81.34 -45.49
N HIS G 170 15.04 80.91 -46.00
CA HIS G 170 14.24 79.90 -45.26
C HIS G 170 13.55 79.00 -46.28
N THR G 171 14.17 77.87 -46.62
CA THR G 171 13.55 76.96 -47.56
C THR G 171 12.57 76.10 -46.78
N PHE G 172 11.47 75.74 -47.40
CA PHE G 172 10.43 75.08 -46.66
C PHE G 172 10.41 73.63 -47.07
N PRO G 173 9.84 72.75 -46.26
CA PRO G 173 9.59 71.40 -46.76
C PRO G 173 8.62 71.49 -47.91
N ALA G 174 8.68 70.47 -48.77
CA ALA G 174 7.79 70.46 -49.92
C ALA G 174 6.36 70.10 -49.49
N VAL G 175 5.43 70.21 -50.45
CA VAL G 175 4.06 69.75 -50.30
C VAL G 175 3.85 68.70 -51.37
N LEU G 176 3.19 67.58 -51.02
CA LEU G 176 2.85 66.53 -51.97
C LEU G 176 1.39 66.69 -52.38
N GLN G 177 1.16 67.11 -53.62
CA GLN G 177 -0.19 67.45 -54.04
C GLN G 177 -0.97 66.20 -54.44
N SER G 178 -2.24 66.42 -54.79
CA SER G 178 -3.08 65.33 -55.26
C SER G 178 -2.62 64.76 -56.60
N SER G 179 -1.92 65.55 -57.41
CA SER G 179 -1.39 65.07 -58.67
C SER G 179 -0.31 64.02 -58.49
N GLY G 180 0.28 63.93 -57.31
CA GLY G 180 1.38 63.04 -57.04
C GLY G 180 2.74 63.70 -57.11
N LEU G 181 2.78 65.02 -57.20
CA LEU G 181 4.00 65.81 -57.38
C LEU G 181 4.25 66.70 -56.17
N TYR G 182 5.53 66.92 -55.91
CA TYR G 182 5.96 67.84 -54.88
C TYR G 182 6.11 69.25 -55.46
N SER G 183 5.91 70.25 -54.61
CA SER G 183 6.21 71.63 -54.97
C SER G 183 6.89 72.27 -53.77
N LEU G 184 7.90 73.12 -54.01
CA LEU G 184 8.73 73.66 -52.95
C LEU G 184 8.91 75.15 -53.18
N SER G 185 9.09 75.90 -52.11
CA SER G 185 9.30 77.33 -52.21
C SER G 185 10.56 77.66 -51.45
N SER G 186 11.13 78.84 -51.69
CA SER G 186 12.28 79.27 -50.90
C SER G 186 12.30 80.79 -50.84
N VAL G 187 12.47 81.38 -49.65
CA VAL G 187 12.37 82.83 -49.54
C VAL G 187 13.47 83.42 -48.67
N VAL G 188 13.82 84.66 -48.99
CA VAL G 188 14.82 85.42 -48.27
C VAL G 188 14.27 86.82 -48.06
N THR G 189 14.88 87.51 -47.10
CA THR G 189 14.52 88.86 -46.75
C THR G 189 15.77 89.74 -46.85
N VAL G 190 15.59 90.96 -47.34
CA VAL G 190 16.69 91.90 -47.51
C VAL G 190 16.18 93.31 -47.22
N PRO G 191 17.05 94.25 -46.82
CA PRO G 191 16.57 95.61 -46.52
C PRO G 191 15.87 96.20 -47.73
N SER G 192 14.88 97.06 -47.47
CA SER G 192 14.12 97.65 -48.58
C SER G 192 15.00 98.52 -49.48
N SER G 193 15.95 99.25 -48.88
CA SER G 193 16.79 100.17 -49.65
C SER G 193 17.70 99.43 -50.64
N SER G 194 18.18 98.25 -50.28
CA SER G 194 19.16 97.56 -51.11
C SER G 194 18.53 96.75 -52.22
N LEU G 195 17.21 96.83 -52.39
CA LEU G 195 16.55 96.10 -53.48
C LEU G 195 17.06 96.57 -54.84
N GLY G 196 17.19 97.89 -55.02
CA GLY G 196 17.65 98.39 -56.31
C GLY G 196 19.09 98.02 -56.60
N THR G 197 19.95 98.07 -55.58
CA THR G 197 21.39 97.86 -55.80
C THR G 197 21.75 96.38 -55.94
N GLN G 198 21.30 95.54 -55.01
CA GLN G 198 21.72 94.15 -55.00
C GLN G 198 20.81 93.27 -55.84
N THR G 199 21.41 92.30 -56.53
CA THR G 199 20.70 91.37 -57.39
C THR G 199 20.69 90.00 -56.72
N TYR G 200 19.54 89.34 -56.73
CA TYR G 200 19.36 88.07 -56.03
C TYR G 200 18.93 86.99 -56.99
N ILE G 201 19.69 85.88 -57.01
CA ILE G 201 19.43 84.72 -57.85
C ILE G 201 19.45 83.47 -56.97
N CYS G 202 18.46 82.61 -57.15
CA CYS G 202 18.40 81.37 -56.41
C CYS G 202 18.90 80.24 -57.32
N ASN G 203 19.72 79.35 -56.75
CA ASN G 203 20.32 78.24 -57.48
C ASN G 203 19.55 76.97 -57.09
N VAL G 204 18.76 76.45 -58.02
CA VAL G 204 17.93 75.26 -57.83
C VAL G 204 18.55 74.11 -58.59
N ASN G 205 18.81 73.01 -57.92
CA ASN G 205 19.28 71.81 -58.58
C ASN G 205 18.37 70.66 -58.15
N HIS G 206 17.73 70.00 -59.12
CA HIS G 206 16.91 68.83 -58.87
C HIS G 206 17.69 67.67 -59.48
N LYS G 207 18.61 67.12 -58.70
CA LYS G 207 19.53 66.11 -59.23
C LYS G 207 18.84 64.94 -59.91
N PRO G 208 17.70 64.43 -59.45
CA PRO G 208 17.08 63.31 -60.17
C PRO G 208 16.83 63.50 -61.67
N SER G 209 16.36 64.67 -62.11
CA SER G 209 16.10 64.88 -63.53
C SER G 209 17.23 65.64 -64.24
N ASN G 210 18.37 65.84 -63.57
CA ASN G 210 19.50 66.58 -64.13
C ASN G 210 19.06 67.97 -64.57
N THR G 211 18.21 68.56 -63.76
CA THR G 211 17.70 69.90 -63.98
C THR G 211 18.56 70.81 -63.12
N LYS G 212 19.16 71.82 -63.73
CA LYS G 212 19.88 72.86 -63.01
C LYS G 212 19.50 74.20 -63.62
N VAL G 213 18.73 74.99 -62.89
CA VAL G 213 18.22 76.27 -63.38
C VAL G 213 18.55 77.36 -62.37
N ASP G 214 19.14 78.45 -62.85
CA ASP G 214 19.41 79.61 -62.02
C ASP G 214 18.47 80.71 -62.48
N LYS G 215 17.70 81.27 -61.54
CA LYS G 215 16.66 82.23 -61.87
C LYS G 215 16.90 83.52 -61.12
N LYS G 216 16.80 84.64 -61.82
CA LYS G 216 16.91 85.96 -61.20
C LYS G 216 15.57 86.37 -60.63
N VAL G 217 15.61 87.10 -59.52
CA VAL G 217 14.42 87.60 -58.86
C VAL G 217 14.58 89.11 -58.68
N PHE H 2 15.25 39.40 -30.63
CA PHE H 2 15.65 40.45 -29.69
C PHE H 2 15.34 41.85 -30.21
N MET H 3 14.79 42.69 -29.34
CA MET H 3 14.35 44.02 -29.75
C MET H 3 14.47 45.00 -28.59
N LEU H 4 14.45 46.29 -28.93
CA LEU H 4 14.46 47.38 -27.97
C LEU H 4 13.24 48.24 -28.26
N THR H 5 12.48 48.60 -27.22
CA THR H 5 11.26 49.39 -27.34
C THR H 5 11.42 50.72 -26.61
N GLN H 6 10.90 51.80 -27.17
CA GLN H 6 10.93 53.10 -26.50
C GLN H 6 9.55 53.73 -26.47
N PRO H 7 9.30 54.63 -25.51
CA PRO H 7 8.04 55.38 -25.48
C PRO H 7 7.97 56.35 -26.65
N HIS H 8 6.77 56.53 -27.20
CA HIS H 8 6.65 57.41 -28.36
C HIS H 8 6.95 58.86 -28.02
N SER H 9 6.45 59.36 -26.89
CA SER H 9 6.61 60.76 -26.51
C SER H 9 6.88 60.89 -25.01
N VAL H 10 7.67 61.91 -24.66
CA VAL H 10 7.92 62.29 -23.27
C VAL H 10 8.07 63.80 -23.18
N SER H 11 7.39 64.43 -22.18
CA SER H 11 7.36 65.87 -21.98
C SER H 11 7.71 66.24 -20.53
N GLU H 12 8.46 67.33 -20.35
CA GLU H 12 8.74 67.86 -19.02
C GLU H 12 9.15 69.31 -19.13
N SER H 13 8.97 70.04 -18.04
CA SER H 13 9.21 71.48 -18.00
C SER H 13 10.71 71.82 -17.99
N PRO H 14 11.06 73.08 -18.33
CA PRO H 14 12.47 73.51 -18.27
C PRO H 14 13.05 73.48 -16.85
N GLY H 15 14.32 73.08 -16.76
CA GLY H 15 15.04 73.01 -15.49
C GLY H 15 14.83 71.76 -14.67
N LYS H 16 13.94 70.87 -15.11
CA LYS H 16 13.55 69.62 -14.49
C LYS H 16 14.34 68.51 -15.17
N THR H 17 13.96 67.25 -14.98
CA THR H 17 14.68 66.12 -15.55
C THR H 17 13.75 65.19 -16.33
N VAL H 18 14.22 64.73 -17.50
CA VAL H 18 13.49 63.76 -18.30
C VAL H 18 14.30 62.48 -18.35
N THR H 19 13.64 61.35 -18.17
CA THR H 19 14.25 60.04 -18.31
C THR H 19 13.61 59.33 -19.48
N ILE H 20 14.44 58.88 -20.42
CA ILE H 20 14.00 58.14 -21.60
C ILE H 20 14.48 56.71 -21.46
N SER H 21 13.53 55.77 -21.47
CA SER H 21 13.82 54.37 -21.19
C SER H 21 14.11 53.61 -22.49
N CYS H 22 14.90 52.54 -22.36
CA CYS H 22 15.16 51.65 -23.50
C CYS H 22 15.15 50.23 -22.93
N THR H 23 13.96 49.61 -22.94
CA THR H 23 13.73 48.31 -22.31
C THR H 23 13.83 47.19 -23.35
N GLY H 24 14.42 46.07 -22.93
CA GLY H 24 14.74 44.98 -23.85
C GLY H 24 13.74 43.83 -23.81
N SER H 25 13.40 43.33 -25.00
CA SER H 25 12.54 42.18 -25.18
C SER H 25 13.38 41.07 -25.79
N ASN H 26 13.27 39.87 -25.25
CA ASN H 26 14.04 38.72 -25.73
C ASN H 26 15.55 38.88 -25.53
N GLY H 27 15.95 39.67 -24.54
CA GLY H 27 17.36 39.70 -24.17
C GLY H 27 17.59 40.57 -22.96
N TYR H 28 18.85 40.58 -22.51
CA TYR H 28 19.28 41.43 -21.41
C TYR H 28 20.01 42.64 -21.97
N ILE H 29 19.50 43.82 -21.66
CA ILE H 29 20.00 45.07 -22.20
C ILE H 29 21.47 45.29 -21.82
N ALA H 30 21.87 44.82 -20.63
CA ALA H 30 23.20 45.04 -20.10
C ALA H 30 24.17 43.91 -20.42
N ASN H 31 23.82 43.05 -21.36
CA ASN H 31 24.78 42.07 -21.83
C ASN H 31 25.89 42.74 -22.63
N ASN H 32 25.51 43.75 -23.39
CA ASN H 32 26.49 44.49 -24.21
C ASN H 32 26.22 45.97 -23.96
N TYR H 33 27.13 46.84 -24.37
CA TYR H 33 26.99 48.28 -24.06
C TYR H 33 25.82 48.89 -24.83
N VAL H 34 25.20 49.94 -24.26
CA VAL H 34 24.07 50.65 -24.93
C VAL H 34 24.51 52.05 -25.36
N GLN H 35 24.08 52.50 -26.53
CA GLN H 35 24.46 53.76 -27.14
C GLN H 35 23.24 54.64 -27.35
N TRP H 36 23.40 55.94 -27.21
CA TRP H 36 22.27 56.85 -27.29
C TRP H 36 22.56 57.88 -28.35
N TYR H 37 21.56 58.09 -29.24
CA TYR H 37 21.71 58.93 -30.43
C TYR H 37 20.58 59.93 -30.53
N GLN H 38 20.93 61.20 -30.68
CA GLN H 38 19.97 62.28 -30.85
C GLN H 38 19.82 62.54 -32.33
N GLN H 39 18.59 62.81 -32.79
CA GLN H 39 18.39 63.23 -34.18
C GLN H 39 17.52 64.48 -34.18
N ARG H 40 18.14 65.65 -34.44
CA ARG H 40 17.38 66.89 -34.49
C ARG H 40 16.57 66.94 -35.79
N PRO H 41 15.50 67.80 -35.83
CA PRO H 41 14.70 67.88 -37.06
C PRO H 41 15.54 68.17 -38.29
N GLY H 42 15.45 67.27 -39.28
CA GLY H 42 16.15 67.43 -40.55
C GLY H 42 17.65 67.37 -40.49
N SER H 43 18.21 66.74 -39.47
CA SER H 43 19.66 66.63 -39.32
C SER H 43 20.03 65.18 -39.04
N VAL H 44 21.31 64.89 -39.21
CA VAL H 44 21.86 63.55 -39.03
C VAL H 44 22.11 63.23 -37.57
N PRO H 45 21.96 61.98 -37.14
CA PRO H 45 22.27 61.64 -35.75
C PRO H 45 23.72 61.95 -35.35
N THR H 46 23.84 62.40 -34.10
CA THR H 46 25.11 62.55 -33.39
C THR H 46 25.00 61.81 -32.05
N VAL H 47 26.13 61.24 -31.60
CA VAL H 47 26.18 60.45 -30.36
C VAL H 47 25.98 61.38 -29.20
N VAL H 48 25.14 60.96 -28.24
CA VAL H 48 24.98 61.67 -26.98
C VAL H 48 25.44 60.81 -25.80
N ILE H 49 25.14 59.52 -25.82
CA ILE H 49 25.69 58.60 -24.83
C ILE H 49 26.12 57.32 -25.52
N TYR H 50 27.35 56.89 -25.22
CA TYR H 50 27.95 55.66 -25.73
C TYR H 50 28.46 54.83 -24.56
N GLU H 51 28.50 53.51 -24.74
CA GLU H 51 29.03 52.60 -23.72
C GLU H 51 28.38 52.82 -22.33
N ASP H 52 27.06 53.09 -22.35
CA ASP H 52 26.06 53.24 -21.29
C ASP H 52 26.03 54.52 -20.45
N ASN H 53 27.16 55.10 -20.16
CA ASN H 53 27.15 56.29 -19.30
C ASN H 53 28.33 57.18 -19.58
N GLN H 54 29.16 56.82 -20.54
CA GLN H 54 30.26 57.62 -20.99
C GLN H 54 29.75 58.66 -21.98
N ARG H 55 30.34 59.85 -21.96
CA ARG H 55 29.76 61.00 -22.65
C ARG H 55 30.76 61.65 -23.60
N PRO H 56 30.47 61.76 -24.91
CA PRO H 56 31.45 62.33 -25.84
C PRO H 56 31.71 63.80 -25.56
N SER H 57 32.88 64.25 -26.01
CA SER H 57 33.30 65.63 -25.78
C SER H 57 32.33 66.59 -26.47
N GLY H 58 31.93 67.63 -25.76
CA GLY H 58 31.03 68.58 -26.39
C GLY H 58 29.57 68.21 -26.31
N VAL H 59 29.23 67.04 -25.78
CA VAL H 59 27.83 66.69 -25.53
C VAL H 59 27.53 67.28 -24.16
N PRO H 60 26.39 67.96 -23.97
CA PRO H 60 26.19 68.72 -22.73
C PRO H 60 26.36 67.85 -21.51
N ASP H 61 26.95 68.44 -20.45
CA ASP H 61 27.21 67.71 -19.21
C ASP H 61 25.92 67.20 -18.60
N ARG H 62 24.79 67.79 -18.99
CA ARG H 62 23.49 67.41 -18.49
C ARG H 62 23.03 66.03 -18.98
N PHE H 63 23.71 65.44 -19.94
CA PHE H 63 23.27 64.16 -20.46
C PHE H 63 24.02 63.05 -19.71
N SER H 64 23.28 62.13 -19.08
CA SER H 64 23.87 60.97 -18.44
C SER H 64 23.14 59.73 -18.93
N GLY H 65 23.73 58.58 -18.62
CA GLY H 65 23.08 57.29 -18.86
C GLY H 65 23.25 56.39 -17.66
N SER H 66 22.28 55.49 -17.49
CA SER H 66 22.30 54.51 -16.40
C SER H 66 21.78 53.17 -16.88
N ILE H 67 22.02 52.14 -16.07
CA ILE H 67 21.51 50.78 -16.29
C ILE H 67 20.71 50.33 -15.07
N ASP H 68 19.54 49.76 -15.34
CA ASP H 68 18.61 49.22 -14.35
C ASP H 68 18.40 47.74 -14.67
N SER H 69 19.24 46.88 -14.08
CA SER H 69 19.20 45.46 -14.41
C SER H 69 17.84 44.84 -14.13
N SER H 70 17.08 45.42 -13.19
CA SER H 70 15.83 44.82 -12.75
C SER H 70 14.74 44.90 -13.82
N SER H 71 14.53 46.07 -14.40
CA SER H 71 13.51 46.23 -15.42
C SER H 71 14.05 45.95 -16.80
N ASN H 72 15.31 45.51 -16.90
CA ASN H 72 15.94 45.22 -18.18
C ASN H 72 15.86 46.43 -19.10
N SER H 73 16.27 47.57 -18.57
CA SER H 73 16.09 48.83 -19.27
C SER H 73 17.37 49.64 -19.17
N ALA H 74 17.71 50.29 -20.28
CA ALA H 74 18.76 51.28 -20.35
C ALA H 74 18.09 52.64 -20.41
N SER H 75 18.69 53.62 -19.76
CA SER H 75 18.04 54.90 -19.55
C SER H 75 18.90 56.06 -20.03
N LEU H 76 18.23 57.05 -20.62
CA LEU H 76 18.87 58.32 -20.98
C LEU H 76 18.26 59.42 -20.11
N ILE H 77 19.12 60.07 -19.33
CA ILE H 77 18.71 61.05 -18.36
C ILE H 77 19.29 62.39 -18.80
N ILE H 78 18.46 63.43 -18.76
CA ILE H 78 18.86 64.77 -19.17
C ILE H 78 18.60 65.68 -17.98
N SER H 79 19.66 66.08 -17.26
CA SER H 79 19.59 67.03 -16.17
C SER H 79 19.29 68.41 -16.73
N GLY H 80 18.78 69.30 -15.87
CA GLY H 80 18.58 70.71 -16.19
C GLY H 80 18.09 71.11 -17.58
N LEU H 81 16.87 70.68 -17.95
CA LEU H 81 16.35 70.79 -19.31
C LEU H 81 16.47 72.19 -19.92
N LYS H 82 16.65 72.18 -21.24
CA LYS H 82 16.61 73.36 -22.09
C LYS H 82 15.74 73.06 -23.31
N THR H 83 15.18 74.12 -23.91
CA THR H 83 14.37 73.96 -25.12
C THR H 83 15.19 73.40 -26.27
N GLU H 84 16.49 73.76 -26.37
CA GLU H 84 17.34 73.29 -27.45
C GLU H 84 17.57 71.78 -27.43
N ASP H 85 17.10 71.07 -26.37
CA ASP H 85 17.15 69.61 -26.21
C ASP H 85 16.04 68.91 -26.97
N GLU H 86 15.09 69.65 -27.52
CA GLU H 86 14.00 69.08 -28.30
C GLU H 86 14.54 68.35 -29.52
N ALA H 87 14.43 67.03 -29.51
CA ALA H 87 14.92 66.18 -30.58
C ALA H 87 14.28 64.79 -30.45
N ASP H 88 14.34 64.02 -31.52
CA ASP H 88 13.98 62.61 -31.39
C ASP H 88 15.20 61.86 -30.87
N TYR H 89 14.98 60.90 -29.97
CA TYR H 89 16.09 60.16 -29.38
C TYR H 89 15.97 58.66 -29.59
N TYR H 90 17.09 58.04 -29.94
CA TYR H 90 17.10 56.60 -30.24
C TYR H 90 18.15 55.91 -29.36
N CYS H 91 17.90 54.66 -29.01
CA CYS H 91 18.88 53.87 -28.22
C CYS H 91 19.36 52.75 -29.13
N GLN H 92 20.58 52.26 -28.93
CA GLN H 92 21.00 51.12 -29.76
C GLN H 92 22.01 50.21 -29.08
N SER H 93 21.98 48.93 -29.42
CA SER H 93 23.01 47.99 -28.96
C SER H 93 23.19 46.89 -30.02
N TYR H 94 24.02 45.88 -29.67
CA TYR H 94 24.43 44.84 -30.63
C TYR H 94 24.23 43.44 -30.05
N ASP H 95 23.41 42.63 -30.74
CA ASP H 95 23.30 41.19 -30.37
C ASP H 95 24.41 40.44 -31.13
N THR H 96 24.22 39.16 -31.49
CA THR H 96 25.35 38.41 -32.11
C THR H 96 25.80 38.93 -33.50
N PRO H 97 24.93 39.17 -34.51
CA PRO H 97 25.38 39.62 -35.84
C PRO H 97 24.63 40.81 -36.44
N ASN H 98 24.00 41.64 -35.62
CA ASN H 98 23.17 42.76 -36.06
C ASN H 98 23.16 43.86 -35.02
N VAL H 99 23.30 45.09 -35.46
CA VAL H 99 23.03 46.25 -34.62
C VAL H 99 21.52 46.46 -34.50
N VAL H 100 21.04 46.69 -33.29
CA VAL H 100 19.62 46.85 -33.01
C VAL H 100 19.37 48.24 -32.45
N PHE H 101 18.41 48.95 -33.04
CA PHE H 101 18.08 50.33 -32.73
C PHE H 101 16.72 50.35 -32.06
N GLY H 102 16.53 51.33 -31.19
CA GLY H 102 15.20 51.56 -30.65
C GLY H 102 14.27 52.24 -31.65
N GLY H 103 12.98 52.14 -31.35
CA GLY H 103 11.99 52.78 -32.20
C GLY H 103 12.12 54.29 -32.20
N GLY H 104 12.49 54.86 -31.06
CA GLY H 104 12.76 56.29 -31.04
C GLY H 104 11.76 57.09 -30.21
N THR H 105 12.27 58.13 -29.55
CA THR H 105 11.49 58.95 -28.63
C THR H 105 11.56 60.42 -29.02
N LYS H 106 10.38 61.02 -29.26
CA LYS H 106 10.24 62.42 -29.68
C LYS H 106 10.08 63.30 -28.45
N LEU H 107 11.13 64.01 -28.07
CA LEU H 107 11.13 64.79 -26.84
C LEU H 107 10.54 66.18 -27.03
N THR H 108 9.59 66.54 -26.16
CA THR H 108 8.89 67.81 -26.18
C THR H 108 9.21 68.54 -24.89
N VAL H 109 9.39 69.86 -24.96
CA VAL H 109 9.73 70.64 -23.78
C VAL H 109 8.60 71.63 -23.54
N LEU H 110 7.91 71.42 -22.44
CA LEU H 110 6.77 72.21 -22.06
C LEU H 110 7.24 73.63 -21.76
N GLY H 111 6.32 74.58 -21.85
CA GLY H 111 6.64 75.97 -21.59
C GLY H 111 6.40 76.73 -22.85
N GLN H 112 7.47 77.28 -23.46
CA GLN H 112 7.45 77.53 -24.90
C GLN H 112 6.33 78.48 -25.32
N PRO H 113 6.57 79.78 -25.22
CA PRO H 113 5.49 80.76 -25.39
C PRO H 113 4.77 80.62 -26.71
N LYS H 114 3.45 80.78 -26.69
CA LYS H 114 2.71 80.74 -27.93
C LYS H 114 3.27 81.77 -28.88
N ALA H 115 3.60 81.32 -30.09
CA ALA H 115 4.16 82.13 -31.16
C ALA H 115 3.15 82.20 -32.28
N ALA H 116 2.64 83.39 -32.56
CA ALA H 116 1.72 83.55 -33.66
C ALA H 116 2.46 83.30 -34.98
N PRO H 117 1.77 82.85 -36.03
CA PRO H 117 2.47 82.51 -37.27
C PRO H 117 2.87 83.73 -38.12
N SER H 118 4.08 83.66 -38.71
CA SER H 118 4.60 84.67 -39.62
C SER H 118 4.28 84.30 -41.06
N VAL H 119 3.49 85.13 -41.73
CA VAL H 119 2.95 84.87 -43.07
C VAL H 119 3.59 85.80 -44.10
N THR H 120 4.02 85.23 -45.22
CA THR H 120 4.32 86.01 -46.41
C THR H 120 3.53 85.41 -47.57
N LEU H 121 2.78 86.26 -48.30
CA LEU H 121 1.93 85.81 -49.40
C LEU H 121 2.41 86.41 -50.72
N PHE H 122 2.59 85.55 -51.74
CA PHE H 122 3.14 85.95 -53.03
C PHE H 122 2.11 85.72 -54.13
N PRO H 123 1.94 86.69 -55.06
CA PRO H 123 0.97 86.54 -56.15
C PRO H 123 1.58 85.70 -57.27
N PRO H 124 0.79 85.29 -58.25
CA PRO H 124 1.38 84.59 -59.40
C PRO H 124 2.45 85.43 -60.09
N SER H 125 3.55 84.78 -60.43
CA SER H 125 4.62 85.41 -61.17
C SER H 125 4.16 85.68 -62.60
N SER H 126 4.79 86.68 -63.24
CA SER H 126 4.46 86.96 -64.63
C SER H 126 4.79 85.77 -65.53
N GLU H 127 5.92 85.10 -65.26
CA GLU H 127 6.29 83.94 -66.08
C GLU H 127 5.23 82.86 -65.99
N GLU H 128 4.66 82.65 -64.80
CA GLU H 128 3.62 81.64 -64.63
C GLU H 128 2.35 82.02 -65.35
N LEU H 129 1.93 83.29 -65.26
CA LEU H 129 0.70 83.71 -65.92
C LEU H 129 0.81 83.59 -67.45
N GLN H 130 1.97 83.97 -68.01
CA GLN H 130 2.21 83.82 -69.44
C GLN H 130 2.27 82.35 -69.87
N ALA H 131 2.71 81.45 -68.99
CA ALA H 131 2.75 80.02 -69.25
C ALA H 131 1.41 79.33 -69.00
N ASN H 132 0.32 80.10 -68.88
CA ASN H 132 -1.04 79.58 -68.74
C ASN H 132 -1.24 78.74 -67.47
N LYS H 133 -0.73 79.24 -66.35
CA LYS H 133 -0.99 78.67 -65.03
C LYS H 133 -1.05 79.81 -64.02
N ALA H 134 -1.63 79.54 -62.86
CA ALA H 134 -1.65 80.52 -61.77
C ALA H 134 -1.62 79.78 -60.44
N THR H 135 -0.55 79.98 -59.67
CA THR H 135 -0.41 79.38 -58.34
C THR H 135 -0.03 80.46 -57.33
N LEU H 136 -0.84 80.57 -56.26
CA LEU H 136 -0.56 81.48 -55.15
C LEU H 136 0.25 80.75 -54.08
N VAL H 137 1.29 81.40 -53.58
CA VAL H 137 2.21 80.78 -52.62
C VAL H 137 2.05 81.49 -51.28
N CYS H 138 1.55 80.75 -50.27
CA CYS H 138 1.30 81.24 -48.93
C CYS H 138 2.22 80.50 -47.97
N LEU H 139 3.15 81.23 -47.36
CA LEU H 139 4.20 80.64 -46.55
C LEU H 139 4.00 81.02 -45.09
N ILE H 140 4.04 80.01 -44.22
CA ILE H 140 3.81 80.15 -42.79
C ILE H 140 5.03 79.64 -42.05
N SER H 141 5.58 80.47 -41.18
CA SER H 141 6.80 80.11 -40.46
C SER H 141 6.73 80.68 -39.06
N ASP H 142 7.55 80.12 -38.16
CA ASP H 142 7.78 80.66 -36.81
C ASP H 142 6.53 80.70 -35.92
N PHE H 143 5.86 79.56 -35.75
CA PHE H 143 4.68 79.55 -34.89
C PHE H 143 4.75 78.40 -33.89
N TYR H 144 4.16 78.63 -32.69
CA TYR H 144 4.12 77.60 -31.60
C TYR H 144 2.87 77.69 -30.72
N PRO H 145 2.20 76.58 -30.41
CA PRO H 145 2.54 75.22 -30.85
C PRO H 145 2.34 75.04 -32.35
N GLY H 146 2.78 73.89 -32.87
CA GLY H 146 2.67 73.52 -34.28
C GLY H 146 1.38 72.87 -34.69
N ALA H 147 0.28 73.61 -34.62
CA ALA H 147 -1.02 73.16 -35.10
C ALA H 147 -1.69 74.34 -35.80
N VAL H 148 -2.00 74.17 -37.09
CA VAL H 148 -2.63 75.22 -37.90
C VAL H 148 -3.63 74.63 -38.89
N THR H 149 -4.67 75.42 -39.15
CA THR H 149 -5.66 75.17 -40.20
C THR H 149 -5.61 76.36 -41.14
N VAL H 150 -5.38 76.09 -42.43
CA VAL H 150 -5.25 77.13 -43.45
C VAL H 150 -6.46 77.07 -44.37
N ALA H 151 -7.12 78.22 -44.55
CA ALA H 151 -8.25 78.36 -45.44
C ALA H 151 -7.98 79.49 -46.41
N TRP H 152 -8.40 79.32 -47.67
CA TRP H 152 -8.23 80.34 -48.72
C TRP H 152 -9.53 81.07 -48.99
N LYS H 153 -9.40 82.34 -49.37
CA LYS H 153 -10.54 83.20 -49.67
C LYS H 153 -10.34 83.82 -51.04
N ALA H 154 -11.43 84.00 -51.77
CA ALA H 154 -11.44 84.77 -53.02
C ALA H 154 -12.44 85.91 -52.83
N ASP H 155 -11.93 87.15 -52.80
CA ASP H 155 -12.76 88.30 -52.49
C ASP H 155 -13.49 88.08 -51.17
N SER H 156 -12.77 87.55 -50.18
CA SER H 156 -13.32 87.25 -48.87
C SER H 156 -14.45 86.20 -48.92
N SER H 157 -14.44 85.31 -49.91
CA SER H 157 -15.34 84.15 -49.97
C SER H 157 -14.52 82.86 -49.98
N PRO H 158 -14.82 81.89 -49.11
CA PRO H 158 -13.91 80.73 -48.95
C PRO H 158 -13.80 79.87 -50.21
N VAL H 159 -12.57 79.42 -50.49
CA VAL H 159 -12.26 78.54 -51.61
C VAL H 159 -11.78 77.20 -51.08
N LYS H 160 -12.34 76.11 -51.60
CA LYS H 160 -12.03 74.75 -51.15
C LYS H 160 -11.43 73.88 -52.26
N ALA H 161 -11.11 74.46 -53.41
CA ALA H 161 -10.63 73.68 -54.55
C ALA H 161 -9.31 74.27 -55.05
N GLY H 162 -8.45 73.39 -55.52
CA GLY H 162 -7.12 73.79 -55.94
C GLY H 162 -6.23 74.19 -54.78
N VAL H 163 -6.53 73.70 -53.57
CA VAL H 163 -5.82 74.04 -52.33
C VAL H 163 -4.97 72.86 -51.88
N GLU H 164 -3.68 73.10 -51.66
CA GLU H 164 -2.74 72.12 -51.12
C GLU H 164 -1.98 72.73 -49.95
N THR H 165 -2.00 72.03 -48.80
CA THR H 165 -1.41 72.47 -47.55
C THR H 165 -0.41 71.44 -47.03
N THR H 166 0.73 71.92 -46.54
CA THR H 166 1.73 71.04 -45.94
C THR H 166 1.39 70.75 -44.48
N THR H 167 1.67 69.53 -44.05
CA THR H 167 1.63 69.23 -42.64
C THR H 167 2.76 69.97 -41.92
N PRO H 168 2.48 70.60 -40.77
CA PRO H 168 3.52 71.41 -40.11
C PRO H 168 4.75 70.60 -39.72
N SER H 169 5.90 71.24 -39.86
CA SER H 169 7.20 70.61 -39.65
C SER H 169 8.05 71.44 -38.71
N LYS H 170 8.82 70.77 -37.87
CA LYS H 170 9.62 71.47 -36.87
C LYS H 170 10.88 72.05 -37.48
N GLN H 171 11.15 73.30 -37.13
CA GLN H 171 12.28 74.08 -37.60
C GLN H 171 13.52 73.81 -36.75
N SER H 172 14.61 74.52 -37.07
CA SER H 172 15.79 74.48 -36.21
C SER H 172 15.56 75.27 -34.93
N ASN H 173 14.82 76.38 -35.02
CA ASN H 173 14.54 77.26 -33.89
C ASN H 173 13.37 76.80 -33.03
N ASN H 174 12.90 75.57 -33.24
CA ASN H 174 11.92 74.82 -32.44
C ASN H 174 10.48 75.26 -32.66
N LYS H 175 10.21 76.26 -33.48
CA LYS H 175 8.86 76.56 -33.89
C LYS H 175 8.49 75.62 -35.05
N TYR H 176 7.37 75.86 -35.72
CA TYR H 176 6.91 74.99 -36.79
C TYR H 176 6.65 75.79 -38.07
N ALA H 177 6.83 75.16 -39.24
CA ALA H 177 6.70 75.82 -40.54
C ALA H 177 5.81 75.01 -41.48
N ALA H 178 5.01 75.72 -42.28
CA ALA H 178 4.07 75.10 -43.21
C ALA H 178 3.75 76.05 -44.38
N SER H 179 3.30 75.45 -45.49
CA SER H 179 3.08 76.15 -46.76
C SER H 179 1.75 75.74 -47.37
N SER H 180 1.05 76.69 -47.99
CA SER H 180 -0.21 76.41 -48.66
C SER H 180 -0.22 77.02 -50.06
N TYR H 181 -0.71 76.28 -51.05
CA TYR H 181 -0.70 76.75 -52.43
C TYR H 181 -2.11 76.70 -53.02
N LEU H 182 -2.49 77.75 -53.74
CA LEU H 182 -3.81 77.79 -54.38
C LEU H 182 -3.68 77.76 -55.89
N SER H 183 -4.38 76.80 -56.51
CA SER H 183 -4.35 76.61 -57.95
C SER H 183 -5.53 77.37 -58.56
N LEU H 184 -5.21 78.25 -59.51
CA LEU H 184 -6.19 79.08 -60.21
C LEU H 184 -5.82 79.18 -61.68
N THR H 185 -6.81 79.45 -62.51
CA THR H 185 -6.49 79.84 -63.87
C THR H 185 -6.09 81.31 -63.92
N PRO H 186 -5.25 81.70 -64.87
CA PRO H 186 -4.88 83.13 -64.97
C PRO H 186 -6.07 84.04 -65.20
N GLU H 187 -7.13 83.55 -65.86
CA GLU H 187 -8.35 84.35 -65.95
C GLU H 187 -9.04 84.43 -64.59
N GLN H 188 -9.06 83.32 -63.85
CA GLN H 188 -9.59 83.35 -62.49
C GLN H 188 -8.79 84.31 -61.64
N TRP H 189 -7.49 84.43 -61.89
CA TRP H 189 -6.66 85.35 -61.12
C TRP H 189 -7.05 86.80 -61.38
N LYS H 190 -7.09 87.21 -62.66
CA LYS H 190 -7.38 88.61 -62.97
C LYS H 190 -8.84 88.98 -62.72
N SER H 191 -9.77 88.03 -62.87
CA SER H 191 -11.19 88.37 -62.73
C SER H 191 -11.57 88.77 -61.29
N HIS H 192 -11.08 88.05 -60.28
CA HIS H 192 -11.45 88.34 -58.90
C HIS H 192 -10.74 89.61 -58.40
N ARG H 193 -11.39 90.27 -57.43
CA ARG H 193 -10.83 91.49 -56.86
C ARG H 193 -9.54 91.18 -56.10
N SER H 194 -9.55 90.11 -55.30
CA SER H 194 -8.41 89.75 -54.47
C SER H 194 -8.55 88.29 -54.05
N TYR H 195 -7.44 87.73 -53.57
CA TYR H 195 -7.43 86.43 -52.92
C TYR H 195 -6.72 86.56 -51.58
N SER H 196 -7.15 85.78 -50.62
CA SER H 196 -6.61 85.88 -49.28
C SER H 196 -6.26 84.50 -48.73
N CYS H 197 -5.23 84.45 -47.88
CA CYS H 197 -4.78 83.23 -47.24
C CYS H 197 -4.95 83.39 -45.74
N GLN H 198 -5.74 82.52 -45.12
CA GLN H 198 -6.16 82.70 -43.73
C GLN H 198 -5.61 81.57 -42.89
N VAL H 199 -4.76 81.92 -41.93
CA VAL H 199 -4.16 80.94 -41.03
C VAL H 199 -4.76 81.18 -39.66
N THR H 200 -5.46 80.18 -39.14
CA THR H 200 -6.02 80.23 -37.80
C THR H 200 -5.09 79.45 -36.90
N HIS H 201 -4.54 80.13 -35.88
CA HIS H 201 -3.51 79.51 -35.01
C HIS H 201 -3.83 79.84 -33.55
N GLU H 202 -4.25 78.81 -32.80
CA GLU H 202 -4.65 78.97 -31.41
C GLU H 202 -5.76 80.02 -31.28
N GLY H 203 -6.82 79.84 -32.08
CA GLY H 203 -8.03 80.62 -32.01
C GLY H 203 -7.97 81.98 -32.64
N SER H 204 -6.84 82.38 -33.18
CA SER H 204 -6.64 83.66 -33.83
C SER H 204 -6.44 83.41 -35.32
N THR H 205 -7.10 84.21 -36.17
CA THR H 205 -7.01 84.10 -37.62
C THR H 205 -6.05 85.17 -38.12
N VAL H 206 -5.00 84.74 -38.84
CA VAL H 206 -4.02 85.63 -39.47
C VAL H 206 -4.23 85.56 -40.99
N GLU H 207 -4.45 86.73 -41.63
CA GLU H 207 -4.75 86.80 -43.05
C GLU H 207 -3.89 87.85 -43.76
N LYS H 208 -3.45 87.47 -44.97
CA LYS H 208 -2.82 88.30 -46.00
C LYS H 208 -3.69 88.24 -47.25
N THR H 209 -3.72 89.35 -48.00
CA THR H 209 -4.49 89.48 -49.24
C THR H 209 -3.57 90.05 -50.32
N VAL H 210 -3.64 89.49 -51.53
CA VAL H 210 -2.88 90.02 -52.66
C VAL H 210 -3.84 90.48 -53.75
N ALA H 211 -3.36 91.39 -54.59
CA ALA H 211 -4.24 91.97 -55.58
C ALA H 211 -3.58 91.92 -56.94
N PRO H 212 -4.32 91.55 -57.98
CA PRO H 212 -3.79 91.67 -59.35
C PRO H 212 -3.48 93.12 -59.68
N THR H 213 -2.27 93.35 -60.19
CA THR H 213 -1.87 94.68 -60.63
C THR H 213 -1.86 94.80 -62.15
N GLU I 1 1.08 -85.19 30.50
CA GLU I 1 0.49 -83.97 29.96
C GLU I 1 1.24 -82.75 30.47
N VAL I 2 0.97 -81.59 29.85
CA VAL I 2 1.69 -80.36 30.20
C VAL I 2 1.09 -79.80 31.48
N GLN I 3 1.95 -79.64 32.49
CA GLN I 3 1.56 -79.08 33.78
C GLN I 3 2.49 -77.94 34.16
N LEU I 4 1.92 -76.83 34.60
CA LEU I 4 2.69 -75.77 35.24
C LEU I 4 2.30 -75.73 36.71
N VAL I 5 3.26 -76.07 37.57
CA VAL I 5 3.06 -76.24 39.00
C VAL I 5 3.86 -75.17 39.71
N GLU I 6 3.21 -74.37 40.53
CA GLU I 6 3.88 -73.32 41.29
C GLU I 6 3.89 -73.68 42.76
N SER I 7 4.99 -73.35 43.45
CA SER I 7 5.13 -73.65 44.85
C SER I 7 5.87 -72.52 45.53
N GLY I 8 5.85 -72.54 46.86
CA GLY I 8 6.60 -71.58 47.65
C GLY I 8 5.79 -70.40 48.11
N GLY I 9 4.51 -70.33 47.73
CA GLY I 9 3.64 -69.24 48.18
C GLY I 9 3.24 -69.39 49.64
N GLY I 10 2.81 -68.29 50.23
CA GLY I 10 2.54 -68.29 51.66
C GLY I 10 2.15 -66.92 52.15
N LEU I 11 2.23 -66.74 53.47
CA LEU I 11 1.81 -65.51 54.14
C LEU I 11 3.04 -64.69 54.49
N VAL I 12 3.01 -63.39 54.16
CA VAL I 12 4.13 -62.49 54.43
C VAL I 12 3.61 -61.12 54.89
N GLN I 13 4.40 -60.46 55.74
CA GLN I 13 4.14 -59.08 56.12
C GLN I 13 4.61 -58.12 55.03
N PRO I 14 4.04 -56.91 54.98
CA PRO I 14 4.66 -55.86 54.16
C PRO I 14 6.14 -55.69 54.49
N GLY I 15 6.97 -55.68 53.44
CA GLY I 15 8.41 -55.68 53.58
C GLY I 15 9.05 -57.04 53.61
N GLY I 16 8.26 -58.10 53.68
CA GLY I 16 8.81 -59.41 53.73
C GLY I 16 9.23 -59.88 52.35
N SER I 17 9.99 -60.96 52.34
CA SER I 17 10.56 -61.51 51.12
C SER I 17 10.05 -62.92 50.94
N LEU I 18 9.71 -63.26 49.70
CA LEU I 18 9.20 -64.57 49.37
C LEU I 18 9.77 -64.99 48.01
N ARG I 19 9.94 -66.30 47.83
CA ARG I 19 10.54 -66.85 46.62
C ARG I 19 9.60 -67.89 46.02
N ILE I 20 9.39 -67.82 44.71
CA ILE I 20 8.51 -68.77 44.07
C ILE I 20 9.22 -69.41 42.89
N SER I 21 8.86 -70.67 42.62
CA SER I 21 9.43 -71.46 41.55
C SER I 21 8.29 -71.99 40.69
N CYS I 22 8.57 -72.17 39.39
CA CYS I 22 7.61 -72.73 38.45
C CYS I 22 8.18 -74.03 37.88
N ALA I 23 7.44 -75.12 38.04
CA ALA I 23 7.86 -76.44 37.61
C ALA I 23 7.05 -76.85 36.38
N ALA I 24 7.76 -77.29 35.35
CA ALA I 24 7.17 -77.69 34.09
C ALA I 24 7.32 -79.20 33.89
N SER I 25 6.39 -79.77 33.14
CA SER I 25 6.54 -81.15 32.70
C SER I 25 5.96 -81.25 31.30
N GLY I 26 6.73 -81.86 30.40
CA GLY I 26 6.36 -82.04 29.02
C GLY I 26 6.84 -80.99 28.03
N LEU I 27 7.59 -79.97 28.46
CA LEU I 27 8.20 -79.07 27.47
C LEU I 27 9.47 -78.44 28.04
N THR I 28 10.37 -78.07 27.13
CA THR I 28 11.61 -77.38 27.47
C THR I 28 11.37 -75.87 27.53
N PHE I 29 11.84 -75.24 28.60
CA PHE I 29 11.73 -73.80 28.81
C PHE I 29 12.67 -72.99 27.95
N THR I 30 13.58 -73.62 27.23
CA THR I 30 14.72 -72.91 26.66
C THR I 30 14.31 -71.92 25.56
N GLY I 31 13.31 -72.24 24.74
CA GLY I 31 13.06 -71.45 23.56
C GLY I 31 12.00 -70.35 23.60
N TYR I 32 11.43 -70.02 24.75
CA TYR I 32 10.30 -69.10 24.80
C TYR I 32 10.48 -68.04 25.89
N TRP I 33 9.63 -67.01 25.80
CA TRP I 33 9.59 -65.96 26.81
C TRP I 33 8.70 -66.39 27.94
N MET I 34 9.21 -66.33 29.17
CA MET I 34 8.48 -66.74 30.36
C MET I 34 8.05 -65.51 31.13
N ASN I 35 6.85 -65.56 31.69
CA ASN I 35 6.21 -64.42 32.33
C ASN I 35 5.56 -64.82 33.64
N TRP I 36 5.46 -63.85 34.55
CA TRP I 36 4.62 -63.95 35.72
C TRP I 36 3.48 -62.95 35.54
N VAL I 37 2.24 -63.41 35.70
CA VAL I 37 1.07 -62.51 35.61
C VAL I 37 0.10 -62.86 36.73
N ARG I 38 -0.20 -61.88 37.58
CA ARG I 38 -0.92 -62.03 38.84
C ARG I 38 -2.36 -61.52 38.74
N GLN I 39 -3.17 -61.93 39.73
CA GLN I 39 -4.57 -61.50 39.81
C GLN I 39 -4.95 -61.40 41.29
N ALA I 40 -5.10 -60.16 41.76
CA ALA I 40 -5.57 -59.86 43.10
C ALA I 40 -7.05 -60.16 43.22
N PRO I 41 -7.59 -60.29 44.44
CA PRO I 41 -9.04 -60.50 44.60
C PRO I 41 -9.83 -59.36 43.98
N GLY I 42 -10.86 -59.73 43.22
CA GLY I 42 -11.76 -58.74 42.62
C GLY I 42 -11.13 -57.79 41.62
N LYS I 43 -10.18 -58.29 40.83
CA LYS I 43 -9.50 -57.46 39.85
C LYS I 43 -9.20 -58.31 38.63
N GLY I 44 -8.55 -57.69 37.64
CA GLY I 44 -8.25 -58.33 36.37
C GLY I 44 -6.78 -58.69 36.27
N LEU I 45 -6.42 -59.30 35.13
CA LEU I 45 -5.05 -59.73 34.92
C LEU I 45 -4.09 -58.55 34.72
N GLU I 46 -2.92 -58.64 35.36
CA GLU I 46 -1.82 -57.68 35.20
C GLU I 46 -0.51 -58.44 35.07
N TRP I 47 0.16 -58.30 33.92
CA TRP I 47 1.44 -58.97 33.70
C TRP I 47 2.50 -58.41 34.65
N VAL I 48 3.29 -59.29 35.29
CA VAL I 48 4.12 -58.90 36.44
C VAL I 48 5.58 -58.71 36.04
N ALA I 49 6.17 -59.70 35.39
CA ALA I 49 7.53 -59.57 34.89
C ALA I 49 7.75 -60.62 33.83
N ASN I 50 8.79 -60.46 33.02
CA ASN I 50 9.19 -61.54 32.14
C ASN I 50 10.70 -61.44 31.88
N ILE I 51 11.22 -62.50 31.27
CA ILE I 51 12.64 -62.71 31.07
C ILE I 51 12.77 -63.39 29.71
N LYS I 52 13.86 -63.10 29.01
CA LYS I 52 14.07 -63.74 27.72
C LYS I 52 14.53 -65.18 27.93
N GLU I 53 14.43 -65.97 26.86
CA GLU I 53 14.70 -67.39 26.97
C GLU I 53 16.13 -67.68 27.40
N ASP I 54 17.10 -66.90 26.91
CA ASP I 54 18.49 -67.17 27.28
C ASP I 54 18.93 -66.39 28.51
N GLY I 55 18.05 -65.60 29.11
CA GLY I 55 18.36 -64.87 30.33
C GLY I 55 19.08 -63.55 30.16
N SER I 56 19.28 -63.09 28.92
CA SER I 56 20.08 -61.89 28.70
C SER I 56 19.41 -60.65 29.29
N GLU I 57 18.10 -60.52 29.11
CA GLU I 57 17.38 -59.29 29.39
C GLU I 57 16.18 -59.56 30.28
N LYS I 58 15.88 -58.63 31.18
CA LYS I 58 14.73 -58.73 32.07
C LYS I 58 13.89 -57.45 32.02
N TYR I 59 12.58 -57.63 32.03
CA TYR I 59 11.63 -56.54 32.02
C TYR I 59 10.57 -56.73 33.09
N TYR I 60 10.23 -55.65 33.78
CA TYR I 60 9.28 -55.67 34.86
C TYR I 60 8.29 -54.53 34.66
N VAL I 61 7.09 -54.73 35.20
CA VAL I 61 6.12 -53.65 35.22
C VAL I 61 6.58 -52.61 36.23
N ASP I 62 6.17 -51.34 36.01
CA ASP I 62 6.86 -50.22 36.66
C ASP I 62 6.82 -50.31 38.19
N SER I 63 5.69 -50.70 38.77
CA SER I 63 5.57 -50.62 40.22
C SER I 63 6.42 -51.65 40.95
N VAL I 64 6.86 -52.72 40.28
CA VAL I 64 7.64 -53.77 40.97
C VAL I 64 9.14 -53.58 40.82
N LYS I 65 9.58 -52.52 40.18
CA LYS I 65 10.99 -52.31 39.89
C LYS I 65 11.79 -52.24 41.18
N GLY I 66 12.92 -52.94 41.19
CA GLY I 66 13.83 -52.94 42.33
C GLY I 66 13.45 -53.93 43.40
N ARG I 67 12.14 -54.19 43.50
CA ARG I 67 11.55 -55.08 44.49
C ARG I 67 11.49 -56.54 44.03
N PHE I 68 11.25 -56.81 42.75
CA PHE I 68 11.22 -58.19 42.25
C PHE I 68 12.38 -58.45 41.30
N THR I 69 12.93 -59.67 41.38
CA THR I 69 13.92 -60.14 40.44
C THR I 69 13.47 -61.49 39.88
N ILE I 70 13.37 -61.57 38.55
CA ILE I 70 12.99 -62.78 37.84
C ILE I 70 14.26 -63.46 37.33
N SER I 71 14.29 -64.78 37.44
CA SER I 71 15.43 -65.59 37.04
C SER I 71 14.91 -66.86 36.41
N ARG I 72 15.79 -67.59 35.73
CA ARG I 72 15.37 -68.86 35.18
C ARG I 72 16.57 -69.79 35.13
N ASP I 73 16.30 -71.07 35.29
CA ASP I 73 17.27 -72.10 34.97
C ASP I 73 16.64 -72.90 33.84
N ASN I 74 17.21 -72.76 32.64
CA ASN I 74 16.71 -73.49 31.48
C ASN I 74 17.07 -74.97 31.58
N ALA I 75 18.20 -75.28 32.21
CA ALA I 75 18.55 -76.68 32.45
C ALA I 75 17.57 -77.32 33.42
N LYS I 76 17.18 -76.59 34.47
CA LYS I 76 16.22 -77.08 35.46
C LYS I 76 14.77 -76.88 35.04
N ASN I 77 14.52 -76.18 33.94
CA ASN I 77 13.19 -75.80 33.49
C ASN I 77 12.36 -75.18 34.62
N SER I 78 12.86 -74.06 35.13
CA SER I 78 12.21 -73.37 36.23
C SER I 78 12.18 -71.87 35.97
N LEU I 79 11.07 -71.24 36.35
CA LEU I 79 10.91 -69.80 36.31
C LEU I 79 10.76 -69.30 37.73
N TYR I 80 11.31 -68.12 38.00
CA TYR I 80 11.38 -67.61 39.35
C TYR I 80 10.87 -66.19 39.41
N LEU I 81 10.39 -65.83 40.58
CA LEU I 81 10.02 -64.45 40.87
C LEU I 81 10.37 -64.21 42.34
N GLN I 82 11.60 -63.76 42.57
CA GLN I 82 12.03 -63.40 43.91
C GLN I 82 11.36 -62.09 44.28
N MET I 83 10.68 -62.08 45.42
CA MET I 83 9.91 -60.92 45.85
C MET I 83 10.54 -60.30 47.08
N ASN I 84 10.94 -59.05 46.99
CA ASN I 84 11.39 -58.28 48.13
C ASN I 84 10.32 -57.24 48.37
N SER I 85 10.51 -56.42 49.40
CA SER I 85 9.67 -55.26 49.62
C SER I 85 8.21 -55.52 49.28
N LEU I 86 7.66 -56.68 49.68
CA LEU I 86 6.30 -57.06 49.29
C LEU I 86 5.26 -56.14 49.90
N ARG I 87 4.17 -55.93 49.16
CA ARG I 87 3.11 -54.97 49.54
C ARG I 87 1.74 -55.64 49.58
N VAL I 88 0.79 -54.93 50.18
CA VAL I 88 -0.57 -55.46 50.28
C VAL I 88 -1.13 -55.70 48.89
N GLU I 89 -0.90 -54.74 47.99
CA GLU I 89 -1.38 -54.83 46.60
C GLU I 89 -0.79 -56.03 45.87
N ASP I 90 0.31 -56.60 46.41
CA ASP I 90 0.94 -57.75 45.76
C ASP I 90 0.15 -59.04 45.93
N THR I 91 -0.81 -59.07 46.87
CA THR I 91 -1.64 -60.25 47.12
C THR I 91 -2.38 -60.72 45.88
N ALA I 92 -2.01 -61.88 45.37
CA ALA I 92 -2.62 -62.36 44.13
C ALA I 92 -2.23 -63.81 43.94
N VAL I 93 -3.02 -64.50 43.14
CA VAL I 93 -2.61 -65.80 42.63
C VAL I 93 -1.58 -65.53 41.54
N TYR I 94 -0.37 -66.09 41.70
CA TYR I 94 0.72 -65.80 40.76
C TYR I 94 0.84 -66.98 39.83
N TYR I 95 0.53 -66.75 38.56
CA TYR I 95 0.64 -67.75 37.54
C TYR I 95 1.94 -67.49 36.81
N CYS I 96 2.65 -68.56 36.49
CA CYS I 96 3.80 -68.44 35.64
C CYS I 96 3.33 -68.98 34.30
N ALA I 97 3.61 -68.23 33.22
CA ALA I 97 3.00 -68.54 31.95
C ALA I 97 3.91 -68.10 30.80
N ARG I 98 3.67 -68.72 29.65
CA ARG I 98 4.52 -68.66 28.47
C ARG I 98 3.85 -67.98 27.28
N LEU I 99 4.54 -67.02 26.69
CA LEU I 99 4.09 -66.43 25.45
C LEU I 99 4.49 -67.33 24.28
N ARG I 100 3.52 -67.66 23.43
CA ARG I 100 3.82 -68.49 22.28
C ARG I 100 4.91 -67.85 21.44
N TRP I 101 4.74 -66.57 21.12
CA TRP I 101 5.76 -65.69 20.53
C TRP I 101 5.58 -64.33 21.17
N LEU I 102 6.58 -63.45 21.06
CA LEU I 102 6.64 -62.29 21.96
C LEU I 102 5.37 -61.43 21.90
N ARG I 103 4.83 -61.18 20.68
CA ARG I 103 3.63 -60.36 20.52
C ARG I 103 2.37 -61.20 20.39
N GLY I 104 2.46 -62.51 20.48
CA GLY I 104 1.33 -63.40 20.33
C GLY I 104 0.67 -63.70 21.65
N ASN I 105 -0.07 -64.79 21.67
CA ASN I 105 -0.84 -65.15 22.84
C ASN I 105 -0.02 -65.96 23.86
N PHE I 106 -0.55 -65.97 25.08
CA PHE I 106 -0.09 -66.86 26.15
C PHE I 106 -0.73 -68.22 25.90
N ASP I 107 0.05 -69.18 25.43
CA ASP I 107 -0.51 -70.49 25.09
C ASP I 107 -0.80 -71.35 26.32
N HIS I 108 0.03 -71.28 27.38
CA HIS I 108 -0.18 -72.13 28.54
C HIS I 108 0.02 -71.37 29.85
N TRP I 109 -0.83 -71.67 30.84
CA TRP I 109 -0.80 -71.03 32.15
C TRP I 109 -0.74 -72.12 33.23
N GLY I 110 -0.21 -71.75 34.42
CA GLY I 110 -0.25 -72.62 35.57
C GLY I 110 -1.48 -72.41 36.40
N GLN I 111 -1.77 -73.38 37.27
CA GLN I 111 -2.97 -73.31 38.08
C GLN I 111 -2.92 -72.17 39.09
N GLY I 112 -1.73 -71.67 39.39
CA GLY I 112 -1.56 -70.55 40.29
C GLY I 112 -1.15 -70.90 41.70
N THR I 113 -0.21 -70.14 42.25
CA THR I 113 0.17 -70.23 43.66
C THR I 113 -0.20 -68.91 44.32
N LEU I 114 -0.64 -68.99 45.58
CA LEU I 114 -1.14 -67.81 46.27
C LEU I 114 -0.03 -67.19 47.09
N VAL I 115 0.20 -65.90 46.89
CA VAL I 115 0.96 -65.11 47.85
C VAL I 115 0.01 -64.11 48.47
N THR I 116 -0.17 -64.23 49.79
CA THR I 116 -0.99 -63.31 50.57
C THR I 116 -0.08 -62.48 51.45
N VAL I 117 -0.03 -61.18 51.16
CA VAL I 117 0.66 -60.22 52.01
C VAL I 117 -0.39 -59.48 52.85
N SER I 118 -0.47 -59.84 54.13
CA SER I 118 -1.39 -59.23 55.08
C SER I 118 -0.60 -58.69 56.28
N SER I 119 -1.16 -57.64 56.90
CA SER I 119 -0.54 -56.86 57.98
C SER I 119 -0.77 -57.45 59.36
N ALA I 120 -1.97 -57.93 59.65
CA ALA I 120 -2.35 -58.35 61.00
C ALA I 120 -2.90 -59.77 60.98
N SER I 121 -3.10 -60.30 62.19
CA SER I 121 -3.71 -61.62 62.38
C SER I 121 -4.56 -61.63 63.65
N THR I 122 -5.69 -62.31 63.57
CA THR I 122 -6.56 -62.61 64.71
C THR I 122 -6.95 -61.35 65.48
N LYS I 123 -7.73 -60.52 64.79
CA LYS I 123 -8.27 -59.28 65.33
C LYS I 123 -9.72 -59.47 65.74
N GLY I 124 -10.07 -59.04 66.94
CA GLY I 124 -11.44 -59.11 67.36
C GLY I 124 -12.20 -57.88 66.88
N PRO I 125 -13.49 -58.05 66.61
CA PRO I 125 -14.30 -56.92 66.14
C PRO I 125 -14.80 -56.03 67.27
N SER I 126 -14.95 -54.74 66.93
CA SER I 126 -15.71 -53.78 67.72
C SER I 126 -16.98 -53.50 66.94
N VAL I 127 -18.13 -53.85 67.52
CA VAL I 127 -19.40 -53.89 66.80
C VAL I 127 -20.23 -52.66 67.11
N PHE I 128 -20.67 -51.96 66.05
CA PHE I 128 -21.47 -50.75 66.14
C PHE I 128 -22.83 -50.96 65.47
N PRO I 129 -23.91 -50.42 66.04
CA PRO I 129 -25.25 -50.70 65.53
C PRO I 129 -25.66 -49.82 64.36
N LEU I 130 -26.33 -50.44 63.38
CA LEU I 130 -26.87 -49.74 62.22
C LEU I 130 -28.37 -49.57 62.45
N ALA I 131 -28.79 -48.33 62.83
CA ALA I 131 -30.13 -47.94 63.25
C ALA I 131 -30.93 -47.34 62.10
N PRO I 132 -32.25 -47.58 62.08
CA PRO I 132 -33.16 -46.96 61.10
C PRO I 132 -33.36 -45.46 61.35
N ALA I 143 -35.66 -51.09 58.32
CA ALA I 143 -34.49 -51.94 58.27
C ALA I 143 -33.55 -51.61 59.43
N LEU I 144 -33.00 -52.65 60.05
CA LEU I 144 -32.05 -52.49 61.14
C LEU I 144 -31.06 -53.64 61.11
N GLY I 145 -29.85 -53.38 61.59
CA GLY I 145 -28.83 -54.41 61.57
C GLY I 145 -27.58 -53.99 62.30
N CYS I 146 -26.54 -54.83 62.17
CA CYS I 146 -25.28 -54.65 62.87
C CYS I 146 -24.15 -54.52 61.86
N LEU I 147 -23.17 -53.69 62.20
CA LEU I 147 -21.95 -53.49 61.43
C LEU I 147 -20.80 -54.05 62.23
N VAL I 148 -20.20 -55.14 61.72
CA VAL I 148 -19.05 -55.81 62.41
C VAL I 148 -17.78 -55.33 61.70
N LYS I 149 -17.02 -54.42 62.29
CA LYS I 149 -15.88 -53.82 61.58
C LYS I 149 -14.55 -54.16 62.27
N ASP I 150 -13.43 -53.93 61.58
CA ASP I 150 -12.09 -54.16 62.20
C ASP I 150 -11.96 -55.60 62.72
N TYR I 151 -12.22 -56.61 61.88
CA TYR I 151 -11.98 -58.01 62.33
C TYR I 151 -11.02 -58.76 61.41
N PHE I 152 -10.43 -59.86 61.89
CA PHE I 152 -9.51 -60.72 61.15
C PHE I 152 -9.20 -61.97 61.96
N PRO I 153 -8.99 -63.12 61.31
CA PRO I 153 -9.38 -63.29 59.91
C PRO I 153 -10.81 -63.78 59.81
N GLU I 154 -11.22 -64.16 58.60
CA GLU I 154 -12.50 -64.81 58.40
C GLU I 154 -12.41 -66.24 58.93
N PRO I 155 -13.56 -66.87 59.24
CA PRO I 155 -14.95 -66.45 59.11
C PRO I 155 -15.56 -65.93 60.41
N VAL I 156 -16.60 -65.12 60.26
CA VAL I 156 -17.41 -64.62 61.35
C VAL I 156 -18.83 -65.15 61.15
N THR I 157 -19.45 -65.66 62.22
CA THR I 157 -20.81 -66.18 62.18
C THR I 157 -21.76 -65.24 62.92
N VAL I 158 -22.89 -64.92 62.28
CA VAL I 158 -23.88 -63.97 62.81
C VAL I 158 -25.27 -64.58 62.79
N SER I 159 -25.96 -64.51 63.93
CA SER I 159 -27.34 -64.95 64.06
C SER I 159 -28.09 -63.89 64.84
N TRP I 160 -29.44 -63.97 64.79
CA TRP I 160 -30.30 -63.04 65.51
C TRP I 160 -31.28 -63.73 66.44
N ASN I 161 -31.23 -65.05 66.55
CA ASN I 161 -32.17 -65.80 67.37
C ASN I 161 -31.45 -66.88 68.16
N GLY I 168 -35.72 -61.00 57.48
CA GLY I 168 -34.95 -60.39 56.40
C GLY I 168 -33.47 -60.42 56.68
N VAL I 169 -32.95 -61.58 57.01
CA VAL I 169 -31.53 -61.74 57.29
C VAL I 169 -30.79 -61.84 55.97
N HIS I 170 -29.63 -61.19 55.94
CA HIS I 170 -28.76 -61.22 54.77
C HIS I 170 -27.35 -61.35 55.31
N THR I 171 -26.67 -62.42 54.92
CA THR I 171 -25.28 -62.63 55.29
C THR I 171 -24.40 -62.21 54.10
N PHE I 172 -23.48 -61.27 54.35
CA PHE I 172 -22.68 -60.62 53.32
C PHE I 172 -21.21 -60.98 53.47
N PRO I 173 -20.45 -60.95 52.38
CA PRO I 173 -18.99 -61.04 52.48
C PRO I 173 -18.42 -59.78 53.10
N ALA I 174 -17.24 -59.93 53.70
CA ALA I 174 -16.55 -58.83 54.34
C ALA I 174 -15.88 -57.94 53.29
N VAL I 175 -15.30 -56.82 53.73
CA VAL I 175 -14.53 -55.93 52.88
C VAL I 175 -13.12 -55.81 53.42
N LEU I 176 -12.13 -55.85 52.52
CA LEU I 176 -10.72 -55.76 52.89
C LEU I 176 -10.26 -54.31 52.75
N GLN I 177 -9.95 -53.68 53.88
CA GLN I 177 -9.57 -52.28 53.89
C GLN I 177 -8.09 -52.15 53.50
N SER I 178 -7.62 -50.90 53.45
CA SER I 178 -6.21 -50.68 53.16
C SER I 178 -5.32 -51.20 54.29
N SER I 179 -5.81 -51.22 55.52
CA SER I 179 -5.05 -51.75 56.65
C SER I 179 -4.88 -53.26 56.58
N GLY I 180 -5.70 -53.95 55.79
CA GLY I 180 -5.65 -55.40 55.73
C GLY I 180 -6.67 -56.12 56.59
N LEU I 181 -7.65 -55.41 57.14
CA LEU I 181 -8.64 -55.97 58.05
C LEU I 181 -10.01 -55.98 57.39
N TYR I 182 -10.81 -56.98 57.75
CA TYR I 182 -12.15 -57.13 57.23
C TYR I 182 -13.16 -56.34 58.05
N SER I 183 -14.21 -55.88 57.37
CA SER I 183 -15.37 -55.27 58.01
C SER I 183 -16.59 -55.86 57.34
N LEU I 184 -17.62 -56.16 58.12
CA LEU I 184 -18.77 -56.89 57.61
C LEU I 184 -20.05 -56.28 58.14
N SER I 185 -21.12 -56.39 57.35
CA SER I 185 -22.41 -55.93 57.79
C SER I 185 -23.45 -57.02 57.59
N SER I 186 -24.53 -56.90 58.35
CA SER I 186 -25.71 -57.75 58.24
C SER I 186 -26.86 -56.94 58.79
N VAL I 187 -27.99 -56.95 58.08
CA VAL I 187 -29.14 -56.14 58.45
C VAL I 187 -30.40 -56.97 58.23
N VAL I 188 -31.46 -56.60 58.97
CA VAL I 188 -32.75 -57.26 58.86
C VAL I 188 -33.84 -56.19 58.75
N VAL I 190 -38.21 -55.59 59.33
CA VAL I 190 -39.39 -56.08 60.05
C VAL I 190 -40.56 -55.13 59.82
N PRO I 191 -41.78 -55.64 59.91
CA PRO I 191 -42.96 -54.79 59.66
C PRO I 191 -43.02 -53.59 60.60
N SER I 192 -43.54 -52.48 60.06
CA SER I 192 -43.55 -51.23 60.83
C SER I 192 -44.47 -51.33 62.06
N SER I 194 -45.46 -54.03 63.86
CA SER I 194 -45.04 -54.99 64.88
C SER I 194 -43.60 -54.76 65.35
N LEU I 195 -43.00 -53.66 64.95
CA LEU I 195 -41.55 -53.45 65.23
C LEU I 195 -41.30 -53.11 66.70
N GLY I 196 -42.16 -52.31 67.34
CA GLY I 196 -41.86 -51.82 68.70
C GLY I 196 -41.68 -52.90 69.77
N THR I 197 -42.56 -53.90 69.82
CA THR I 197 -42.50 -54.91 70.91
C THR I 197 -41.23 -55.77 70.86
N GLN I 198 -40.81 -56.22 69.67
CA GLN I 198 -39.68 -57.19 69.60
C GLN I 198 -38.35 -56.58 70.03
N THR I 199 -37.54 -57.35 70.76
CA THR I 199 -36.19 -56.88 71.17
C THR I 199 -35.16 -57.54 70.26
N ILE I 201 -31.88 -58.48 68.68
CA ILE I 201 -30.51 -58.53 69.18
C ILE I 201 -29.65 -59.35 68.22
N CYS I 202 -28.46 -58.84 67.89
CA CYS I 202 -27.53 -59.57 67.02
C CYS I 202 -26.39 -60.17 67.83
N ASN I 203 -26.10 -61.45 67.59
CA ASN I 203 -25.04 -62.18 68.29
C ASN I 203 -23.93 -62.56 67.31
N VAL I 204 -22.73 -62.03 67.54
CA VAL I 204 -21.56 -62.27 66.69
C VAL I 204 -20.61 -63.22 67.44
N ASN I 205 -20.18 -64.29 66.77
CA ASN I 205 -19.16 -65.19 67.31
C ASN I 205 -18.03 -65.29 66.30
N HIS I 206 -16.81 -64.92 66.73
CA HIS I 206 -15.62 -64.89 65.88
C HIS I 206 -14.64 -65.94 66.38
N LYS I 207 -14.66 -67.11 65.76
CA LYS I 207 -13.87 -68.24 66.23
C LYS I 207 -12.38 -67.95 66.43
N PRO I 208 -11.68 -67.21 65.55
CA PRO I 208 -10.26 -66.98 65.82
C PRO I 208 -9.95 -66.36 67.17
N SER I 209 -10.72 -65.38 67.62
CA SER I 209 -10.46 -64.70 68.89
C SER I 209 -11.31 -65.24 70.05
N ASN I 210 -12.09 -66.29 69.82
CA ASN I 210 -12.98 -66.85 70.85
C ASN I 210 -13.89 -65.77 71.43
N THR I 211 -14.36 -64.87 70.56
CA THR I 211 -15.25 -63.78 70.96
C THR I 211 -16.67 -64.10 70.56
N LYS I 212 -17.59 -64.03 71.53
CA LYS I 212 -19.02 -64.13 71.26
C LYS I 212 -19.73 -63.07 72.09
N VAL I 213 -20.31 -62.07 71.41
CA VAL I 213 -20.93 -60.90 72.04
C VAL I 213 -22.36 -60.74 71.53
N ASP I 214 -23.29 -60.42 72.43
CA ASP I 214 -24.70 -60.19 72.10
C ASP I 214 -25.00 -58.69 72.20
N LYS I 215 -25.53 -58.12 71.10
CA LYS I 215 -25.79 -56.68 71.05
C LYS I 215 -27.23 -56.38 70.65
N LYS I 216 -27.86 -55.46 71.37
CA LYS I 216 -29.20 -54.96 71.12
C LYS I 216 -29.17 -53.84 70.08
N VAL I 217 -30.32 -53.65 69.43
CA VAL I 217 -30.47 -52.61 68.43
C VAL I 217 -31.64 -51.71 68.78
N PHE J 2 -0.07 -46.33 27.36
CA PHE J 2 -0.99 -47.07 26.50
C PHE J 2 -1.86 -47.98 27.35
N MET J 3 -3.18 -48.02 27.08
CA MET J 3 -4.13 -48.75 27.91
C MET J 3 -5.24 -49.35 27.05
N LEU J 4 -5.87 -50.41 27.55
CA LEU J 4 -7.00 -51.06 26.91
C LEU J 4 -8.19 -51.01 27.85
N THR J 5 -9.31 -50.46 27.35
CA THR J 5 -10.53 -50.28 28.12
C THR J 5 -11.66 -51.03 27.46
N GLN J 6 -12.47 -51.70 28.29
CA GLN J 6 -13.60 -52.53 27.91
C GLN J 6 -14.79 -52.10 28.74
N PRO J 7 -16.02 -52.48 28.34
CA PRO J 7 -17.18 -52.31 29.24
C PRO J 7 -17.10 -53.23 30.46
N HIS J 8 -17.67 -52.74 31.59
CA HIS J 8 -17.66 -53.55 32.81
C HIS J 8 -18.50 -54.81 32.67
N SER J 9 -19.70 -54.69 32.10
CA SER J 9 -20.58 -55.84 31.96
C SER J 9 -21.30 -55.79 30.62
N VAL J 10 -21.60 -56.96 30.09
CA VAL J 10 -22.50 -57.09 28.94
C VAL J 10 -23.33 -58.35 29.17
N SER J 11 -24.64 -58.22 28.97
CA SER J 11 -25.58 -59.29 29.25
C SER J 11 -26.50 -59.50 28.05
N GLU J 12 -26.76 -60.76 27.73
CA GLU J 12 -27.69 -61.11 26.65
C GLU J 12 -28.15 -62.55 26.87
N SER J 13 -29.31 -62.86 26.29
CA SER J 13 -29.94 -64.16 26.47
C SER J 13 -29.16 -65.23 25.69
N PRO J 14 -29.37 -66.52 26.01
CA PRO J 14 -28.73 -67.57 25.22
C PRO J 14 -29.16 -67.53 23.75
N GLY J 15 -28.21 -67.85 22.86
CA GLY J 15 -28.43 -67.89 21.44
C GLY J 15 -28.28 -66.60 20.67
N LYS J 16 -28.04 -65.47 21.36
CA LYS J 16 -27.86 -64.19 20.69
C LYS J 16 -26.37 -63.85 20.57
N THR J 17 -26.06 -62.63 20.13
CA THR J 17 -24.71 -62.19 19.81
C THR J 17 -24.30 -60.98 20.66
N VAL J 18 -23.10 -61.04 21.25
CA VAL J 18 -22.55 -59.97 22.10
C VAL J 18 -21.26 -59.43 21.49
N THR J 19 -21.04 -58.12 21.63
CA THR J 19 -19.79 -57.46 21.25
C THR J 19 -19.12 -56.82 22.47
N ILE J 20 -17.86 -57.17 22.74
CA ILE J 20 -17.06 -56.60 23.80
C ILE J 20 -15.93 -55.82 23.15
N SER J 21 -15.90 -54.51 23.34
CA SER J 21 -14.92 -53.68 22.63
C SER J 21 -13.69 -53.50 23.51
N CYS J 22 -12.55 -53.30 22.86
CA CYS J 22 -11.29 -53.07 23.55
C CYS J 22 -10.58 -51.94 22.81
N THR J 23 -10.84 -50.72 23.27
CA THR J 23 -10.38 -49.50 22.62
C THR J 23 -9.06 -49.06 23.26
N GLY J 24 -8.15 -48.57 22.43
CA GLY J 24 -6.81 -48.25 22.87
C GLY J 24 -6.75 -46.78 23.23
N SER J 25 -5.99 -46.48 24.28
CA SER J 25 -5.69 -45.11 24.65
C SER J 25 -4.20 -44.87 24.48
N ASN J 26 -3.83 -43.79 23.77
CA ASN J 26 -2.43 -43.38 23.59
C ASN J 26 -1.61 -44.44 22.85
N GLY J 27 -2.25 -45.10 21.89
CA GLY J 27 -1.50 -46.00 21.03
C GLY J 27 -2.34 -46.43 19.86
N TYR J 28 -1.72 -47.23 19.00
CA TYR J 28 -2.38 -47.76 17.83
C TYR J 28 -2.72 -49.21 18.10
N ILE J 29 -4.02 -49.54 18.07
CA ILE J 29 -4.41 -50.91 18.40
C ILE J 29 -3.78 -51.86 17.40
N ALA J 30 -3.61 -51.40 16.16
CA ALA J 30 -3.03 -52.21 15.10
C ALA J 30 -1.53 -51.96 14.93
N ASN J 31 -0.89 -51.29 15.89
CA ASN J 31 0.57 -51.27 15.86
C ASN J 31 1.10 -52.66 16.15
N ASN J 32 0.36 -53.42 16.96
CA ASN J 32 0.72 -54.76 17.34
C ASN J 32 -0.54 -55.62 17.47
N TYR J 33 -0.33 -56.92 17.42
CA TYR J 33 -1.45 -57.85 17.46
C TYR J 33 -2.17 -57.72 18.81
N VAL J 34 -3.46 -58.08 18.82
CA VAL J 34 -4.30 -58.05 20.03
C VAL J 34 -4.81 -59.45 20.27
N GLN J 35 -4.68 -59.91 21.52
CA GLN J 35 -5.03 -61.26 21.93
C GLN J 35 -6.17 -61.18 22.91
N TRP J 36 -7.02 -62.22 22.86
CA TRP J 36 -8.25 -62.36 23.64
C TRP J 36 -8.19 -63.65 24.44
N TYR J 37 -8.67 -63.59 25.70
CA TYR J 37 -8.65 -64.70 26.68
C TYR J 37 -9.97 -64.87 27.40
N GLN J 38 -10.45 -66.11 27.49
CA GLN J 38 -11.58 -66.45 28.36
C GLN J 38 -11.04 -66.99 29.68
N GLN J 39 -11.62 -66.52 30.79
CA GLN J 39 -11.31 -67.08 32.10
C GLN J 39 -12.65 -67.33 32.79
N ARG J 40 -13.01 -68.65 32.96
CA ARG J 40 -14.20 -69.15 33.64
C ARG J 40 -14.01 -69.10 35.16
N PRO J 41 -15.11 -69.01 35.92
CA PRO J 41 -14.99 -68.90 37.39
C PRO J 41 -14.17 -70.02 38.00
N GLY J 42 -13.13 -69.63 38.74
CA GLY J 42 -12.29 -70.58 39.46
C GLY J 42 -11.48 -71.53 38.63
N SER J 43 -11.17 -71.17 37.38
CA SER J 43 -10.41 -72.03 36.49
C SER J 43 -9.28 -71.22 35.87
N VAL J 44 -8.32 -71.93 35.29
CA VAL J 44 -7.12 -71.31 34.71
C VAL J 44 -7.48 -70.72 33.35
N PRO J 45 -6.94 -69.55 32.98
CA PRO J 45 -7.22 -68.97 31.66
C PRO J 45 -6.81 -69.88 30.50
N THR J 46 -7.61 -69.86 29.44
CA THR J 46 -7.29 -70.50 28.16
C THR J 46 -7.47 -69.49 27.04
N VAL J 47 -6.70 -69.67 25.96
CA VAL J 47 -6.78 -68.80 24.79
C VAL J 47 -8.10 -69.02 24.05
N VAL J 48 -8.70 -67.93 23.54
CA VAL J 48 -9.84 -68.03 22.64
C VAL J 48 -9.59 -67.35 21.29
N ILE J 49 -8.97 -66.17 21.25
CA ILE J 49 -8.65 -65.50 19.98
C ILE J 49 -7.26 -64.88 20.05
N TYR J 50 -6.42 -65.16 19.04
CA TYR J 50 -5.07 -64.60 18.93
C TYR J 50 -4.85 -64.01 17.52
N GLU J 51 -3.87 -63.08 17.43
CA GLU J 51 -3.48 -62.41 16.18
C GLU J 51 -4.71 -61.76 15.51
N ASP J 52 -5.60 -61.24 16.35
CA ASP J 52 -6.79 -60.41 16.11
C ASP J 52 -8.00 -61.12 15.52
N ASN J 53 -7.76 -62.12 14.67
CA ASN J 53 -8.84 -62.83 13.99
C ASN J 53 -8.49 -64.27 13.71
N GLN J 54 -7.33 -64.74 14.15
CA GLN J 54 -6.97 -66.15 14.08
C GLN J 54 -7.50 -66.87 15.30
N ARG J 55 -7.84 -68.14 15.12
CA ARG J 55 -8.53 -68.91 16.13
C ARG J 55 -7.81 -70.23 16.39
N PRO J 56 -7.36 -70.50 17.62
CA PRO J 56 -6.65 -71.75 17.93
C PRO J 56 -7.53 -72.99 17.82
N SER J 57 -6.88 -74.13 17.58
CA SER J 57 -7.58 -75.38 17.41
C SER J 57 -8.35 -75.75 18.67
N GLY J 58 -9.59 -76.21 18.47
CA GLY J 58 -10.48 -76.63 19.54
C GLY J 58 -11.34 -75.53 20.15
N VAL J 59 -11.13 -74.27 19.78
CA VAL J 59 -12.03 -73.17 20.15
C VAL J 59 -13.11 -73.03 19.07
N PRO J 60 -14.38 -72.94 19.46
CA PRO J 60 -15.48 -73.05 18.48
C PRO J 60 -15.49 -72.02 17.35
N ASP J 61 -16.03 -72.44 16.21
CA ASP J 61 -16.25 -71.56 15.08
C ASP J 61 -17.15 -70.39 15.43
N ARG J 62 -17.83 -70.44 16.59
CA ARG J 62 -18.66 -69.35 17.07
C ARG J 62 -17.87 -68.14 17.57
N PHE J 63 -16.56 -68.29 17.78
CA PHE J 63 -15.70 -67.18 18.22
C PHE J 63 -14.95 -66.52 17.05
N SER J 64 -15.08 -65.20 16.94
CA SER J 64 -14.34 -64.42 15.97
C SER J 64 -13.66 -63.22 16.64
N GLY J 65 -12.78 -62.57 15.88
CA GLY J 65 -12.20 -61.30 16.29
C GLY J 65 -12.16 -60.34 15.11
N SER J 66 -12.32 -59.05 15.42
CA SER J 66 -12.26 -58.00 14.41
C SER J 66 -11.51 -56.80 14.97
N ILE J 67 -10.94 -56.00 14.07
CA ILE J 67 -10.26 -54.76 14.43
C ILE J 67 -10.80 -53.63 13.56
N ASP J 68 -11.11 -52.52 14.18
CA ASP J 68 -11.61 -51.33 13.51
C ASP J 68 -10.62 -50.21 13.86
N SER J 69 -9.68 -49.95 12.93
CA SER J 69 -8.70 -48.88 13.16
C SER J 69 -9.39 -47.54 13.37
N SER J 70 -10.61 -47.38 12.84
CA SER J 70 -11.32 -46.11 12.91
C SER J 70 -11.76 -45.80 14.34
N SER J 71 -12.40 -46.75 15.01
CA SER J 71 -12.78 -46.58 16.41
C SER J 71 -11.69 -47.03 17.37
N ASN J 72 -10.59 -47.54 16.82
CA ASN J 72 -9.40 -47.95 17.55
C ASN J 72 -9.75 -48.91 18.68
N SER J 73 -10.54 -49.94 18.35
CA SER J 73 -11.12 -50.83 19.34
C SER J 73 -10.93 -52.27 18.89
N ALA J 74 -10.69 -53.17 19.85
CA ALA J 74 -10.68 -54.59 19.55
C ALA J 74 -11.97 -55.20 20.07
N SER J 75 -12.61 -56.01 19.25
CA SER J 75 -13.91 -56.54 19.59
C SER J 75 -13.87 -58.05 19.41
N LEU J 76 -14.44 -58.75 20.37
CA LEU J 76 -14.58 -60.19 20.33
C LEU J 76 -16.06 -60.49 20.24
N ILE J 77 -16.47 -61.18 19.20
CA ILE J 77 -17.88 -61.39 18.93
C ILE J 77 -18.18 -62.87 19.00
N ILE J 78 -19.30 -63.22 19.65
CA ILE J 78 -19.66 -64.61 19.93
C ILE J 78 -21.05 -64.88 19.34
N SER J 79 -21.10 -65.66 18.26
CA SER J 79 -22.40 -66.04 17.71
C SER J 79 -23.06 -67.09 18.61
N GLY J 80 -24.39 -67.18 18.52
CA GLY J 80 -25.13 -68.23 19.18
C GLY J 80 -24.64 -68.53 20.58
N LEU J 81 -24.74 -67.55 21.47
CA LEU J 81 -24.21 -67.67 22.82
C LEU J 81 -24.78 -68.90 23.54
N LYS J 82 -23.96 -69.50 24.40
CA LYS J 82 -24.38 -70.62 25.24
C LYS J 82 -23.94 -70.36 26.67
N THR J 83 -24.64 -71.01 27.61
CA THR J 83 -24.33 -70.82 29.03
C THR J 83 -22.87 -71.17 29.34
N GLU J 84 -22.28 -72.07 28.55
CA GLU J 84 -20.88 -72.50 28.79
C GLU J 84 -19.95 -71.32 28.46
N ASP J 85 -20.50 -70.31 27.80
CA ASP J 85 -19.66 -69.16 27.36
C ASP J 85 -19.79 -68.02 28.37
N GLU J 86 -20.35 -68.27 29.54
CA GLU J 86 -20.38 -67.18 30.54
C GLU J 86 -19.01 -67.10 31.21
N ALA J 87 -18.31 -65.97 31.04
CA ALA J 87 -16.99 -65.78 31.64
C ALA J 87 -16.62 -64.32 31.54
N ASP J 88 -15.56 -63.95 32.25
CA ASP J 88 -14.92 -62.65 32.03
C ASP J 88 -13.98 -62.82 30.84
N TYR J 89 -13.91 -61.79 30.00
CA TYR J 89 -13.08 -61.84 28.80
C TYR J 89 -12.09 -60.70 28.86
N TYR J 90 -10.85 -60.99 28.57
CA TYR J 90 -9.81 -59.98 28.64
C TYR J 90 -9.23 -59.73 27.24
N CYS J 91 -8.95 -58.46 26.97
CA CYS J 91 -8.16 -58.14 25.80
C CYS J 91 -6.75 -57.89 26.27
N GLN J 92 -5.79 -58.17 25.40
CA GLN J 92 -4.43 -57.79 25.73
C GLN J 92 -3.69 -57.47 24.44
N SER J 93 -2.59 -56.74 24.57
CA SER J 93 -1.64 -56.51 23.49
C SER J 93 -0.26 -56.35 24.13
N TYR J 94 0.75 -56.08 23.31
CA TYR J 94 2.13 -55.97 23.79
C TYR J 94 2.74 -54.70 23.24
N ASP J 95 2.93 -53.71 24.10
CA ASP J 95 3.85 -52.65 23.74
C ASP J 95 5.25 -53.19 24.07
N THR J 96 6.29 -52.39 23.93
CA THR J 96 7.63 -52.97 23.75
C THR J 96 8.10 -53.95 24.82
N PRO J 97 8.31 -53.56 26.14
CA PRO J 97 8.76 -54.59 27.07
C PRO J 97 7.64 -55.20 27.90
N ASN J 98 6.46 -54.60 27.85
CA ASN J 98 5.37 -54.95 28.75
C ASN J 98 4.22 -55.55 27.96
N VAL J 99 3.70 -56.68 28.41
CA VAL J 99 2.43 -57.18 27.90
C VAL J 99 1.34 -56.40 28.63
N VAL J 100 0.37 -55.88 27.89
CA VAL J 100 -0.65 -55.00 28.47
C VAL J 100 -2.03 -55.65 28.34
N PHE J 101 -2.80 -55.65 29.43
CA PHE J 101 -4.11 -56.28 29.49
C PHE J 101 -5.21 -55.24 29.59
N GLY J 102 -6.39 -55.63 29.07
CA GLY J 102 -7.60 -54.89 29.35
C GLY J 102 -8.15 -55.20 30.75
N GLY J 103 -9.01 -54.30 31.22
CA GLY J 103 -9.54 -54.45 32.56
C GLY J 103 -10.42 -55.68 32.71
N GLY J 104 -11.15 -56.01 31.66
CA GLY J 104 -11.99 -57.19 31.69
C GLY J 104 -13.46 -56.85 31.60
N THR J 105 -14.22 -57.71 30.94
CA THR J 105 -15.63 -57.50 30.69
C THR J 105 -16.39 -58.67 31.31
N LYS J 106 -17.35 -58.36 32.18
CA LYS J 106 -18.16 -59.38 32.81
C LYS J 106 -19.34 -59.65 31.88
N LEU J 107 -19.23 -60.71 31.08
CA LEU J 107 -20.30 -61.12 30.19
C LEU J 107 -21.15 -62.13 30.95
N THR J 108 -22.45 -61.87 31.07
CA THR J 108 -23.34 -62.74 31.88
C THR J 108 -24.39 -63.45 31.02
N VAL J 109 -24.41 -64.79 31.04
CA VAL J 109 -25.45 -65.55 30.29
C VAL J 109 -26.01 -66.67 31.18
N LEU J 110 -25.86 -66.61 32.51
CA LEU J 110 -26.26 -67.77 33.36
C LEU J 110 -27.74 -68.10 33.33
N GLY J 111 -28.60 -67.10 33.41
CA GLY J 111 -30.02 -67.48 33.57
C GLY J 111 -31.05 -66.71 32.80
N GLN J 112 -31.68 -65.72 33.44
CA GLN J 112 -32.85 -65.13 32.80
C GLN J 112 -33.11 -63.77 33.48
N PRO J 113 -34.23 -63.03 33.16
CA PRO J 113 -34.29 -61.57 33.38
C PRO J 113 -33.67 -60.90 34.59
N LYS J 114 -33.26 -59.65 34.33
CA LYS J 114 -32.55 -58.76 35.24
C LYS J 114 -33.42 -58.33 36.43
N ALA J 115 -32.86 -57.46 37.27
CA ALA J 115 -33.49 -57.05 38.52
C ALA J 115 -32.84 -55.77 39.03
N ALA J 116 -33.64 -54.72 39.23
CA ALA J 116 -33.11 -53.45 39.74
C ALA J 116 -32.57 -53.64 41.17
N PRO J 117 -31.57 -52.86 41.57
CA PRO J 117 -30.93 -53.08 42.88
C PRO J 117 -31.75 -52.56 44.05
N SER J 118 -31.73 -53.33 45.14
CA SER J 118 -32.35 -52.92 46.39
C SER J 118 -31.28 -52.26 47.24
N VAL J 119 -31.45 -50.96 47.51
CA VAL J 119 -30.44 -50.14 48.17
C VAL J 119 -30.93 -49.82 49.58
N THR J 120 -30.08 -50.12 50.57
CA THR J 120 -30.30 -49.71 51.95
C THR J 120 -29.08 -48.94 52.45
N LEU J 121 -29.33 -47.75 52.99
CA LEU J 121 -28.27 -46.87 53.50
C LEU J 121 -28.46 -46.64 55.00
N PHE J 122 -27.37 -46.82 55.76
CA PHE J 122 -27.38 -46.69 57.20
C PHE J 122 -26.43 -45.60 57.65
N PRO J 123 -26.84 -44.76 58.61
CA PRO J 123 -25.93 -43.72 59.12
C PRO J 123 -24.99 -44.27 60.18
N PRO J 124 -23.93 -43.52 60.51
CA PRO J 124 -23.07 -43.93 61.63
C PRO J 124 -23.83 -43.99 62.94
N SER J 125 -23.56 -45.01 63.74
CA SER J 125 -24.18 -45.09 65.06
C SER J 125 -23.63 -44.02 65.97
N SER J 126 -24.44 -43.60 66.94
CA SER J 126 -23.95 -42.67 67.96
C SER J 126 -22.82 -43.31 68.74
N GLU J 127 -22.92 -44.61 69.02
CA GLU J 127 -21.84 -45.32 69.70
C GLU J 127 -20.56 -45.29 68.88
N GLU J 128 -20.67 -45.43 67.55
CA GLU J 128 -19.48 -45.33 66.72
C GLU J 128 -18.92 -43.92 66.79
N LEU J 129 -19.79 -42.92 66.80
CA LEU J 129 -19.34 -41.55 67.06
C LEU J 129 -18.74 -41.45 68.45
N GLN J 130 -19.36 -42.15 69.42
CA GLN J 130 -18.80 -42.21 70.76
C GLN J 130 -17.44 -42.89 70.77
N ALA J 131 -17.22 -43.84 69.86
CA ALA J 131 -15.91 -44.45 69.68
C ALA J 131 -15.02 -43.68 68.72
N ASN J 132 -15.41 -42.46 68.34
CA ASN J 132 -14.61 -41.58 67.48
C ASN J 132 -14.32 -42.22 66.12
N LYS J 133 -15.34 -42.84 65.54
CA LYS J 133 -15.26 -43.39 64.19
C LYS J 133 -16.61 -43.19 63.51
N ALA J 134 -16.60 -43.28 62.19
CA ALA J 134 -17.83 -43.17 61.41
C ALA J 134 -17.70 -44.01 60.15
N THR J 135 -18.56 -45.02 60.02
CA THR J 135 -18.61 -45.86 58.82
C THR J 135 -20.03 -45.87 58.31
N LEU J 136 -20.20 -45.45 57.05
CA LEU J 136 -21.50 -45.47 56.39
C LEU J 136 -21.65 -46.79 55.64
N VAL J 137 -22.82 -47.43 55.78
CA VAL J 137 -23.04 -48.77 55.26
C VAL J 137 -24.07 -48.67 54.15
N CYS J 138 -23.64 -49.03 52.93
CA CYS J 138 -24.49 -49.00 51.75
C CYS J 138 -24.62 -50.44 51.27
N LEU J 139 -25.84 -50.97 51.31
CA LEU J 139 -26.12 -52.38 51.10
C LEU J 139 -26.90 -52.58 49.80
N ILE J 140 -26.42 -53.48 48.95
CA ILE J 140 -27.01 -53.72 47.65
C ILE J 140 -27.36 -55.19 47.57
N SER J 141 -28.62 -55.49 47.24
CA SER J 141 -29.08 -56.86 47.18
C SER J 141 -30.09 -57.02 46.05
N ASP J 142 -30.30 -58.27 45.65
CA ASP J 142 -31.38 -58.66 44.74
C ASP J 142 -31.28 -57.97 43.39
N PHE J 143 -30.11 -58.04 42.78
CA PHE J 143 -29.91 -57.45 41.47
C PHE J 143 -29.25 -58.46 40.55
N TYR J 144 -29.56 -58.36 39.26
CA TYR J 144 -29.05 -59.26 38.22
C TYR J 144 -28.92 -58.52 36.89
N PRO J 145 -27.79 -58.66 36.16
CA PRO J 145 -26.58 -59.42 36.47
C PRO J 145 -25.74 -58.80 37.60
N GLY J 146 -24.73 -59.52 38.05
CA GLY J 146 -23.89 -59.03 39.12
C GLY J 146 -22.77 -58.11 38.66
N ALA J 147 -23.12 -56.95 38.11
CA ALA J 147 -22.13 -55.94 37.78
C ALA J 147 -22.73 -54.56 37.99
N VAL J 148 -22.11 -53.78 38.88
CA VAL J 148 -22.55 -52.43 39.18
C VAL J 148 -21.33 -51.54 39.44
N THR J 149 -21.53 -50.25 39.21
CA THR J 149 -20.54 -49.23 39.51
C THR J 149 -21.10 -48.36 40.62
N VAL J 150 -20.35 -48.23 41.71
CA VAL J 150 -20.78 -47.52 42.91
C VAL J 150 -19.98 -46.23 43.04
N ALA J 151 -20.69 -45.10 43.18
CA ALA J 151 -20.09 -43.80 43.42
C ALA J 151 -20.76 -43.15 44.62
N TRP J 152 -19.95 -42.50 45.47
CA TRP J 152 -20.43 -41.79 46.65
C TRP J 152 -20.41 -40.29 46.42
N LYS J 153 -21.34 -39.59 47.08
CA LYS J 153 -21.43 -38.14 47.00
C LYS J 153 -21.56 -37.55 48.41
N ALA J 154 -21.00 -36.35 48.59
CA ALA J 154 -21.24 -35.55 49.79
C ALA J 154 -21.75 -34.17 49.37
N ASP J 155 -23.00 -33.86 49.74
CA ASP J 155 -23.64 -32.60 49.35
C ASP J 155 -23.61 -32.37 47.84
N SER J 156 -23.93 -33.42 47.08
CA SER J 156 -23.95 -33.42 45.62
C SER J 156 -22.56 -33.16 45.01
N SER J 157 -21.48 -33.46 45.73
CA SER J 157 -20.12 -33.40 45.20
C SER J 157 -19.43 -34.75 45.35
N PRO J 158 -18.82 -35.30 44.30
CA PRO J 158 -18.30 -36.68 44.36
C PRO J 158 -17.21 -36.83 45.41
N VAL J 159 -17.20 -37.99 46.07
CA VAL J 159 -16.22 -38.33 47.09
C VAL J 159 -15.31 -39.44 46.56
N LYS J 160 -13.98 -39.26 46.72
CA LYS J 160 -12.99 -40.22 46.21
C LYS J 160 -12.11 -40.84 47.29
N ALA J 161 -12.39 -40.63 48.58
CA ALA J 161 -11.50 -41.08 49.63
C ALA J 161 -12.26 -41.86 50.69
N GLY J 162 -11.57 -42.83 51.30
CA GLY J 162 -12.18 -43.63 52.34
C GLY J 162 -13.21 -44.62 51.85
N VAL J 163 -13.11 -45.07 50.60
CA VAL J 163 -14.12 -45.91 49.96
C VAL J 163 -13.66 -47.36 49.93
N GLU J 164 -14.52 -48.24 50.44
CA GLU J 164 -14.33 -49.69 50.38
C GLU J 164 -15.60 -50.30 49.80
N THR J 165 -15.48 -51.00 48.67
CA THR J 165 -16.62 -51.59 48.00
C THR J 165 -16.33 -53.07 47.73
N THR J 166 -17.31 -53.91 47.96
CA THR J 166 -17.16 -55.34 47.76
C THR J 166 -17.38 -55.74 46.30
N THR J 167 -16.64 -56.75 45.87
CA THR J 167 -16.95 -57.42 44.60
C THR J 167 -18.28 -58.18 44.75
N PRO J 168 -19.20 -58.05 43.81
CA PRO J 168 -20.52 -58.70 43.95
C PRO J 168 -20.44 -60.22 44.03
N SER J 169 -21.34 -60.78 44.84
CA SER J 169 -21.42 -62.21 45.11
C SER J 169 -22.83 -62.70 44.85
N LYS J 170 -22.94 -63.96 44.42
CA LYS J 170 -24.25 -64.54 44.10
C LYS J 170 -25.00 -64.96 45.38
N GLN J 171 -26.29 -64.64 45.41
CA GLN J 171 -27.18 -64.89 46.53
C GLN J 171 -27.72 -66.33 46.48
N SER J 172 -28.64 -66.65 47.40
CA SER J 172 -29.30 -67.95 47.37
C SER J 172 -30.31 -68.02 46.23
N ASN J 173 -30.99 -66.92 45.94
CA ASN J 173 -31.99 -66.86 44.87
C ASN J 173 -31.38 -66.56 43.49
N ASN J 174 -30.05 -66.66 43.34
CA ASN J 174 -29.28 -66.53 42.09
C ASN J 174 -29.10 -65.08 41.64
N LYS J 175 -29.62 -64.09 42.38
CA LYS J 175 -29.28 -62.71 42.13
C LYS J 175 -27.92 -62.46 42.76
N TYR J 176 -27.49 -61.20 42.79
CA TYR J 176 -26.17 -60.88 43.33
C TYR J 176 -26.34 -59.76 44.34
N ALA J 177 -25.43 -59.70 45.31
CA ALA J 177 -25.50 -58.71 46.38
C ALA J 177 -24.14 -58.06 46.58
N ALA J 178 -24.15 -56.79 47.01
CA ALA J 178 -22.90 -56.06 47.21
C ALA J 178 -23.07 -55.01 48.28
N SER J 179 -21.93 -54.59 48.84
CA SER J 179 -21.88 -53.63 49.94
C SER J 179 -20.75 -52.64 49.71
N SER J 180 -20.97 -51.41 50.17
CA SER J 180 -19.94 -50.37 50.10
C SER J 180 -19.85 -49.67 51.45
N TYR J 181 -18.62 -49.39 51.89
CA TYR J 181 -18.38 -48.72 53.18
C TYR J 181 -17.56 -47.45 52.94
N LEU J 182 -17.98 -46.36 53.59
CA LEU J 182 -17.29 -45.08 53.52
C LEU J 182 -16.75 -44.73 54.91
N SER J 183 -15.46 -44.45 54.99
CA SER J 183 -14.84 -44.06 56.25
C SER J 183 -14.80 -42.55 56.31
N LEU J 184 -15.32 -42.00 57.41
CA LEU J 184 -15.36 -40.55 57.60
C LEU J 184 -14.98 -40.24 59.04
N THR J 185 -14.45 -39.03 59.23
CA THR J 185 -14.22 -38.55 60.58
C THR J 185 -15.53 -38.05 61.20
N PRO J 186 -15.66 -38.14 62.53
CA PRO J 186 -16.89 -37.64 63.16
C PRO J 186 -17.15 -36.16 62.91
N GLU J 187 -16.10 -35.35 62.79
CA GLU J 187 -16.30 -33.95 62.44
C GLU J 187 -16.73 -33.79 60.98
N GLN J 188 -16.11 -34.55 60.07
CA GLN J 188 -16.53 -34.52 58.68
C GLN J 188 -17.96 -35.02 58.51
N TRP J 189 -18.39 -35.96 59.35
CA TRP J 189 -19.74 -36.50 59.26
C TRP J 189 -20.79 -35.45 59.59
N LYS J 190 -20.73 -34.89 60.81
CA LYS J 190 -21.78 -33.99 61.26
C LYS J 190 -21.78 -32.68 60.48
N SER J 191 -20.60 -32.26 60.00
CA SER J 191 -20.49 -30.98 59.32
C SER J 191 -21.29 -30.98 58.02
N HIS J 192 -21.20 -32.05 57.25
CA HIS J 192 -21.89 -32.07 55.97
C HIS J 192 -23.38 -32.22 56.16
N ARG J 193 -24.14 -31.63 55.22
CA ARG J 193 -25.59 -31.73 55.25
C ARG J 193 -26.09 -33.12 54.90
N SER J 194 -25.48 -33.76 53.90
CA SER J 194 -25.95 -35.06 53.46
C SER J 194 -24.84 -35.81 52.74
N TYR J 195 -25.00 -37.14 52.68
CA TYR J 195 -24.13 -38.02 51.92
C TYR J 195 -25.01 -38.95 51.08
N SER J 196 -24.49 -39.38 49.93
CA SER J 196 -25.26 -40.20 49.01
C SER J 196 -24.47 -41.41 48.53
N CYS J 197 -25.20 -42.49 48.25
CA CYS J 197 -24.65 -43.72 47.71
C CYS J 197 -25.33 -44.00 46.38
N GLN J 198 -24.55 -44.17 45.33
CA GLN J 198 -25.08 -44.29 43.99
C GLN J 198 -24.66 -45.64 43.42
N VAL J 199 -25.63 -46.52 43.16
CA VAL J 199 -25.39 -47.83 42.56
C VAL J 199 -26.04 -47.83 41.19
N THR J 200 -25.21 -48.00 40.15
CA THR J 200 -25.66 -47.97 38.77
C THR J 200 -25.72 -49.38 38.18
N HIS J 201 -26.90 -49.77 37.69
CA HIS J 201 -27.08 -51.10 37.11
C HIS J 201 -27.95 -51.02 35.86
N GLU J 202 -27.37 -51.38 34.71
CA GLU J 202 -28.05 -51.35 33.41
C GLU J 202 -28.60 -49.97 33.07
N GLY J 203 -27.76 -48.94 33.22
CA GLY J 203 -28.10 -47.60 32.81
C GLY J 203 -29.02 -46.82 33.73
N SER J 204 -29.44 -47.39 34.85
CA SER J 204 -30.32 -46.73 35.81
C SER J 204 -29.56 -46.47 37.11
N THR J 205 -29.66 -45.24 37.61
CA THR J 205 -28.98 -44.85 38.84
C THR J 205 -29.98 -44.81 39.99
N VAL J 206 -29.70 -45.55 41.05
CA VAL J 206 -30.50 -45.54 42.27
C VAL J 206 -29.66 -44.86 43.34
N GLU J 207 -30.20 -43.82 43.95
CA GLU J 207 -29.44 -43.00 44.89
C GLU J 207 -30.21 -42.90 46.20
N LYS J 208 -29.48 -43.04 47.29
CA LYS J 208 -30.02 -42.88 48.63
C LYS J 208 -29.18 -41.86 49.39
N THR J 209 -29.82 -41.11 50.29
CA THR J 209 -29.15 -40.08 51.06
C THR J 209 -29.47 -40.19 52.55
N VAL J 210 -28.46 -40.09 53.40
CA VAL J 210 -28.66 -40.02 54.85
C VAL J 210 -28.05 -38.70 55.36
N ALA J 211 -28.55 -38.24 56.51
CA ALA J 211 -28.16 -36.92 57.00
C ALA J 211 -27.79 -36.92 58.47
N PRO J 212 -26.72 -36.21 58.84
CA PRO J 212 -26.39 -35.99 60.25
C PRO J 212 -27.46 -35.19 60.99
N THR J 213 -27.86 -35.69 62.16
CA THR J 213 -28.80 -34.97 63.01
C THR J 213 -28.09 -34.31 64.18
N GLU K 1 4.52 39.62 -27.99
CA GLU K 1 4.59 38.24 -28.44
C GLU K 1 3.26 37.52 -28.31
N VAL K 2 3.18 36.58 -27.37
CA VAL K 2 2.00 35.76 -27.17
C VAL K 2 0.99 36.52 -26.30
N GLN K 3 -0.23 36.69 -26.80
CA GLN K 3 -1.31 37.28 -26.03
C GLN K 3 -2.51 36.35 -26.09
N LEU K 4 -3.09 36.02 -24.94
CA LEU K 4 -4.32 35.26 -24.85
C LEU K 4 -5.45 36.13 -24.32
N VAL K 5 -6.50 36.32 -25.10
CA VAL K 5 -7.57 37.25 -24.79
C VAL K 5 -8.86 36.47 -24.54
N GLU K 6 -9.48 36.69 -23.39
CA GLU K 6 -10.75 36.08 -23.01
C GLU K 6 -11.88 37.10 -22.97
N SER K 7 -13.09 36.63 -23.28
CA SER K 7 -14.29 37.44 -23.27
C SER K 7 -15.47 36.57 -22.82
N GLY K 8 -16.61 37.23 -22.55
CA GLY K 8 -17.85 36.54 -22.27
C GLY K 8 -18.26 36.43 -20.81
N GLY K 9 -17.47 36.98 -19.89
CA GLY K 9 -17.84 36.95 -18.49
C GLY K 9 -18.96 37.94 -18.16
N GLY K 10 -19.62 37.69 -17.04
CA GLY K 10 -20.74 38.51 -16.64
C GLY K 10 -21.39 37.96 -15.39
N LEU K 11 -22.59 38.44 -15.10
CA LEU K 11 -23.35 38.04 -13.91
C LEU K 11 -24.49 37.13 -14.34
N VAL K 12 -24.65 36.01 -13.64
CA VAL K 12 -25.70 35.05 -13.95
C VAL K 12 -26.37 34.56 -12.68
N GLN K 13 -27.68 34.32 -12.76
CA GLN K 13 -28.38 33.68 -11.67
C GLN K 13 -28.14 32.18 -11.78
N PRO K 14 -28.19 31.45 -10.66
CA PRO K 14 -28.10 29.98 -10.72
C PRO K 14 -29.05 29.38 -11.73
N GLY K 15 -28.52 28.48 -12.57
CA GLY K 15 -29.26 27.89 -13.66
C GLY K 15 -29.11 28.62 -14.99
N GLY K 16 -28.47 29.80 -15.01
CA GLY K 16 -28.33 30.54 -16.24
C GLY K 16 -27.21 29.98 -17.09
N SER K 17 -27.16 30.42 -18.35
CA SER K 17 -26.19 29.89 -19.30
C SER K 17 -25.25 30.99 -19.75
N LEU K 18 -23.97 30.65 -19.77
CA LEU K 18 -22.92 31.57 -20.15
C LEU K 18 -21.86 30.84 -20.96
N ARG K 19 -21.27 31.54 -21.89
CA ARG K 19 -20.31 30.94 -22.80
C ARG K 19 -19.06 31.80 -22.81
N ILE K 20 -17.89 31.17 -22.76
CA ILE K 20 -16.62 31.88 -22.68
C ILE K 20 -15.73 31.48 -23.85
N SER K 21 -14.98 32.45 -24.38
CA SER K 21 -14.09 32.26 -25.52
C SER K 21 -12.70 32.78 -25.18
N CYS K 22 -11.68 32.06 -25.63
CA CYS K 22 -10.29 32.45 -25.43
C CYS K 22 -9.64 32.54 -26.81
N ALA K 23 -9.10 33.73 -27.14
CA ALA K 23 -8.54 34.02 -28.44
C ALA K 23 -7.03 34.07 -28.36
N ALA K 24 -6.36 33.42 -29.30
CA ALA K 24 -4.91 33.26 -29.29
C ALA K 24 -4.24 34.08 -30.39
N SER K 25 -3.01 34.50 -30.10
CA SER K 25 -2.10 35.05 -31.09
C SER K 25 -0.68 34.72 -30.64
N GLY K 26 0.17 34.27 -31.56
CA GLY K 26 1.53 33.96 -31.21
C GLY K 26 1.86 32.53 -30.81
N LEU K 27 0.92 31.59 -30.93
CA LEU K 27 1.23 30.20 -30.64
C LEU K 27 0.44 29.30 -31.57
N THR K 28 0.98 28.10 -31.82
CA THR K 28 0.25 27.15 -32.65
C THR K 28 -0.73 26.45 -31.72
N PHE K 29 -1.99 26.86 -31.80
CA PHE K 29 -3.01 26.35 -30.91
C PHE K 29 -3.41 24.93 -31.28
N THR K 30 -2.98 24.43 -32.43
CA THR K 30 -3.51 23.19 -32.96
C THR K 30 -2.98 21.96 -32.22
N GLY K 31 -1.69 21.96 -31.91
CA GLY K 31 -1.00 20.76 -31.50
C GLY K 31 -0.90 20.55 -30.00
N TYR K 32 -1.68 21.28 -29.22
CA TYR K 32 -1.53 21.30 -27.78
C TYR K 32 -2.87 21.00 -27.12
N TRP K 33 -2.81 20.70 -25.85
CA TRP K 33 -4.01 20.47 -25.07
C TRP K 33 -4.50 21.78 -24.48
N MET K 34 -5.77 22.07 -24.69
CA MET K 34 -6.32 23.34 -24.27
C MET K 34 -7.17 23.10 -23.05
N ASN K 35 -7.00 23.92 -22.01
CA ASN K 35 -7.57 23.63 -20.71
C ASN K 35 -8.23 24.85 -20.11
N TRP K 36 -9.18 24.59 -19.22
CA TRP K 36 -9.78 25.58 -18.33
C TRP K 36 -9.37 25.29 -16.89
N VAL K 37 -8.90 26.32 -16.17
CA VAL K 37 -8.55 26.20 -14.76
C VAL K 37 -9.11 27.42 -14.03
N ARG K 38 -9.94 27.19 -13.00
CA ARG K 38 -10.68 28.26 -12.34
C ARG K 38 -10.07 28.61 -10.98
N GLN K 39 -10.41 29.83 -10.52
CA GLN K 39 -9.92 30.33 -9.23
C GLN K 39 -10.98 31.23 -8.61
N ALA K 40 -11.63 30.74 -7.55
CA ALA K 40 -12.56 31.53 -6.77
C ALA K 40 -11.80 32.57 -5.94
N PRO K 41 -12.48 33.63 -5.48
CA PRO K 41 -11.78 34.61 -4.65
C PRO K 41 -11.20 33.98 -3.40
N GLY K 42 -9.93 34.27 -3.14
CA GLY K 42 -9.27 33.82 -1.92
C GLY K 42 -9.20 32.32 -1.73
N LYS K 43 -9.00 31.58 -2.83
CA LYS K 43 -8.99 30.12 -2.79
C LYS K 43 -7.94 29.63 -3.78
N GLY K 44 -7.86 28.30 -3.94
CA GLY K 44 -6.82 27.70 -4.74
C GLY K 44 -7.32 27.26 -6.10
N LEU K 45 -6.37 26.82 -6.92
CA LEU K 45 -6.67 26.45 -8.30
C LEU K 45 -7.38 25.12 -8.38
N GLU K 46 -8.36 25.07 -9.26
CA GLU K 46 -9.09 23.85 -9.58
C GLU K 46 -9.19 23.72 -11.10
N TRP K 47 -8.62 22.65 -11.63
CA TRP K 47 -8.68 22.39 -13.05
C TRP K 47 -10.12 22.04 -13.48
N VAL K 48 -10.59 22.61 -14.60
CA VAL K 48 -12.00 22.52 -15.02
C VAL K 48 -12.22 21.61 -16.22
N ALA K 49 -11.38 21.73 -17.26
CA ALA K 49 -11.53 20.82 -18.39
C ALA K 49 -10.26 20.81 -19.22
N ASN K 50 -10.17 19.87 -20.15
CA ASN K 50 -9.18 19.99 -21.22
C ASN K 50 -9.72 19.24 -22.44
N ILE K 51 -9.09 19.49 -23.59
CA ILE K 51 -9.56 19.01 -24.89
C ILE K 51 -8.38 18.63 -25.75
N LYS K 52 -8.53 17.55 -26.51
CA LYS K 52 -7.43 17.01 -27.29
C LYS K 52 -7.17 17.87 -28.54
N GLU K 53 -6.00 17.65 -29.16
CA GLU K 53 -5.60 18.47 -30.29
C GLU K 53 -6.58 18.35 -31.45
N ASP K 54 -7.08 17.14 -31.71
CA ASP K 54 -8.00 16.93 -32.82
C ASP K 54 -9.47 16.99 -32.41
N GLY K 55 -9.77 17.24 -31.14
CA GLY K 55 -11.15 17.32 -30.69
C GLY K 55 -11.78 16.00 -30.37
N SER K 56 -11.00 14.90 -30.37
CA SER K 56 -11.59 13.57 -30.21
C SER K 56 -12.23 13.40 -28.85
N GLU K 57 -11.53 13.79 -27.78
CA GLU K 57 -11.96 13.49 -26.44
C GLU K 57 -11.93 14.76 -25.60
N LYS K 58 -12.88 14.85 -24.67
CA LYS K 58 -12.98 15.93 -23.71
C LYS K 58 -13.12 15.36 -22.31
N TYR K 59 -12.42 15.98 -21.36
CA TYR K 59 -12.36 15.54 -19.97
C TYR K 59 -12.71 16.69 -19.03
N TYR K 60 -13.51 16.39 -18.01
CA TYR K 60 -14.02 17.38 -17.06
C TYR K 60 -13.89 16.88 -15.63
N VAL K 61 -13.79 17.83 -14.71
CA VAL K 61 -13.81 17.51 -13.29
C VAL K 61 -15.23 17.12 -12.89
N ASP K 62 -15.33 16.25 -11.87
CA ASP K 62 -16.56 15.53 -11.61
C ASP K 62 -17.70 16.49 -11.30
N SER K 63 -17.42 17.54 -10.54
CA SER K 63 -18.47 18.42 -10.05
C SER K 63 -19.12 19.22 -11.17
N VAL K 64 -18.47 19.35 -12.33
CA VAL K 64 -19.07 20.06 -13.46
C VAL K 64 -19.61 19.12 -14.53
N LYS K 65 -19.48 17.81 -14.35
CA LYS K 65 -19.85 16.86 -15.39
C LYS K 65 -21.30 17.01 -15.79
N GLY K 66 -21.55 16.97 -17.11
CA GLY K 66 -22.89 17.05 -17.65
C GLY K 66 -23.42 18.47 -17.81
N ARG K 67 -22.94 19.40 -16.99
CA ARG K 67 -23.36 20.79 -17.05
C ARG K 67 -22.59 21.65 -18.06
N PHE K 68 -21.28 21.38 -18.23
CA PHE K 68 -20.43 22.15 -19.13
C PHE K 68 -20.01 21.30 -20.32
N THR K 69 -19.90 21.93 -21.49
CA THR K 69 -19.34 21.30 -22.67
C THR K 69 -18.24 22.21 -23.22
N ILE K 70 -17.05 21.63 -23.40
CA ILE K 70 -15.85 22.34 -23.84
C ILE K 70 -15.70 22.14 -25.34
N SER K 71 -15.30 23.19 -26.05
CA SER K 71 -15.13 23.11 -27.49
C SER K 71 -13.92 23.94 -27.92
N ARG K 72 -13.47 23.69 -29.17
CA ARG K 72 -12.32 24.40 -29.73
C ARG K 72 -12.48 24.57 -31.24
N ASP K 73 -11.87 25.65 -31.75
CA ASP K 73 -11.69 25.89 -33.18
C ASP K 73 -10.20 25.98 -33.48
N ASN K 74 -9.67 25.01 -34.21
CA ASN K 74 -8.26 25.07 -34.61
C ASN K 74 -8.00 26.13 -35.67
N ALA K 75 -8.97 26.35 -36.57
CA ALA K 75 -8.78 27.35 -37.60
C ALA K 75 -8.72 28.76 -37.02
N LYS K 76 -9.63 29.08 -36.09
CA LYS K 76 -9.69 30.41 -35.49
C LYS K 76 -8.76 30.60 -34.30
N ASN K 77 -8.07 29.55 -33.85
CA ASN K 77 -7.31 29.57 -32.61
C ASN K 77 -8.17 30.12 -31.48
N SER K 78 -9.26 29.41 -31.22
CA SER K 78 -10.24 29.79 -30.23
C SER K 78 -10.55 28.60 -29.34
N LEU K 79 -10.76 28.86 -28.05
CA LEU K 79 -11.21 27.86 -27.07
C LEU K 79 -12.54 28.29 -26.45
N TYR K 80 -13.40 27.31 -26.16
CA TYR K 80 -14.71 27.62 -25.63
C TYR K 80 -15.05 26.74 -24.44
N LEU K 81 -15.89 27.29 -23.58
CA LEU K 81 -16.39 26.59 -22.40
C LEU K 81 -17.85 27.03 -22.23
N GLN K 82 -18.78 26.21 -22.72
CA GLN K 82 -20.20 26.46 -22.56
C GLN K 82 -20.65 26.09 -21.15
N MET K 83 -21.18 27.06 -20.40
CA MET K 83 -21.60 26.83 -19.03
C MET K 83 -23.12 26.96 -18.89
N ASN K 84 -23.77 25.87 -18.52
CA ASN K 84 -25.20 25.90 -18.19
C ASN K 84 -25.39 25.50 -16.73
N SER K 85 -26.65 25.54 -16.29
CA SER K 85 -27.08 25.06 -14.97
C SER K 85 -26.13 25.46 -13.85
N LEU K 86 -25.74 26.73 -13.85
CA LEU K 86 -24.72 27.24 -12.94
C LEU K 86 -25.19 27.24 -11.48
N ARG K 87 -24.23 27.06 -10.58
CA ARG K 87 -24.41 27.05 -9.13
C ARG K 87 -23.47 28.08 -8.53
N VAL K 88 -23.67 28.41 -7.26
CA VAL K 88 -22.85 29.44 -6.63
C VAL K 88 -21.38 29.04 -6.63
N GLU K 89 -21.10 27.76 -6.39
CA GLU K 89 -19.72 27.30 -6.25
C GLU K 89 -18.87 27.60 -7.46
N ASP K 90 -19.48 27.76 -8.63
CA ASP K 90 -18.76 28.03 -9.86
C ASP K 90 -18.27 29.46 -9.97
N THR K 91 -18.73 30.36 -9.11
CA THR K 91 -18.27 31.74 -9.17
C THR K 91 -16.75 31.80 -9.05
N ALA K 92 -16.09 32.22 -10.12
CA ALA K 92 -14.64 32.24 -10.15
C ALA K 92 -14.19 33.02 -11.37
N VAL K 93 -12.95 33.50 -11.33
CA VAL K 93 -12.26 33.98 -12.52
C VAL K 93 -11.79 32.76 -13.30
N TYR K 94 -12.12 32.70 -14.57
CA TYR K 94 -11.81 31.54 -15.39
C TYR K 94 -10.60 31.83 -16.26
N TYR K 95 -9.52 31.09 -16.01
CA TYR K 95 -8.30 31.19 -16.78
C TYR K 95 -8.28 30.06 -17.78
N CYS K 96 -7.87 30.38 -19.01
CA CYS K 96 -7.66 29.42 -20.08
C CYS K 96 -6.17 29.28 -20.31
N ALA K 97 -5.69 28.05 -20.45
CA ALA K 97 -4.26 27.86 -20.56
C ALA K 97 -3.97 26.58 -21.32
N ARG K 98 -2.75 26.50 -21.81
CA ARG K 98 -2.30 25.47 -22.73
C ARG K 98 -1.24 24.60 -22.08
N LEU K 99 -1.40 23.29 -22.22
CA LEU K 99 -0.37 22.35 -21.78
C LEU K 99 0.62 22.16 -22.91
N ARG K 100 1.91 22.34 -22.60
CA ARG K 100 2.94 22.09 -23.61
C ARG K 100 2.82 20.67 -24.14
N TRP K 101 2.70 19.73 -23.23
CA TRP K 101 2.46 18.33 -23.43
C TRP K 101 1.54 17.93 -22.27
N LEU K 102 0.96 16.73 -22.32
CA LEU K 102 -0.21 16.45 -21.48
C LEU K 102 0.10 16.57 -19.98
N ARG K 103 1.22 16.02 -19.53
CA ARG K 103 1.61 15.99 -18.12
C ARG K 103 2.68 17.03 -17.77
N GLY K 104 2.99 17.93 -18.68
CA GLY K 104 3.91 19.02 -18.44
C GLY K 104 3.21 20.27 -17.95
N ASN K 105 3.91 21.41 -18.12
CA ASN K 105 3.48 22.68 -17.54
C ASN K 105 2.46 23.43 -18.39
N PHE K 106 1.78 24.37 -17.75
CA PHE K 106 0.97 25.38 -18.42
C PHE K 106 1.90 26.55 -18.80
N ASP K 107 2.31 26.63 -20.08
CA ASP K 107 3.28 27.63 -20.51
C ASP K 107 2.68 29.01 -20.75
N HIS K 108 1.45 29.10 -21.23
CA HIS K 108 0.82 30.39 -21.49
C HIS K 108 -0.58 30.45 -20.89
N TRP K 109 -0.89 31.57 -20.24
CA TRP K 109 -2.16 31.78 -19.57
C TRP K 109 -2.80 33.07 -20.05
N GLY K 110 -4.12 33.11 -19.98
CA GLY K 110 -4.86 34.32 -20.27
C GLY K 110 -5.07 35.19 -19.03
N GLN K 111 -5.44 36.45 -19.26
CA GLN K 111 -5.57 37.40 -18.16
C GLN K 111 -6.74 37.09 -17.24
N GLY K 112 -7.74 36.36 -17.70
CA GLY K 112 -8.86 35.97 -16.87
C GLY K 112 -10.10 36.84 -16.99
N THR K 113 -11.25 36.20 -17.13
CA THR K 113 -12.55 36.87 -17.07
C THR K 113 -13.34 36.30 -15.91
N LEU K 114 -14.13 37.15 -15.26
CA LEU K 114 -14.84 36.79 -14.03
C LEU K 114 -16.27 36.34 -14.32
N VAL K 115 -16.63 35.18 -13.79
CA VAL K 115 -18.02 34.70 -13.78
C VAL K 115 -18.53 34.74 -12.34
N THR K 116 -19.61 35.49 -12.11
CA THR K 116 -20.27 35.55 -10.82
C THR K 116 -21.64 34.87 -10.91
N VAL K 117 -21.96 34.06 -9.90
CA VAL K 117 -23.27 33.41 -9.74
C VAL K 117 -23.86 33.88 -8.41
N SER K 118 -24.88 34.75 -8.47
CA SER K 118 -25.41 35.33 -7.22
C SER K 118 -26.85 34.97 -6.87
N SER K 119 -27.77 35.14 -7.82
CA SER K 119 -29.22 35.18 -7.65
C SER K 119 -29.69 36.24 -6.65
N ALA K 120 -28.79 37.08 -6.14
CA ALA K 120 -29.18 38.12 -5.18
C ALA K 120 -28.90 39.49 -5.76
N SER K 121 -29.79 40.45 -5.47
CA SER K 121 -29.83 41.68 -6.25
C SER K 121 -30.29 42.84 -5.36
N THR K 122 -29.32 43.64 -4.91
CA THR K 122 -29.56 44.92 -4.24
C THR K 122 -30.34 44.74 -2.93
N LYS K 123 -29.66 44.09 -1.99
CA LYS K 123 -30.23 43.84 -0.68
C LYS K 123 -29.74 44.89 0.31
N GLY K 124 -30.66 45.41 1.13
CA GLY K 124 -30.33 46.38 2.15
C GLY K 124 -29.81 45.67 3.39
N PRO K 125 -29.02 46.36 4.22
CA PRO K 125 -28.45 45.70 5.39
C PRO K 125 -29.45 45.58 6.55
N SER K 126 -29.31 44.48 7.28
CA SER K 126 -29.91 44.30 8.60
C SER K 126 -28.76 44.30 9.61
N VAL K 127 -28.71 45.34 10.45
CA VAL K 127 -27.55 45.60 11.31
C VAL K 127 -27.87 45.14 12.73
N PHE K 128 -26.97 44.34 13.31
CA PHE K 128 -27.18 43.78 14.63
C PHE K 128 -26.10 44.28 15.59
N PRO K 129 -26.47 44.62 16.83
CA PRO K 129 -25.47 45.15 17.77
C PRO K 129 -24.73 44.06 18.55
N LEU K 130 -23.41 44.20 18.64
CA LEU K 130 -22.55 43.23 19.33
C LEU K 130 -22.13 43.77 20.69
N ALA K 131 -22.72 43.22 21.75
CA ALA K 131 -22.44 43.75 23.08
C ALA K 131 -21.36 42.92 23.77
N PRO K 132 -20.48 43.54 24.57
CA PRO K 132 -19.48 42.83 25.37
C PRO K 132 -20.09 42.05 26.53
N ALA K 143 -14.40 45.10 24.31
CA ALA K 143 -14.68 45.31 22.89
C ALA K 143 -16.18 45.26 22.62
N LEU K 144 -16.65 46.17 21.76
CA LEU K 144 -18.02 46.21 21.28
C LEU K 144 -18.04 46.75 19.86
N GLY K 145 -19.04 46.36 19.09
CA GLY K 145 -19.06 46.79 17.70
C GLY K 145 -20.37 46.47 17.00
N CYS K 146 -20.35 46.64 15.67
CA CYS K 146 -21.52 46.50 14.81
C CYS K 146 -21.30 45.43 13.76
N LEU K 147 -22.37 44.71 13.43
CA LEU K 147 -22.40 43.69 12.39
C LEU K 147 -23.37 44.12 11.28
N VAL K 148 -22.87 44.17 10.04
CA VAL K 148 -23.68 44.51 8.88
C VAL K 148 -23.93 43.21 8.12
N LYS K 149 -25.12 42.65 8.27
CA LYS K 149 -25.41 41.29 7.83
C LYS K 149 -26.18 41.28 6.51
N ASP K 150 -25.88 40.30 5.66
CA ASP K 150 -26.70 39.93 4.53
C ASP K 150 -27.07 41.12 3.65
N TYR K 151 -26.04 41.67 3.01
CA TYR K 151 -26.20 42.76 2.07
C TYR K 151 -25.54 42.39 0.74
N PHE K 152 -25.90 43.14 -0.30
CA PHE K 152 -25.39 42.95 -1.66
C PHE K 152 -25.74 44.16 -2.52
N PRO K 153 -24.89 44.56 -3.47
CA PRO K 153 -23.47 44.18 -3.64
C PRO K 153 -22.51 45.12 -2.90
N GLU K 154 -21.21 45.01 -3.17
CA GLU K 154 -20.25 45.95 -2.63
C GLU K 154 -20.43 47.31 -3.30
N PRO K 155 -19.96 48.39 -2.67
CA PRO K 155 -19.23 48.53 -1.41
C PRO K 155 -20.13 49.01 -0.29
N VAL K 156 -19.75 48.77 0.96
CA VAL K 156 -20.43 49.31 2.11
C VAL K 156 -19.47 50.19 2.89
N THR K 157 -19.92 51.39 3.26
CA THR K 157 -19.14 52.30 4.06
C THR K 157 -19.75 52.36 5.45
N VAL K 158 -18.91 52.24 6.47
CA VAL K 158 -19.32 52.16 7.87
C VAL K 158 -18.57 53.20 8.69
N SER K 159 -19.30 53.95 9.52
CA SER K 159 -18.75 54.97 10.40
C SER K 159 -19.35 54.80 11.79
N TRP K 160 -18.74 55.47 12.78
CA TRP K 160 -19.18 55.40 14.17
C TRP K 160 -19.51 56.74 14.81
N ASN K 161 -19.54 57.84 14.04
CA ASN K 161 -19.84 59.13 14.66
C ASN K 161 -21.36 59.28 14.80
N GLY K 168 -9.89 53.18 19.63
CA GLY K 168 -9.28 52.47 18.52
C GLY K 168 -10.25 52.20 17.39
N VAL K 169 -10.01 52.77 16.21
CA VAL K 169 -10.86 52.50 15.05
C VAL K 169 -10.36 51.22 14.38
N HIS K 170 -11.27 50.31 14.06
CA HIS K 170 -10.87 49.13 13.29
C HIS K 170 -12.05 48.56 12.52
N THR K 171 -11.94 48.53 11.18
CA THR K 171 -12.90 47.87 10.31
C THR K 171 -12.28 46.59 9.73
N PHE K 172 -13.06 45.86 8.93
CA PHE K 172 -12.69 44.57 8.38
C PHE K 172 -13.25 44.42 6.98
N PRO K 173 -12.62 43.58 6.15
CA PRO K 173 -13.20 43.24 4.84
C PRO K 173 -14.44 42.38 4.95
N ALA K 174 -15.26 42.42 3.89
CA ALA K 174 -16.48 41.63 3.82
C ALA K 174 -16.18 40.16 3.50
N VAL K 175 -17.21 39.31 3.65
CA VAL K 175 -17.15 37.88 3.32
C VAL K 175 -18.34 37.50 2.44
N LEU K 176 -18.12 36.57 1.49
CA LEU K 176 -19.20 36.03 0.67
C LEU K 176 -19.65 34.69 1.27
N GLN K 177 -20.86 34.68 1.82
CA GLN K 177 -21.41 33.55 2.56
C GLN K 177 -21.96 32.49 1.62
N SER K 178 -22.48 31.40 2.22
CA SER K 178 -23.14 30.38 1.44
C SER K 178 -24.43 30.90 0.81
N SER K 179 -25.08 31.86 1.47
CA SER K 179 -26.31 32.44 0.94
C SER K 179 -26.07 33.31 -0.30
N GLY K 180 -24.84 33.76 -0.54
CA GLY K 180 -24.56 34.64 -1.65
C GLY K 180 -24.55 36.12 -1.32
N LEU K 181 -24.58 36.48 -0.04
CA LEU K 181 -24.63 37.86 0.41
C LEU K 181 -23.38 38.21 1.19
N TYR K 182 -22.98 39.48 1.14
CA TYR K 182 -21.84 39.95 1.89
C TYR K 182 -22.25 40.35 3.31
N SER K 183 -21.32 40.19 4.25
CA SER K 183 -21.48 40.65 5.63
C SER K 183 -20.17 41.25 6.12
N LEU K 184 -20.27 42.32 6.92
CA LEU K 184 -19.11 43.11 7.33
C LEU K 184 -19.20 43.42 8.82
N SER K 185 -18.03 43.61 9.43
CA SER K 185 -17.93 43.94 10.86
C SER K 185 -17.02 45.15 11.08
N SER K 186 -17.15 45.75 12.26
CA SER K 186 -16.26 46.83 12.69
C SER K 186 -16.26 46.89 14.22
N VAL K 187 -15.08 47.01 14.84
CA VAL K 187 -14.96 46.96 16.30
C VAL K 187 -14.01 48.04 16.82
N VAL K 188 -14.34 48.51 18.02
CA VAL K 188 -13.55 49.61 18.65
C VAL K 188 -13.37 49.23 20.10
N THR K 189 -12.18 49.49 20.66
CA THR K 189 -11.97 49.25 22.11
C THR K 189 -11.06 50.36 22.63
N VAL K 190 -11.26 50.76 23.89
CA VAL K 190 -10.45 51.85 24.50
C VAL K 190 -10.21 51.46 25.96
N PRO K 191 -9.19 52.00 26.67
CA PRO K 191 -9.07 51.70 28.09
C PRO K 191 -10.37 52.22 28.73
N SER K 192 -10.97 51.43 29.63
CA SER K 192 -12.26 51.83 30.25
C SER K 192 -12.24 53.32 30.62
N THR K 197 -20.24 55.36 30.85
CA THR K 197 -21.67 55.40 30.46
C THR K 197 -21.79 56.16 29.14
N GLN K 198 -20.68 56.32 28.42
CA GLN K 198 -20.74 56.97 27.08
C GLN K 198 -21.51 56.05 26.12
N THR K 199 -22.44 56.61 25.35
CA THR K 199 -23.23 55.83 24.36
C THR K 199 -22.40 55.62 23.08
N TYR K 200 -22.69 54.56 22.32
CA TYR K 200 -21.90 54.24 21.09
C TYR K 200 -22.83 53.97 19.91
N ILE K 201 -22.79 54.82 18.87
CA ILE K 201 -23.69 54.67 17.73
C ILE K 201 -22.82 54.58 16.48
N CYS K 202 -23.08 53.56 15.66
CA CYS K 202 -22.34 53.35 14.41
C CYS K 202 -23.19 53.72 13.20
N ASN K 203 -22.55 54.38 12.22
CA ASN K 203 -23.21 54.84 11.01
C ASN K 203 -22.83 53.93 9.86
N VAL K 204 -23.79 53.15 9.38
CA VAL K 204 -23.57 52.17 8.31
C VAL K 204 -24.23 52.72 7.06
N ASN K 205 -23.49 52.77 5.96
CA ASN K 205 -24.03 53.20 4.68
C ASN K 205 -23.85 52.11 3.64
N HIS K 206 -24.95 51.70 3.04
CA HIS K 206 -24.98 50.69 1.98
C HIS K 206 -25.41 51.42 0.71
N LYS K 207 -24.42 51.85 -0.07
CA LYS K 207 -24.65 52.64 -1.27
C LYS K 207 -25.62 52.03 -2.28
N PRO K 208 -25.60 50.72 -2.58
CA PRO K 208 -26.53 50.19 -3.60
C PRO K 208 -28.01 50.45 -3.35
N SER K 209 -28.49 50.29 -2.12
CA SER K 209 -29.90 50.52 -1.82
C SER K 209 -30.14 51.90 -1.24
N ASN K 210 -29.11 52.74 -1.19
CA ASN K 210 -29.17 54.07 -0.60
C ASN K 210 -29.75 54.01 0.81
N THR K 211 -29.40 52.95 1.54
CA THR K 211 -29.83 52.76 2.91
C THR K 211 -28.69 53.12 3.84
N LYS K 212 -28.98 54.01 4.79
CA LYS K 212 -28.05 54.35 5.87
C LYS K 212 -28.81 54.34 7.17
N VAL K 213 -28.52 53.37 8.03
CA VAL K 213 -29.22 53.19 9.29
C VAL K 213 -28.16 53.19 10.39
N ASP K 214 -28.40 53.97 11.45
CA ASP K 214 -27.48 54.08 12.56
C ASP K 214 -28.04 53.37 13.78
N LYS K 215 -27.26 52.47 14.36
CA LYS K 215 -27.67 51.60 15.47
C LYS K 215 -26.72 51.72 16.64
N LYS K 216 -27.29 51.73 17.85
CA LYS K 216 -26.56 51.78 19.11
C LYS K 216 -26.08 50.39 19.53
N PHE L 2 -7.28 10.38 -5.52
CA PHE L 2 -5.93 10.96 -5.50
C PHE L 2 -5.94 12.49 -5.33
N MET L 3 -5.08 12.98 -4.43
CA MET L 3 -4.99 14.39 -4.12
C MET L 3 -3.53 14.73 -3.78
N LEU L 4 -3.24 16.04 -3.86
CA LEU L 4 -1.89 16.56 -3.54
C LEU L 4 -2.04 17.48 -2.34
N THR L 5 -1.17 17.34 -1.33
CA THR L 5 -1.22 18.15 -0.12
C THR L 5 0.04 18.99 0.02
N GLN L 6 -0.16 20.25 0.40
CA GLN L 6 0.93 21.16 0.72
C GLN L 6 0.73 21.75 2.09
N PRO L 7 1.80 22.18 2.76
CA PRO L 7 1.61 22.93 4.00
C PRO L 7 0.93 24.23 3.67
N HIS L 8 0.07 24.68 4.56
CA HIS L 8 -0.69 25.90 4.28
C HIS L 8 0.22 27.11 4.17
N SER L 9 1.20 27.23 5.06
CA SER L 9 2.10 28.37 5.07
C SER L 9 3.52 27.94 5.43
N VAL L 10 4.50 28.66 4.88
CA VAL L 10 5.91 28.52 5.27
C VAL L 10 6.60 29.89 5.19
N SER L 11 7.34 30.22 6.24
CA SER L 11 8.00 31.51 6.41
C SER L 11 9.46 31.29 6.74
N GLU L 12 10.33 32.17 6.21
CA GLU L 12 11.75 32.08 6.51
C GLU L 12 12.36 33.45 6.26
N SER L 13 13.54 33.67 6.86
CA SER L 13 14.25 34.94 6.79
C SER L 13 14.87 35.17 5.41
N PRO L 14 15.23 36.42 5.09
CA PRO L 14 15.91 36.69 3.81
C PRO L 14 17.25 35.97 3.70
N GLY L 15 17.55 35.49 2.49
CA GLY L 15 18.82 34.85 2.21
C GLY L 15 18.94 33.39 2.62
N LYS L 16 17.95 32.81 3.26
CA LYS L 16 18.09 31.44 3.67
C LYS L 16 17.38 30.53 2.68
N THR L 17 17.30 29.23 3.00
CA THR L 17 16.78 28.22 2.10
C THR L 17 15.51 27.63 2.70
N VAL L 18 14.45 27.65 1.91
CA VAL L 18 13.14 27.17 2.29
C VAL L 18 12.76 26.00 1.38
N THR L 19 12.13 24.98 1.96
CA THR L 19 11.63 23.83 1.23
C THR L 19 10.12 23.81 1.31
N ILE L 20 9.47 23.72 0.16
CA ILE L 20 8.02 23.62 0.05
C ILE L 20 7.71 22.21 -0.43
N SER L 21 6.93 21.47 0.35
CA SER L 21 6.66 20.04 0.17
C SER L 21 5.39 19.85 -0.63
N CYS L 22 5.27 18.68 -1.24
CA CYS L 22 4.04 18.34 -1.94
C CYS L 22 3.90 16.82 -1.81
N THR L 23 3.16 16.36 -0.79
CA THR L 23 3.04 14.94 -0.46
C THR L 23 1.78 14.38 -1.11
N GLY L 24 1.88 13.14 -1.60
CA GLY L 24 0.81 12.54 -2.39
C GLY L 24 -0.03 11.58 -1.57
N SER L 25 -1.35 11.66 -1.74
CA SER L 25 -2.29 10.80 -1.04
C SER L 25 -3.00 9.90 -2.05
N ASN L 26 -3.08 8.61 -1.76
CA ASN L 26 -3.76 7.65 -2.61
C ASN L 26 -3.05 7.47 -3.96
N GLY L 27 -1.73 7.64 -3.96
CA GLY L 27 -0.94 7.34 -5.14
C GLY L 27 0.53 7.58 -4.86
N TYR L 28 1.36 7.31 -5.87
CA TYR L 28 2.79 7.59 -5.83
C TYR L 28 3.00 8.89 -6.59
N ILE L 29 3.59 9.88 -5.93
CA ILE L 29 3.72 11.20 -6.52
C ILE L 29 4.49 11.13 -7.84
N ALA L 30 5.48 10.23 -7.94
CA ALA L 30 6.41 10.13 -9.05
C ALA L 30 5.96 9.16 -10.14
N ASN L 31 4.67 8.87 -10.24
CA ASN L 31 4.18 8.14 -11.41
C ASN L 31 4.20 9.00 -12.66
N ASN L 32 4.05 10.32 -12.49
CA ASN L 32 3.98 11.30 -13.57
C ASN L 32 4.70 12.56 -13.11
N TYR L 33 5.06 13.41 -14.07
CA TYR L 33 5.85 14.60 -13.77
C TYR L 33 5.06 15.54 -12.87
N VAL L 34 5.77 16.31 -12.06
CA VAL L 34 5.16 17.24 -11.11
C VAL L 34 5.65 18.63 -11.44
N GLN L 35 4.72 19.61 -11.42
CA GLN L 35 4.93 20.98 -11.86
C GLN L 35 4.86 21.93 -10.67
N TRP L 36 5.60 23.04 -10.73
CA TRP L 36 5.54 24.04 -9.66
C TRP L 36 5.23 25.38 -10.30
N TYR L 37 4.27 26.09 -9.71
CA TYR L 37 3.73 27.33 -10.29
C TYR L 37 3.65 28.40 -9.21
N GLN L 38 4.08 29.61 -9.56
CA GLN L 38 3.98 30.79 -8.72
C GLN L 38 2.74 31.60 -9.11
N GLN L 39 2.04 32.13 -8.11
CA GLN L 39 0.94 33.11 -8.32
C GLN L 39 1.12 34.30 -7.40
N ARG L 40 1.47 35.46 -7.97
CA ARG L 40 1.50 36.64 -7.13
C ARG L 40 0.08 37.19 -6.96
N PRO L 41 -0.17 37.93 -5.85
CA PRO L 41 -1.54 38.43 -5.59
C PRO L 41 -2.10 39.19 -6.77
N GLY L 42 -3.25 38.76 -7.26
CA GLY L 42 -3.85 39.43 -8.40
C GLY L 42 -3.05 39.29 -9.67
N SER L 43 -2.22 38.25 -9.77
CA SER L 43 -1.41 38.00 -10.94
C SER L 43 -1.61 36.55 -11.38
N VAL L 44 -1.27 36.30 -12.63
CA VAL L 44 -1.47 35.01 -13.28
C VAL L 44 -0.37 34.00 -12.94
N PRO L 45 -0.69 32.71 -12.83
CA PRO L 45 0.37 31.71 -12.60
C PRO L 45 1.43 31.70 -13.70
N THR L 46 2.68 31.52 -13.28
CA THR L 46 3.82 31.33 -14.19
C THR L 46 4.61 30.10 -13.77
N VAL L 47 5.22 29.41 -14.72
CA VAL L 47 5.98 28.22 -14.39
C VAL L 47 7.26 28.58 -13.63
N VAL L 48 7.59 27.80 -12.59
CA VAL L 48 8.89 27.84 -11.94
C VAL L 48 9.60 26.50 -12.04
N ILE L 49 8.86 25.42 -11.97
CA ILE L 49 9.47 24.11 -12.22
C ILE L 49 8.48 23.32 -13.06
N TYR L 50 9.00 22.60 -14.06
CA TYR L 50 8.28 21.66 -14.89
C TYR L 50 9.10 20.37 -14.89
N GLU L 51 8.45 19.24 -15.17
CA GLU L 51 9.17 17.96 -15.32
C GLU L 51 10.10 17.68 -14.13
N ASP L 52 9.63 17.99 -12.91
CA ASP L 52 10.10 17.67 -11.55
C ASP L 52 11.34 18.41 -11.04
N ASN L 53 12.28 18.82 -11.91
CA ASN L 53 13.44 19.59 -11.44
C ASN L 53 13.97 20.57 -12.48
N GLN L 54 13.31 20.70 -13.62
CA GLN L 54 13.70 21.60 -14.69
C GLN L 54 13.18 23.04 -14.49
N ARG L 55 14.01 23.99 -14.88
CA ARG L 55 13.84 25.41 -14.60
C ARG L 55 13.78 26.19 -15.91
N PRO L 56 12.70 26.89 -16.25
CA PRO L 56 12.71 27.65 -17.50
C PRO L 56 13.66 28.82 -17.41
N SER L 57 14.09 29.27 -18.58
CA SER L 57 14.97 30.44 -18.67
C SER L 57 14.25 31.68 -18.16
N GLY L 58 14.98 32.51 -17.43
CA GLY L 58 14.44 33.75 -16.90
C GLY L 58 13.74 33.61 -15.58
N VAL L 59 13.56 32.39 -15.08
CA VAL L 59 13.10 32.16 -13.70
C VAL L 59 14.37 32.13 -12.86
N PRO L 60 14.45 32.82 -11.74
CA PRO L 60 15.73 32.94 -11.04
C PRO L 60 16.34 31.57 -10.76
N ASP L 61 17.67 31.49 -10.85
CA ASP L 61 18.42 30.25 -10.68
C ASP L 61 18.25 29.62 -9.29
N ARG L 62 17.76 30.39 -8.33
CA ARG L 62 17.61 29.93 -6.95
C ARG L 62 16.55 28.87 -6.78
N PHE L 63 15.72 28.62 -7.79
CA PHE L 63 14.61 27.68 -7.71
C PHE L 63 15.08 26.31 -8.15
N SER L 64 14.98 25.31 -7.25
CA SER L 64 15.41 23.93 -7.49
C SER L 64 14.21 23.02 -7.31
N GLY L 65 14.33 21.79 -7.78
CA GLY L 65 13.29 20.79 -7.61
C GLY L 65 13.86 19.43 -7.24
N SER L 66 13.09 18.67 -6.45
CA SER L 66 13.48 17.32 -6.09
C SER L 66 12.23 16.44 -6.04
N ILE L 67 12.45 15.12 -6.11
CA ILE L 67 11.43 14.08 -5.95
C ILE L 67 11.94 13.06 -4.93
N ASP L 68 11.09 12.68 -3.99
CA ASP L 68 11.41 11.65 -3.00
C ASP L 68 10.35 10.56 -3.13
N SER L 69 10.65 9.50 -3.88
CA SER L 69 9.70 8.41 -3.97
C SER L 69 9.43 7.80 -2.58
N SER L 70 10.41 7.89 -1.67
CA SER L 70 10.27 7.24 -0.37
C SER L 70 9.24 7.93 0.50
N SER L 71 9.33 9.25 0.62
CA SER L 71 8.38 10.03 1.41
C SER L 71 7.19 10.46 0.58
N ASN L 72 7.11 9.99 -0.65
CA ASN L 72 6.00 10.24 -1.56
C ASN L 72 5.74 11.74 -1.67
N SER L 73 6.83 12.50 -1.80
CA SER L 73 6.81 13.95 -1.67
C SER L 73 7.59 14.58 -2.81
N ALA L 74 7.08 15.73 -3.24
CA ALA L 74 7.76 16.62 -4.15
C ALA L 74 8.26 17.82 -3.37
N SER L 75 9.43 18.33 -3.74
CA SER L 75 10.00 19.46 -3.02
C SER L 75 10.37 20.53 -4.03
N LEU L 76 10.05 21.78 -3.70
CA LEU L 76 10.45 22.99 -4.41
C LEU L 76 11.32 23.78 -3.46
N ILE L 77 12.60 23.92 -3.73
CA ILE L 77 13.50 24.54 -2.76
C ILE L 77 13.97 25.88 -3.32
N ILE L 78 14.08 26.90 -2.48
CA ILE L 78 14.48 28.23 -2.91
C ILE L 78 15.71 28.69 -2.14
N SER L 79 16.88 28.70 -2.79
CA SER L 79 18.11 29.18 -2.15
C SER L 79 18.10 30.71 -2.01
N GLY L 80 18.90 31.23 -1.09
CA GLY L 80 19.11 32.68 -0.96
C GLY L 80 17.90 33.60 -1.12
N LEU L 81 16.94 33.50 -0.18
CA LEU L 81 15.64 34.17 -0.29
C LEU L 81 15.75 35.68 -0.49
N LYS L 82 14.81 36.19 -1.27
CA LYS L 82 14.64 37.60 -1.58
C LYS L 82 13.17 37.94 -1.41
N THR L 83 12.88 39.23 -1.23
CA THR L 83 11.49 39.68 -1.07
C THR L 83 10.62 39.32 -2.27
N GLU L 84 11.19 39.31 -3.48
CA GLU L 84 10.41 39.07 -4.69
C GLU L 84 9.83 37.68 -4.76
N ASP L 85 10.24 36.75 -3.88
CA ASP L 85 9.70 35.40 -3.95
C ASP L 85 8.38 35.22 -3.21
N GLU L 86 7.97 36.18 -2.36
CA GLU L 86 6.71 36.04 -1.62
C GLU L 86 5.52 36.08 -2.57
N ALA L 87 4.89 34.92 -2.75
CA ALA L 87 3.73 34.70 -3.59
C ALA L 87 3.24 33.31 -3.28
N ASP L 88 2.06 32.97 -3.80
CA ASP L 88 1.54 31.63 -3.61
C ASP L 88 2.19 30.65 -4.58
N TYR L 89 2.47 29.45 -4.09
CA TYR L 89 3.10 28.41 -4.89
C TYR L 89 2.20 27.18 -4.88
N TYR L 90 1.97 26.63 -6.07
CA TYR L 90 1.15 25.45 -6.27
C TYR L 90 1.98 24.39 -6.98
N CYS L 91 1.87 23.16 -6.54
CA CYS L 91 2.43 22.03 -7.24
C CYS L 91 1.30 21.38 -8.01
N GLN L 92 1.61 20.76 -9.14
CA GLN L 92 0.57 19.99 -9.80
C GLN L 92 1.19 18.77 -10.47
N SER L 93 0.31 17.83 -10.80
CA SER L 93 0.65 16.64 -11.56
C SER L 93 -0.60 16.22 -12.34
N TYR L 94 -0.54 15.06 -12.97
CA TYR L 94 -1.64 14.58 -13.82
C TYR L 94 -1.92 13.12 -13.50
N ASP L 95 -3.09 12.83 -12.92
CA ASP L 95 -3.55 11.45 -12.94
C ASP L 95 -4.27 11.26 -14.26
N THR L 96 -4.98 10.17 -14.42
CA THR L 96 -5.25 9.69 -15.76
C THR L 96 -5.82 10.76 -16.70
N PRO L 97 -7.03 11.30 -16.48
CA PRO L 97 -7.51 12.36 -17.37
C PRO L 97 -7.47 13.77 -16.81
N ASN L 98 -7.21 13.95 -15.53
CA ASN L 98 -7.47 15.21 -14.84
C ASN L 98 -6.16 15.88 -14.46
N VAL L 99 -6.05 17.16 -14.74
CA VAL L 99 -4.95 17.92 -14.18
C VAL L 99 -5.31 18.21 -12.73
N VAL L 100 -4.38 17.89 -11.83
CA VAL L 100 -4.61 17.93 -10.39
C VAL L 100 -3.64 18.94 -9.78
N PHE L 101 -4.18 19.83 -8.95
CA PHE L 101 -3.43 20.92 -8.33
C PHE L 101 -3.35 20.71 -6.82
N GLY L 102 -2.27 21.20 -6.24
CA GLY L 102 -2.22 21.34 -4.81
C GLY L 102 -3.05 22.52 -4.33
N GLY L 103 -3.35 22.53 -3.04
CA GLY L 103 -4.13 23.61 -2.48
C GLY L 103 -3.37 24.93 -2.50
N GLY L 104 -2.05 24.87 -2.30
CA GLY L 104 -1.21 26.04 -2.38
C GLY L 104 -0.53 26.44 -1.08
N THR L 105 0.68 26.97 -1.20
CA THR L 105 1.49 27.34 -0.04
C THR L 105 1.74 28.84 -0.10
N LYS L 106 1.33 29.57 0.93
CA LYS L 106 1.50 31.03 0.94
C LYS L 106 2.84 31.30 1.56
N LEU L 107 3.84 31.55 0.73
CA LEU L 107 5.22 31.78 1.19
C LEU L 107 5.43 33.25 1.46
N THR L 108 5.90 33.56 2.67
CA THR L 108 6.12 34.92 3.15
C THR L 108 7.59 35.13 3.48
N VAL L 109 8.12 36.26 2.98
CA VAL L 109 9.54 36.61 3.27
C VAL L 109 9.48 37.43 4.56
N LEU L 110 10.35 37.13 5.52
CA LEU L 110 10.16 37.76 6.84
C LEU L 110 10.77 39.15 6.97
N GLY L 111 9.92 40.17 6.95
CA GLY L 111 10.34 41.55 7.26
C GLY L 111 9.32 42.01 8.29
N GLN L 112 9.70 42.66 9.40
CA GLN L 112 8.75 42.97 10.50
C GLN L 112 8.47 41.65 11.22
N PRO L 113 9.05 41.34 12.42
CA PRO L 113 8.92 39.99 12.99
C PRO L 113 7.54 39.57 13.46
N LYS L 114 7.39 38.26 13.71
CA LYS L 114 6.09 37.63 13.85
C LYS L 114 5.24 38.30 14.93
N ALA L 115 3.96 38.48 14.62
CA ALA L 115 2.99 39.12 15.52
C ALA L 115 1.90 38.12 15.87
N ALA L 116 1.75 37.81 17.15
CA ALA L 116 0.70 36.91 17.59
C ALA L 116 -0.68 37.53 17.32
N PRO L 117 -1.69 36.71 17.04
CA PRO L 117 -2.99 37.26 16.66
C PRO L 117 -3.80 37.75 17.84
N SER L 118 -4.56 38.84 17.62
CA SER L 118 -5.48 39.35 18.63
C SER L 118 -6.84 38.72 18.37
N VAL L 119 -7.30 37.90 19.30
CA VAL L 119 -8.54 37.13 19.12
C VAL L 119 -9.62 37.77 19.95
N THR L 120 -10.71 38.14 19.30
CA THR L 120 -11.91 38.63 19.96
C THR L 120 -13.06 37.77 19.47
N LEU L 121 -13.85 37.24 20.40
CA LEU L 121 -15.01 36.42 20.03
C LEU L 121 -16.27 37.11 20.53
N PHE L 122 -17.23 37.29 19.64
CA PHE L 122 -18.49 37.95 19.92
C PHE L 122 -19.66 37.01 19.67
N PRO L 123 -20.65 36.96 20.57
CA PRO L 123 -21.82 36.11 20.35
C PRO L 123 -22.82 36.79 19.43
N PRO L 124 -23.80 36.04 18.91
CA PRO L 124 -24.88 36.65 18.15
C PRO L 124 -25.64 37.69 18.97
N SER L 125 -26.06 38.76 18.32
CA SER L 125 -26.79 39.84 18.95
C SER L 125 -28.15 39.38 19.46
N SER L 126 -28.66 40.10 20.46
CA SER L 126 -30.00 39.82 20.96
C SER L 126 -31.05 40.03 19.87
N GLU L 127 -30.88 41.07 19.05
CA GLU L 127 -31.78 41.32 17.94
C GLU L 127 -31.79 40.17 16.93
N GLU L 128 -30.64 39.53 16.68
CA GLU L 128 -30.57 38.43 15.72
C GLU L 128 -31.34 37.19 16.20
N LEU L 129 -31.23 36.84 17.48
CA LEU L 129 -31.96 35.69 17.99
C LEU L 129 -33.47 35.89 17.90
N GLN L 130 -33.93 37.12 18.14
CA GLN L 130 -35.35 37.43 18.00
C GLN L 130 -35.82 37.22 16.57
N ALA L 131 -34.94 37.42 15.59
CA ALA L 131 -35.22 37.15 14.19
C ALA L 131 -34.98 35.70 13.79
N ASN L 132 -34.81 34.81 14.76
CA ASN L 132 -34.65 33.38 14.53
C ASN L 132 -33.40 33.08 13.71
N LYS L 133 -32.28 33.70 14.08
CA LYS L 133 -30.97 33.42 13.50
C LYS L 133 -29.91 33.52 14.58
N ALA L 134 -28.76 32.89 14.31
CA ALA L 134 -27.60 32.98 15.20
C ALA L 134 -26.35 32.83 14.35
N THR L 135 -25.51 33.87 14.33
CA THR L 135 -24.24 33.83 13.63
C THR L 135 -23.15 34.25 14.59
N LEU L 136 -22.13 33.40 14.78
CA LEU L 136 -21.01 33.72 15.66
C LEU L 136 -19.89 34.40 14.88
N VAL L 137 -19.35 35.48 15.43
CA VAL L 137 -18.39 36.35 14.75
C VAL L 137 -17.05 36.27 15.49
N CYS L 138 -16.00 35.85 14.77
CA CYS L 138 -14.66 35.74 15.34
C CYS L 138 -13.75 36.70 14.58
N LEU L 139 -13.22 37.70 15.27
CA LEU L 139 -12.48 38.79 14.65
C LEU L 139 -11.00 38.69 15.06
N ILE L 140 -10.12 38.64 14.07
CA ILE L 140 -8.69 38.45 14.27
C ILE L 140 -7.97 39.61 13.61
N SER L 141 -7.06 40.26 14.34
CA SER L 141 -6.38 41.42 13.80
C SER L 141 -4.93 41.46 14.25
N ASP L 142 -4.13 42.22 13.48
CA ASP L 142 -2.76 42.59 13.85
C ASP L 142 -1.83 41.38 13.97
N PHE L 143 -1.77 40.56 12.92
CA PHE L 143 -0.90 39.39 12.93
C PHE L 143 -0.07 39.31 11.65
N TYR L 144 1.14 38.73 11.82
CA TYR L 144 2.17 38.53 10.79
C TYR L 144 2.96 37.27 11.17
N PRO L 145 3.20 36.34 10.23
CA PRO L 145 2.73 36.39 8.83
C PRO L 145 1.21 36.21 8.71
N GLY L 146 0.67 36.49 7.53
CA GLY L 146 -0.76 36.43 7.32
C GLY L 146 -1.26 35.04 6.98
N ALA L 147 -1.13 34.12 7.93
CA ALA L 147 -1.63 32.76 7.76
C ALA L 147 -2.20 32.25 9.06
N VAL L 148 -3.47 31.90 9.06
CA VAL L 148 -4.14 31.37 10.24
C VAL L 148 -5.07 30.25 9.79
N THR L 149 -5.25 29.28 10.67
CA THR L 149 -6.21 28.21 10.49
C THR L 149 -7.21 28.34 11.62
N VAL L 150 -8.49 28.46 11.29
CA VAL L 150 -9.55 28.64 12.28
C VAL L 150 -10.35 27.36 12.36
N ALA L 151 -10.49 26.84 13.57
CA ALA L 151 -11.31 25.66 13.83
C ALA L 151 -12.30 26.02 14.92
N TRP L 152 -13.55 25.62 14.72
CA TRP L 152 -14.59 25.91 15.69
C TRP L 152 -14.91 24.63 16.45
N LYS L 153 -15.27 24.79 17.73
CA LYS L 153 -15.68 23.68 18.58
C LYS L 153 -16.94 24.05 19.35
N ALA L 154 -17.77 23.05 19.61
CA ALA L 154 -18.93 23.18 20.48
C ALA L 154 -18.79 22.18 21.62
N ASP L 155 -18.67 22.69 22.86
CA ASP L 155 -18.45 21.85 24.03
C ASP L 155 -17.24 20.93 23.81
N SER L 156 -16.16 21.52 23.28
CA SER L 156 -14.94 20.82 22.94
C SER L 156 -15.18 19.76 21.85
N SER L 157 -16.22 19.93 21.05
CA SER L 157 -16.50 19.09 19.89
C SER L 157 -16.54 19.95 18.64
N PRO L 158 -15.81 19.59 17.58
CA PRO L 158 -15.68 20.48 16.42
C PRO L 158 -17.00 20.74 15.72
N VAL L 159 -17.14 21.97 15.20
CA VAL L 159 -18.28 22.39 14.39
C VAL L 159 -17.82 22.51 12.96
N LYS L 160 -18.53 21.87 12.04
CA LYS L 160 -18.13 21.80 10.65
C LYS L 160 -19.15 22.40 9.67
N ALA L 161 -20.18 23.07 10.15
CA ALA L 161 -21.24 23.54 9.26
C ALA L 161 -21.51 25.02 9.50
N GLY L 162 -21.89 25.70 8.43
CA GLY L 162 -22.21 27.12 8.51
C GLY L 162 -21.02 28.03 8.71
N VAL L 163 -19.83 27.60 8.28
CA VAL L 163 -18.59 28.32 8.54
C VAL L 163 -18.16 29.06 7.29
N GLU L 164 -17.93 30.37 7.43
CA GLU L 164 -17.41 31.22 6.36
C GLU L 164 -16.22 32.00 6.91
N THR L 165 -15.07 31.90 6.25
CA THR L 165 -13.84 32.54 6.70
C THR L 165 -13.29 33.44 5.60
N THR L 166 -12.87 34.63 5.98
CA THR L 166 -12.27 35.56 5.04
C THR L 166 -10.79 35.25 4.87
N THR L 167 -10.30 35.45 3.66
CA THR L 167 -8.87 35.41 3.44
C THR L 167 -8.21 36.60 4.14
N PRO L 168 -7.06 36.40 4.79
CA PRO L 168 -6.43 37.49 5.54
C PRO L 168 -6.10 38.65 4.63
N SER L 169 -6.29 39.86 5.15
CA SER L 169 -6.12 41.09 4.39
C SER L 169 -5.14 41.96 5.13
N LYS L 170 -4.31 42.71 4.40
CA LYS L 170 -3.28 43.51 5.04
C LYS L 170 -3.90 44.74 5.69
N GLN L 171 -3.46 45.04 6.92
CA GLN L 171 -3.98 46.17 7.66
C GLN L 171 -3.27 47.45 7.22
N SER L 172 -3.62 48.55 7.88
CA SER L 172 -2.93 49.82 7.63
C SER L 172 -1.51 49.77 8.17
N ASN L 173 -1.30 49.06 9.27
CA ASN L 173 0.01 48.91 9.89
C ASN L 173 0.86 47.82 9.24
N ASN L 174 0.44 47.31 8.08
CA ASN L 174 1.12 46.35 7.21
C ASN L 174 1.01 44.90 7.72
N LYS L 175 0.36 44.65 8.85
CA LYS L 175 0.04 43.28 9.28
C LYS L 175 -1.23 42.83 8.55
N TYR L 176 -1.79 41.70 8.96
CA TYR L 176 -2.94 41.12 8.28
C TYR L 176 -4.11 40.99 9.25
N ALA L 177 -5.33 41.08 8.72
CA ALA L 177 -6.54 40.99 9.52
C ALA L 177 -7.56 40.11 8.83
N ALA L 178 -8.30 39.32 9.60
CA ALA L 178 -9.28 38.41 9.04
C ALA L 178 -10.36 38.09 10.07
N SER L 179 -11.49 37.60 9.58
CA SER L 179 -12.64 37.28 10.41
C SER L 179 -13.22 35.93 10.00
N SER L 180 -13.78 35.21 10.98
CA SER L 180 -14.41 33.91 10.77
C SER L 180 -15.81 33.93 11.36
N TYR L 181 -16.75 33.33 10.62
CA TYR L 181 -18.17 33.32 11.00
C TYR L 181 -18.72 31.90 11.07
N LEU L 182 -19.50 31.64 12.12
CA LEU L 182 -20.20 30.37 12.31
C LEU L 182 -21.71 30.60 12.30
N SER L 183 -22.42 29.88 11.45
CA SER L 183 -23.87 29.98 11.35
C SER L 183 -24.53 28.86 12.16
N LEU L 184 -25.46 29.24 13.04
CA LEU L 184 -26.16 28.24 13.88
C LEU L 184 -27.65 28.53 13.88
N THR L 185 -28.38 27.89 14.78
CA THR L 185 -29.84 28.16 14.94
C THR L 185 -30.02 28.46 16.43
N PRO L 186 -31.09 29.17 16.86
CA PRO L 186 -31.22 29.53 18.27
C PRO L 186 -31.23 28.20 19.03
N GLU L 187 -31.83 27.16 18.44
CA GLU L 187 -31.80 25.82 19.08
C GLU L 187 -30.35 25.34 19.21
N GLN L 188 -29.52 25.56 18.20
CA GLN L 188 -28.12 25.06 18.23
C GLN L 188 -27.27 25.93 19.17
N TRP L 189 -27.86 26.97 19.77
CA TRP L 189 -27.13 27.78 20.73
C TRP L 189 -27.38 27.31 22.16
N LYS L 190 -28.65 27.21 22.56
CA LYS L 190 -28.99 26.90 23.96
C LYS L 190 -28.65 25.47 24.35
N SER L 191 -28.76 24.51 23.42
CA SER L 191 -28.56 23.12 23.79
C SER L 191 -27.12 22.85 24.21
N HIS L 192 -26.17 23.36 23.44
CA HIS L 192 -24.77 23.15 23.76
C HIS L 192 -24.34 24.06 24.90
N ARG L 193 -23.35 23.60 25.66
CA ARG L 193 -22.86 24.39 26.79
C ARG L 193 -22.04 25.60 26.35
N SER L 194 -21.14 25.43 25.37
CA SER L 194 -20.28 26.53 24.97
C SER L 194 -19.75 26.29 23.56
N TYR L 195 -19.32 27.38 22.91
CA TYR L 195 -18.68 27.37 21.61
C TYR L 195 -17.37 28.16 21.69
N SER L 196 -16.40 27.78 20.86
CA SER L 196 -15.08 28.40 20.87
C SER L 196 -14.58 28.67 19.45
N CYS L 197 -13.73 29.70 19.32
CA CYS L 197 -13.07 30.06 18.06
C CYS L 197 -11.57 29.93 18.24
N GLN L 198 -10.94 29.13 17.38
CA GLN L 198 -9.55 28.71 17.55
C GLN L 198 -8.71 29.28 16.42
N VAL L 199 -7.73 30.12 16.79
CA VAL L 199 -6.81 30.72 15.83
C VAL L 199 -5.42 30.18 16.13
N THR L 200 -4.85 29.45 15.17
CA THR L 200 -3.52 28.88 15.28
C THR L 200 -2.58 29.69 14.43
N HIS L 201 -1.49 30.19 15.03
CA HIS L 201 -0.56 31.07 14.34
C HIS L 201 0.86 30.66 14.65
N GLU L 202 1.55 30.11 13.65
CA GLU L 202 2.93 29.63 13.78
C GLU L 202 3.06 28.64 14.93
N GLY L 203 2.15 27.67 14.96
CA GLY L 203 2.18 26.62 15.94
C GLY L 203 1.68 27.01 17.31
N SER L 204 1.23 28.25 17.49
CA SER L 204 0.68 28.73 18.75
C SER L 204 -0.80 29.01 18.58
N THR L 205 -1.61 28.44 19.46
CA THR L 205 -3.06 28.59 19.42
C THR L 205 -3.52 29.58 20.48
N VAL L 206 -4.25 30.61 20.04
CA VAL L 206 -4.83 31.59 21.00
C VAL L 206 -6.34 31.39 20.93
N GLU L 207 -6.96 30.89 22.00
CA GLU L 207 -8.41 30.56 21.93
C GLU L 207 -9.23 31.40 22.91
N LYS L 208 -10.30 32.00 22.43
CA LYS L 208 -11.22 32.76 23.31
C LYS L 208 -12.59 32.10 23.11
N THR L 209 -13.33 31.85 24.19
CA THR L 209 -14.62 31.13 24.04
C THR L 209 -15.75 32.03 24.54
N VAL L 210 -16.94 31.92 23.94
CA VAL L 210 -18.11 32.68 24.48
C VAL L 210 -19.13 31.68 25.04
N ALA L 211 -19.59 31.93 26.27
CA ALA L 211 -20.58 31.04 26.90
C ALA L 211 -21.78 31.89 27.33
N PRO L 212 -23.03 31.41 27.21
CA PRO L 212 -24.17 32.19 27.68
C PRO L 212 -24.04 32.32 29.21
N THR L 213 -24.21 33.52 29.76
CA THR L 213 -24.06 33.77 31.22
C THR L 213 -24.80 35.05 31.58
#